data_9S3L
#
_entry.id   9S3L
#
_cell.length_a   71.940
_cell.length_b   79.970
_cell.length_c   81.770
_cell.angle_alpha   90.26
_cell.angle_beta   95.58
_cell.angle_gamma   103.50
#
_symmetry.space_group_name_H-M   'P 1'
#
loop_
_entity.id
_entity.type
_entity.pdbx_description
1 polymer 'Phenylacetate-CoA ligase'
2 non-polymer 'ZINC ION'
3 non-polymer 'MAGNESIUM ION'
4 water water
#
_entity_poly.entity_id   1
_entity_poly.type   'polypeptide(L)'
_entity_poly.pdbx_seq_one_letter_code
;MDSNSQLITKLNSALQIATKANFYKDRLGNIEIKSLDDFSKLPLTTKEDLRKLKPMEALTVDIEDLFQYHESFGTTGEPV
STWLTEKDFNAYGDQLNEFGVNFKSTDIVLNRFPYAISVPAHIFTNAIHKKGACVIPVSKASAISPLKRVANLIYKLRPS
ILTGIPDELIKLNKVAKFMDISLKDLGCIRAICTAGEMLSEGRKAKLESIFGAKVYNYYGCTECGNMAASCDEGHLHISK
DFYVEILDPVTLKPVKEGKGKIIVTTLNKEAFPMIRYDLGDIGEIKYEKCSCGNDRPVLIHHGREIDLIKTSKGTITFKE
LQEEIFKLPNSVVGDVFRVKIQNDEVIVECEADEELDNSNSNLNLPIEVKIKRFNHGEILNIDNLIEIKPIAKPKYVEYV
D
;
_entity_poly.pdbx_strand_id   A,B,C,D
#
loop_
_chem_comp.id
_chem_comp.type
_chem_comp.name
_chem_comp.formula
MG non-polymer 'MAGNESIUM ION' 'Mg 2'
ZN non-polymer 'ZINC ION' 'Zn 2'
#
# COMPACT_ATOMS: atom_id res chain seq x y z
N SER A 3 -2.80 57.96 -9.58
CA SER A 3 -2.69 58.20 -8.11
C SER A 3 -1.89 57.08 -7.45
N ASN A 4 -0.68 57.39 -6.95
CA ASN A 4 -0.12 56.65 -5.82
C ASN A 4 -0.97 56.88 -4.56
N SER A 5 -1.79 57.94 -4.54
CA SER A 5 -2.51 58.34 -3.34
C SER A 5 -3.45 57.22 -2.89
N GLN A 6 -4.06 56.57 -3.91
CA GLN A 6 -5.00 55.49 -3.68
C GLN A 6 -4.21 54.31 -3.10
N LEU A 7 -3.25 53.80 -3.89
CA LEU A 7 -2.42 52.67 -3.53
C LEU A 7 -1.83 52.79 -2.13
N ILE A 8 -1.40 54.01 -1.77
CA ILE A 8 -0.80 54.27 -0.47
C ILE A 8 -1.89 54.24 0.59
N THR A 9 -3.07 54.77 0.26
CA THR A 9 -4.21 54.70 1.16
C THR A 9 -4.46 53.24 1.51
N LYS A 10 -4.40 52.40 0.46
CA LYS A 10 -4.75 50.99 0.56
C LYS A 10 -3.70 50.24 1.38
N LEU A 11 -2.42 50.42 1.03
CA LEU A 11 -1.38 49.73 1.74
C LEU A 11 -1.55 49.97 3.23
N ASN A 12 -1.98 51.20 3.58
CA ASN A 12 -2.09 51.58 4.98
C ASN A 12 -3.27 50.88 5.65
N SER A 13 -4.41 50.83 4.95
CA SER A 13 -5.57 50.09 5.41
C SER A 13 -5.18 48.66 5.76
N ALA A 14 -4.46 48.02 4.82
CA ALA A 14 -4.03 46.63 4.94
C ALA A 14 -3.28 46.43 6.26
N LEU A 15 -2.41 47.40 6.59
CA LEU A 15 -1.57 47.35 7.78
C LEU A 15 -2.44 47.51 9.03
N GLN A 16 -3.43 48.42 8.93
CA GLN A 16 -4.27 48.76 10.07
C GLN A 16 -5.11 47.56 10.47
N ILE A 17 -5.56 46.79 9.48
CA ILE A 17 -6.29 45.56 9.72
C ILE A 17 -5.33 44.49 10.26
N ALA A 18 -4.27 44.24 9.49
CA ALA A 18 -3.29 43.20 9.80
C ALA A 18 -2.92 43.24 11.29
N THR A 19 -2.66 44.46 11.77
CA THR A 19 -2.11 44.69 13.10
C THR A 19 -3.19 44.49 14.16
N LYS A 20 -4.36 44.01 13.73
CA LYS A 20 -5.33 43.49 14.69
C LYS A 20 -4.75 42.23 15.32
N ALA A 21 -3.86 41.57 14.57
CA ALA A 21 -3.33 40.27 14.99
C ALA A 21 -1.93 40.43 15.57
N ASN A 22 -1.73 39.87 16.79
CA ASN A 22 -0.43 39.75 17.44
C ASN A 22 0.71 39.58 16.45
N PHE A 23 0.56 38.63 15.54
CA PHE A 23 1.63 38.33 14.59
C PHE A 23 2.09 39.63 13.94
N TYR A 24 1.14 40.41 13.43
CA TYR A 24 1.49 41.59 12.66
C TYR A 24 1.82 42.80 13.56
N LYS A 25 1.19 42.89 14.74
CA LYS A 25 1.37 44.05 15.62
C LYS A 25 2.76 44.07 16.25
N ASP A 26 3.25 42.91 16.71
CA ASP A 26 4.55 42.83 17.39
C ASP A 26 5.71 42.93 16.40
N ARG A 27 5.47 43.44 15.18
CA ARG A 27 6.55 43.73 14.25
C ARG A 27 6.18 44.79 13.22
N LEU A 28 5.10 45.53 13.47
CA LEU A 28 4.72 46.63 12.60
C LEU A 28 4.06 47.75 13.39
N GLY A 29 3.70 47.48 14.66
CA GLY A 29 2.95 48.43 15.48
C GLY A 29 1.99 49.28 14.66
N ASN A 30 1.90 50.56 15.03
CA ASN A 30 0.99 51.51 14.40
C ASN A 30 1.71 52.35 13.35
N ILE A 31 2.85 51.86 12.86
CA ILE A 31 3.68 52.59 11.93
C ILE A 31 2.89 52.83 10.65
N GLU A 32 2.73 54.10 10.27
CA GLU A 32 2.15 54.50 8.98
C GLU A 32 3.26 54.55 7.95
N ILE A 33 2.93 54.88 6.71
CA ILE A 33 3.96 54.99 5.68
C ILE A 33 3.49 56.04 4.67
N LYS A 34 4.41 56.62 3.90
CA LYS A 34 4.04 57.72 3.02
C LYS A 34 4.39 57.38 1.57
N SER A 35 4.99 56.21 1.35
CA SER A 35 5.55 55.88 0.05
C SER A 35 5.80 54.38 -0.08
N LEU A 36 6.04 53.95 -1.33
CA LEU A 36 6.33 52.56 -1.66
C LEU A 36 7.69 52.18 -1.09
N ASP A 37 8.59 53.18 -1.06
CA ASP A 37 9.96 53.00 -0.63
C ASP A 37 10.00 52.81 0.88
N ASP A 38 9.24 53.66 1.59
CA ASP A 38 9.06 53.48 3.03
C ASP A 38 8.35 52.15 3.32
N PHE A 39 7.47 51.71 2.40
CA PHE A 39 6.85 50.40 2.51
C PHE A 39 7.95 49.34 2.44
N SER A 40 8.82 49.44 1.41
CA SER A 40 9.84 48.43 1.12
C SER A 40 10.81 48.25 2.28
N LYS A 41 10.72 49.11 3.29
CA LYS A 41 11.54 49.03 4.50
C LYS A 41 10.95 48.02 5.48
N LEU A 42 9.70 47.61 5.27
CA LEU A 42 9.00 46.81 6.26
C LEU A 42 9.39 45.35 6.09
N PRO A 43 9.42 44.59 7.21
CA PRO A 43 9.85 43.19 7.19
C PRO A 43 8.92 42.30 6.36
N LEU A 44 9.53 41.48 5.50
CA LEU A 44 8.84 40.45 4.74
C LEU A 44 8.12 39.48 5.68
N THR A 45 7.06 38.86 5.14
CA THR A 45 6.34 37.77 5.80
C THR A 45 6.60 36.50 4.98
N THR A 46 7.13 35.49 5.66
CA THR A 46 7.64 34.28 5.02
C THR A 46 6.62 33.17 5.19
N LYS A 47 6.70 32.16 4.30
CA LYS A 47 5.94 30.92 4.47
C LYS A 47 6.22 30.36 5.86
N GLU A 48 7.49 30.35 6.28
CA GLU A 48 7.91 29.66 7.49
C GLU A 48 7.45 30.41 8.73
N ASP A 49 7.14 31.71 8.54
CA ASP A 49 6.57 32.55 9.59
C ASP A 49 5.16 32.10 9.93
N LEU A 50 4.32 31.94 8.90
CA LEU A 50 2.90 31.70 9.05
C LEU A 50 2.65 30.31 9.62
N ARG A 51 3.46 29.33 9.16
CA ARG A 51 3.48 27.97 9.70
C ARG A 51 3.48 27.95 11.22
N LYS A 52 4.20 28.86 11.87
CA LYS A 52 4.32 28.83 13.32
C LYS A 52 3.05 29.35 14.00
N LEU A 53 2.03 29.68 13.19
CA LEU A 53 0.82 30.35 13.68
C LEU A 53 -0.31 29.35 13.89
N LYS A 54 -0.87 29.35 15.12
CA LYS A 54 -2.16 28.73 15.38
C LYS A 54 -3.20 29.38 14.47
N PRO A 55 -4.32 28.70 14.13
CA PRO A 55 -5.30 29.27 13.20
C PRO A 55 -6.04 30.46 13.81
N MET A 56 -6.06 30.55 15.15
CA MET A 56 -6.65 31.70 15.83
C MET A 56 -5.68 32.90 15.82
N GLU A 57 -4.38 32.64 15.60
CA GLU A 57 -3.38 33.70 15.50
C GLU A 57 -3.29 34.24 14.08
N ALA A 58 -4.08 33.68 13.16
CA ALA A 58 -3.98 34.04 11.76
C ALA A 58 -5.31 34.63 11.32
N LEU A 59 -5.76 35.63 12.08
CA LEU A 59 -7.15 36.03 12.09
C LEU A 59 -7.30 37.47 12.58
N THR A 60 -8.01 38.27 11.79
CA THR A 60 -8.23 39.68 12.05
C THR A 60 -9.73 40.02 12.13
N VAL A 61 -10.60 39.00 12.14
CA VAL A 61 -12.04 39.20 12.13
C VAL A 61 -12.63 38.33 13.22
N ASP A 62 -13.94 38.53 13.48
CA ASP A 62 -14.66 37.74 14.46
C ASP A 62 -15.07 36.38 13.89
N ILE A 63 -15.25 35.39 14.76
CA ILE A 63 -15.65 34.03 14.31
C ILE A 63 -16.88 34.16 13.41
N GLU A 64 -17.76 35.10 13.74
CA GLU A 64 -19.02 35.27 12.98
C GLU A 64 -18.75 35.54 11.50
N ASP A 65 -17.67 36.23 11.17
CA ASP A 65 -17.44 36.64 9.75
C ASP A 65 -16.71 35.52 9.01
N LEU A 66 -16.36 34.47 9.72
CA LEU A 66 -15.70 33.32 9.05
C LEU A 66 -16.71 32.64 8.11
N PHE A 67 -16.25 32.10 6.99
CA PHE A 67 -17.11 31.59 5.92
C PHE A 67 -16.52 30.32 5.29
N GLN A 68 -15.25 30.39 4.89
CA GLN A 68 -14.54 29.24 4.38
C GLN A 68 -13.28 29.02 5.22
N TYR A 69 -12.56 27.92 4.94
CA TYR A 69 -11.26 27.67 5.51
C TYR A 69 -10.42 26.94 4.47
N HIS A 70 -9.10 27.09 4.52
CA HIS A 70 -8.25 26.43 3.54
C HIS A 70 -6.86 26.22 4.09
N GLU A 71 -6.04 25.46 3.34
CA GLU A 71 -4.65 25.18 3.69
C GLU A 71 -3.81 24.82 2.46
N SER A 72 -2.50 24.75 2.72
CA SER A 72 -1.57 23.94 1.98
C SER A 72 -2.21 22.56 1.84
N PHE A 73 -2.32 22.07 0.58
CA PHE A 73 -2.81 20.72 0.35
C PHE A 73 -1.72 19.73 0.74
N GLY A 74 -0.45 20.10 0.45
CA GLY A 74 0.71 19.30 0.77
C GLY A 74 0.79 18.90 2.25
N THR A 75 1.06 17.61 2.49
CA THR A 75 1.25 17.05 3.82
C THR A 75 2.72 17.18 4.23
N THR A 76 3.57 17.71 3.32
CA THR A 76 5.02 17.79 3.52
C THR A 76 5.40 19.21 3.95
N GLY A 77 5.60 19.39 5.26
CA GLY A 77 5.70 20.70 5.89
C GLY A 77 4.41 21.07 6.61
N GLU A 78 4.53 21.55 7.86
CA GLU A 78 3.43 22.19 8.57
C GLU A 78 2.65 23.09 7.60
N PRO A 79 1.30 23.15 7.69
CA PRO A 79 0.49 23.93 6.75
C PRO A 79 -0.01 25.28 7.29
N VAL A 80 -0.53 26.12 6.38
CA VAL A 80 -0.83 27.52 6.67
C VAL A 80 -2.33 27.76 6.66
N SER A 81 -2.90 28.04 7.86
CA SER A 81 -4.29 28.43 8.00
C SER A 81 -4.59 29.69 7.18
N THR A 82 -5.70 29.65 6.41
CA THR A 82 -6.15 30.78 5.60
C THR A 82 -7.67 30.90 5.72
N TRP A 83 -8.16 31.52 6.80
CA TRP A 83 -9.57 31.87 6.86
C TRP A 83 -9.94 32.82 5.74
N LEU A 84 -11.22 32.84 5.39
CA LEU A 84 -11.78 33.80 4.44
C LEU A 84 -13.16 34.24 4.93
N THR A 85 -13.52 35.49 4.67
CA THR A 85 -14.89 35.91 4.82
C THR A 85 -15.55 35.80 3.44
N GLU A 86 -16.88 35.91 3.42
CA GLU A 86 -17.64 35.82 2.18
C GLU A 86 -17.07 36.78 1.15
N LYS A 87 -16.87 38.03 1.60
CA LYS A 87 -16.31 39.10 0.79
C LYS A 87 -14.98 38.65 0.18
N ASP A 88 -14.13 38.08 1.03
CA ASP A 88 -12.77 37.68 0.65
C ASP A 88 -12.84 36.60 -0.41
N PHE A 89 -13.61 35.55 -0.10
CA PHE A 89 -13.84 34.46 -1.04
C PHE A 89 -14.34 35.05 -2.35
N ASN A 90 -15.32 35.96 -2.28
CA ASN A 90 -15.93 36.53 -3.48
C ASN A 90 -14.92 37.36 -4.27
N ALA A 91 -13.98 37.98 -3.54
CA ALA A 91 -12.89 38.73 -4.13
C ALA A 91 -11.99 37.81 -4.96
N TYR A 92 -11.53 36.72 -4.33
CA TYR A 92 -10.71 35.71 -4.99
C TYR A 92 -11.34 35.38 -6.35
N GLY A 93 -12.64 35.03 -6.33
CA GLY A 93 -13.34 34.66 -7.53
C GLY A 93 -13.27 35.76 -8.59
N ASP A 94 -13.62 36.97 -8.17
CA ASP A 94 -13.65 38.11 -9.07
C ASP A 94 -12.29 38.27 -9.76
N GLN A 95 -11.21 37.93 -9.04
CA GLN A 95 -9.84 38.01 -9.52
C GLN A 95 -9.63 37.09 -10.73
N LEU A 96 -10.30 35.93 -10.70
CA LEU A 96 -10.25 34.95 -11.79
C LEU A 96 -10.97 35.51 -13.00
N ASN A 97 -12.03 36.29 -12.75
CA ASN A 97 -12.85 36.83 -13.81
C ASN A 97 -12.24 38.12 -14.39
N GLU A 98 -11.35 38.77 -13.62
CA GLU A 98 -10.81 40.09 -13.92
C GLU A 98 -10.07 40.05 -15.27
N PHE A 99 -9.28 38.99 -15.47
CA PHE A 99 -8.75 38.69 -16.79
C PHE A 99 -9.23 37.27 -17.15
N GLY A 100 -8.32 36.43 -17.62
CA GLY A 100 -8.64 35.04 -17.90
C GLY A 100 -9.57 34.93 -19.10
N VAL A 101 -10.19 33.76 -19.22
CA VAL A 101 -11.16 33.51 -20.28
C VAL A 101 -12.49 34.19 -19.91
N ASN A 102 -13.29 34.53 -20.93
CA ASN A 102 -14.59 35.15 -20.74
C ASN A 102 -15.67 34.06 -20.64
N PHE A 103 -16.11 33.78 -19.40
CA PHE A 103 -17.11 32.76 -19.15
C PHE A 103 -18.47 33.28 -19.58
N LYS A 104 -19.13 32.53 -20.48
CA LYS A 104 -20.50 32.77 -20.92
C LYS A 104 -21.44 31.82 -20.19
N SER A 105 -22.73 32.13 -20.18
CA SER A 105 -23.76 31.29 -19.51
C SER A 105 -23.94 29.98 -20.29
N THR A 106 -23.65 30.03 -21.58
CA THR A 106 -23.75 28.85 -22.44
C THR A 106 -22.53 27.93 -22.25
N ASP A 107 -21.75 28.17 -21.20
CA ASP A 107 -20.50 27.38 -21.05
C ASP A 107 -20.67 26.28 -20.02
N ILE A 108 -20.16 25.12 -20.36
CA ILE A 108 -20.14 23.98 -19.46
C ILE A 108 -18.66 23.66 -19.20
N VAL A 109 -18.28 23.68 -17.92
CA VAL A 109 -16.89 23.73 -17.53
C VAL A 109 -16.59 22.54 -16.63
N LEU A 110 -15.66 21.70 -17.12
CA LEU A 110 -15.11 20.59 -16.36
C LEU A 110 -14.02 21.12 -15.43
N ASN A 111 -14.28 21.04 -14.13
CA ASN A 111 -13.43 21.60 -13.10
C ASN A 111 -12.58 20.50 -12.47
N ARG A 112 -11.34 20.37 -12.97
CA ARG A 112 -10.42 19.32 -12.52
C ARG A 112 -9.43 19.84 -11.48
N PHE A 113 -9.87 20.73 -10.58
CA PHE A 113 -9.04 21.14 -9.45
C PHE A 113 -9.61 20.48 -8.19
N PRO A 114 -8.76 20.13 -7.19
CA PRO A 114 -9.24 19.46 -5.99
C PRO A 114 -10.05 20.34 -5.05
N TYR A 115 -11.31 19.94 -4.83
CA TYR A 115 -12.16 20.60 -3.84
C TYR A 115 -11.74 20.21 -2.42
N ALA A 116 -10.78 19.29 -2.29
CA ALA A 116 -10.33 18.93 -0.96
C ALA A 116 -9.29 19.95 -0.47
N ILE A 117 -9.72 20.83 0.46
CA ILE A 117 -8.88 21.74 1.24
C ILE A 117 -8.26 22.87 0.40
N SER A 118 -7.74 22.60 -0.80
CA SER A 118 -7.26 23.64 -1.70
C SER A 118 -8.35 24.68 -1.97
N VAL A 119 -8.01 25.80 -2.59
CA VAL A 119 -9.04 26.78 -2.90
C VAL A 119 -9.30 26.88 -4.40
N PRO A 120 -8.34 26.75 -5.34
CA PRO A 120 -8.63 27.02 -6.75
C PRO A 120 -9.93 26.40 -7.29
N ALA A 121 -10.27 25.20 -6.80
CA ALA A 121 -11.49 24.53 -7.22
C ALA A 121 -12.70 25.41 -6.85
N HIS A 122 -12.75 25.84 -5.59
CA HIS A 122 -13.89 26.57 -5.06
C HIS A 122 -14.05 27.96 -5.67
N ILE A 123 -12.97 28.70 -5.90
CA ILE A 123 -13.12 30.08 -6.35
C ILE A 123 -13.38 30.10 -7.87
N PHE A 124 -12.89 29.10 -8.61
CA PHE A 124 -13.24 28.96 -10.01
C PHE A 124 -14.74 28.70 -10.14
N THR A 125 -15.28 27.88 -9.24
CA THR A 125 -16.71 27.62 -9.22
C THR A 125 -17.43 28.96 -9.05
N ASN A 126 -17.02 29.68 -8.00
CA ASN A 126 -17.56 30.99 -7.69
C ASN A 126 -17.59 31.85 -8.93
N ALA A 127 -16.47 31.91 -9.62
CA ALA A 127 -16.32 32.77 -10.78
C ALA A 127 -17.28 32.36 -11.89
N ILE A 128 -17.34 31.04 -12.13
CA ILE A 128 -18.05 30.49 -13.27
C ILE A 128 -19.55 30.69 -13.07
N HIS A 129 -20.06 30.35 -11.87
CA HIS A 129 -21.44 30.61 -11.51
C HIS A 129 -21.76 32.07 -11.80
N LYS A 130 -20.85 32.97 -11.40
CA LYS A 130 -21.05 34.41 -11.56
C LYS A 130 -21.42 34.75 -13.01
N LYS A 131 -20.86 34.06 -14.00
CA LYS A 131 -21.16 34.41 -15.38
C LYS A 131 -22.32 33.56 -15.93
N GLY A 132 -22.94 32.77 -15.04
CA GLY A 132 -24.10 31.95 -15.45
C GLY A 132 -23.74 30.64 -16.11
N ALA A 133 -22.49 30.22 -16.01
CA ALA A 133 -22.04 29.00 -16.71
C ALA A 133 -22.18 27.79 -15.81
N CYS A 134 -21.98 26.60 -16.36
CA CYS A 134 -22.20 25.37 -15.56
C CYS A 134 -20.88 24.77 -15.11
N VAL A 135 -20.84 24.34 -13.85
CA VAL A 135 -19.69 23.66 -13.30
C VAL A 135 -19.94 22.15 -13.26
N ILE A 136 -18.99 21.39 -13.81
CA ILE A 136 -18.97 19.95 -13.56
C ILE A 136 -17.93 19.67 -12.48
N PRO A 137 -18.33 19.49 -11.20
CA PRO A 137 -17.37 19.27 -10.12
C PRO A 137 -16.71 17.91 -10.08
N VAL A 138 -15.81 17.67 -11.05
CA VAL A 138 -15.05 16.43 -11.13
C VAL A 138 -14.05 16.30 -9.99
N SER A 139 -13.42 17.43 -9.57
CA SER A 139 -12.43 17.46 -8.50
C SER A 139 -11.14 16.79 -8.97
N LYS A 140 -10.27 16.43 -8.02
CA LYS A 140 -9.01 15.77 -8.31
C LYS A 140 -8.45 15.13 -7.05
N ALA A 141 -7.69 14.05 -7.29
CA ALA A 141 -7.13 13.22 -6.24
C ALA A 141 -8.23 12.51 -5.45
N SER A 142 -9.37 12.21 -6.12
CA SER A 142 -10.49 11.52 -5.50
C SER A 142 -10.68 10.16 -6.18
N ALA A 143 -10.80 9.10 -5.36
CA ALA A 143 -11.14 7.78 -5.86
C ALA A 143 -12.26 7.91 -6.89
N ILE A 144 -13.24 8.77 -6.58
CA ILE A 144 -14.46 8.97 -7.35
C ILE A 144 -14.18 9.33 -8.82
N SER A 145 -13.12 10.10 -9.11
CA SER A 145 -13.02 10.69 -10.44
C SER A 145 -11.63 10.47 -11.07
N PRO A 146 -11.19 9.21 -11.29
CA PRO A 146 -9.96 8.95 -12.02
C PRO A 146 -10.09 9.39 -13.47
N LEU A 147 -8.96 9.33 -14.19
CA LEU A 147 -8.84 10.03 -15.46
C LEU A 147 -9.72 9.36 -16.51
N LYS A 148 -9.91 8.02 -16.40
CA LYS A 148 -10.75 7.27 -17.32
C LYS A 148 -12.16 7.86 -17.34
N ARG A 149 -12.72 8.05 -16.14
CA ARG A 149 -14.04 8.64 -15.95
C ARG A 149 -14.08 10.06 -16.53
N VAL A 150 -13.01 10.83 -16.29
CA VAL A 150 -12.95 12.20 -16.74
C VAL A 150 -12.97 12.23 -18.26
N ALA A 151 -12.24 11.30 -18.86
CA ALA A 151 -12.23 11.13 -20.31
C ALA A 151 -13.63 10.81 -20.82
N ASN A 152 -14.35 9.90 -20.12
CA ASN A 152 -15.69 9.52 -20.54
C ASN A 152 -16.62 10.70 -20.34
N LEU A 153 -16.44 11.42 -19.21
CA LEU A 153 -17.24 12.59 -18.89
C LEU A 153 -17.14 13.65 -19.98
N ILE A 154 -15.93 13.86 -20.52
CA ILE A 154 -15.77 14.84 -21.58
C ILE A 154 -16.45 14.33 -22.84
N TYR A 155 -16.32 13.02 -23.14
CA TYR A 155 -16.90 12.44 -24.35
C TYR A 155 -18.41 12.59 -24.29
N LYS A 156 -18.96 12.28 -23.12
CA LYS A 156 -20.40 12.33 -22.87
C LYS A 156 -20.94 13.76 -22.82
N LEU A 157 -20.35 14.62 -21.97
CA LEU A 157 -20.94 15.92 -21.64
C LEU A 157 -20.48 17.01 -22.60
N ARG A 158 -19.46 16.71 -23.44
CA ARG A 158 -18.85 17.64 -24.38
C ARG A 158 -18.59 19.03 -23.80
N PRO A 159 -17.94 19.20 -22.62
CA PRO A 159 -17.83 20.53 -22.01
C PRO A 159 -17.02 21.47 -22.89
N SER A 160 -17.19 22.77 -22.66
CA SER A 160 -16.64 23.83 -23.50
C SER A 160 -15.31 24.35 -22.92
N ILE A 161 -15.04 24.04 -21.64
CA ILE A 161 -13.85 24.48 -20.97
C ILE A 161 -13.39 23.42 -19.96
N LEU A 162 -12.10 23.06 -20.04
CA LEU A 162 -11.42 22.22 -19.05
C LEU A 162 -10.58 23.12 -18.15
N THR A 163 -10.47 22.73 -16.88
CA THR A 163 -9.63 23.44 -15.93
C THR A 163 -8.91 22.37 -15.13
N GLY A 164 -7.59 22.51 -15.02
CA GLY A 164 -6.75 21.58 -14.29
C GLY A 164 -5.28 22.00 -14.36
N ILE A 165 -4.51 21.64 -13.34
CA ILE A 165 -3.07 21.88 -13.34
C ILE A 165 -2.47 21.26 -14.59
N PRO A 166 -1.61 21.96 -15.37
CA PRO A 166 -1.14 21.47 -16.68
C PRO A 166 -0.60 20.04 -16.72
N ASP A 167 -0.10 19.58 -15.57
CA ASP A 167 0.43 18.24 -15.35
C ASP A 167 -0.65 17.21 -15.62
N GLU A 168 -1.75 17.33 -14.86
CA GLU A 168 -2.91 16.46 -14.94
C GLU A 168 -3.49 16.51 -16.36
N LEU A 169 -3.57 17.72 -16.94
CA LEU A 169 -4.18 17.88 -18.25
C LEU A 169 -3.35 17.12 -19.30
N ILE A 170 -2.04 17.02 -19.09
CA ILE A 170 -1.22 16.30 -20.03
C ILE A 170 -1.52 14.80 -19.93
N LYS A 171 -1.75 14.32 -18.70
CA LYS A 171 -2.05 12.93 -18.42
C LYS A 171 -3.45 12.57 -18.92
N LEU A 172 -4.43 13.44 -18.63
CA LEU A 172 -5.80 13.31 -19.13
C LEU A 172 -5.76 12.96 -20.61
N ASN A 173 -5.00 13.73 -21.39
CA ASN A 173 -4.93 13.51 -22.81
C ASN A 173 -4.26 12.19 -23.15
N LYS A 174 -3.38 11.70 -22.26
CA LYS A 174 -2.69 10.43 -22.48
C LYS A 174 -3.67 9.27 -22.24
N VAL A 175 -4.31 9.27 -21.07
CA VAL A 175 -5.29 8.25 -20.71
C VAL A 175 -6.38 8.20 -21.79
N ALA A 176 -6.85 9.36 -22.23
CA ALA A 176 -7.92 9.44 -23.21
C ALA A 176 -7.48 8.90 -24.57
N LYS A 177 -6.20 9.12 -24.92
CA LYS A 177 -5.70 8.70 -26.21
C LYS A 177 -5.53 7.18 -26.20
N PHE A 178 -5.28 6.62 -25.01
CA PHE A 178 -5.17 5.18 -24.79
C PHE A 178 -6.57 4.54 -24.81
N MET A 179 -7.61 5.34 -24.58
CA MET A 179 -9.00 4.93 -24.73
C MET A 179 -9.51 5.22 -26.15
N ASP A 180 -8.60 5.51 -27.10
CA ASP A 180 -8.95 5.78 -28.49
C ASP A 180 -9.82 7.02 -28.64
N ILE A 181 -9.60 8.04 -27.78
CA ILE A 181 -10.38 9.27 -27.79
C ILE A 181 -9.45 10.45 -28.02
N SER A 182 -9.65 11.17 -29.13
CA SER A 182 -9.00 12.45 -29.33
C SER A 182 -9.90 13.56 -28.79
N LEU A 183 -9.59 14.03 -27.57
CA LEU A 183 -10.36 15.09 -26.94
C LEU A 183 -10.41 16.33 -27.83
N LYS A 184 -9.39 16.50 -28.69
CA LYS A 184 -9.28 17.67 -29.56
C LYS A 184 -10.34 17.61 -30.65
N ASP A 185 -10.62 16.40 -31.15
CA ASP A 185 -11.45 16.25 -32.33
C ASP A 185 -12.93 16.19 -31.95
N LEU A 186 -13.24 16.03 -30.66
CA LEU A 186 -14.59 16.24 -30.17
C LEU A 186 -15.16 17.56 -30.69
N GLY A 187 -14.32 18.60 -30.79
CA GLY A 187 -14.74 19.89 -31.32
C GLY A 187 -15.60 20.68 -30.33
N CYS A 188 -15.39 20.47 -29.02
CA CYS A 188 -16.25 21.05 -28.02
C CYS A 188 -15.49 21.93 -27.03
N ILE A 189 -14.15 21.82 -26.98
CA ILE A 189 -13.34 22.53 -26.02
C ILE A 189 -12.73 23.76 -26.71
N ARG A 190 -13.12 24.95 -26.25
CA ARG A 190 -12.67 26.20 -26.85
C ARG A 190 -11.59 26.86 -26.01
N ALA A 191 -11.39 26.39 -24.77
CA ALA A 191 -10.55 27.10 -23.83
C ALA A 191 -10.14 26.17 -22.68
N ILE A 192 -8.99 26.49 -22.08
CA ILE A 192 -8.41 25.73 -20.98
C ILE A 192 -8.07 26.73 -19.87
N CYS A 193 -8.06 26.27 -18.62
CA CYS A 193 -7.70 27.12 -17.51
C CYS A 193 -6.70 26.37 -16.65
N THR A 194 -5.41 26.67 -16.87
CA THR A 194 -4.30 26.10 -16.10
C THR A 194 -4.11 26.94 -14.84
N ALA A 195 -3.63 26.29 -13.77
CA ALA A 195 -3.24 26.97 -12.53
C ALA A 195 -2.56 25.99 -11.59
N GLY A 196 -1.79 26.51 -10.63
CA GLY A 196 -1.22 25.68 -9.58
C GLY A 196 0.23 25.26 -9.86
N GLU A 197 0.71 25.45 -11.10
CA GLU A 197 2.12 25.29 -11.41
C GLU A 197 2.49 26.26 -12.55
N MET A 198 3.77 26.62 -12.59
CA MET A 198 4.24 27.65 -13.51
C MET A 198 4.18 27.10 -14.93
N LEU A 199 3.87 27.98 -15.89
CA LEU A 199 3.63 27.59 -17.27
C LEU A 199 4.44 28.46 -18.21
N SER A 200 5.49 27.86 -18.78
CA SER A 200 6.26 28.43 -19.87
C SER A 200 5.37 28.72 -21.08
N GLU A 201 5.77 29.65 -21.95
CA GLU A 201 5.08 29.86 -23.21
C GLU A 201 5.23 28.62 -24.10
N GLY A 202 6.32 27.86 -23.90
CA GLY A 202 6.56 26.64 -24.65
C GLY A 202 5.59 25.52 -24.26
N ARG A 203 5.30 25.40 -22.96
CA ARG A 203 4.41 24.37 -22.47
C ARG A 203 2.96 24.77 -22.73
N LYS A 204 2.66 26.06 -22.60
CA LYS A 204 1.37 26.61 -22.97
C LYS A 204 1.05 26.28 -24.43
N ALA A 205 2.02 26.50 -25.33
CA ALA A 205 1.82 26.22 -26.75
C ALA A 205 1.68 24.72 -26.99
N LYS A 206 2.27 23.90 -26.11
CA LYS A 206 2.15 22.45 -26.19
C LYS A 206 0.68 22.10 -25.91
N LEU A 207 0.16 22.58 -24.77
CA LEU A 207 -1.22 22.36 -24.34
C LEU A 207 -2.21 22.77 -25.44
N GLU A 208 -1.95 23.90 -26.10
CA GLU A 208 -2.84 24.40 -27.13
C GLU A 208 -2.86 23.46 -28.34
N SER A 209 -1.72 22.84 -28.66
CA SER A 209 -1.63 21.94 -29.80
C SER A 209 -2.35 20.63 -29.51
N ILE A 210 -2.32 20.21 -28.24
CA ILE A 210 -2.93 18.95 -27.83
C ILE A 210 -4.45 19.07 -27.87
N PHE A 211 -4.98 20.10 -27.18
CA PHE A 211 -6.41 20.27 -26.99
C PHE A 211 -7.05 21.09 -28.10
N GLY A 212 -6.24 21.76 -28.94
CA GLY A 212 -6.75 22.62 -30.00
C GLY A 212 -7.52 23.81 -29.44
N ALA A 213 -7.23 24.20 -28.19
CA ALA A 213 -7.95 25.30 -27.52
C ALA A 213 -6.95 26.38 -27.09
N LYS A 214 -7.47 27.59 -26.85
CA LYS A 214 -6.69 28.68 -26.32
C LYS A 214 -6.44 28.44 -24.83
N VAL A 215 -5.26 28.78 -24.33
CA VAL A 215 -4.98 28.59 -22.93
C VAL A 215 -5.01 29.94 -22.21
N TYR A 216 -5.58 29.90 -21.01
CA TYR A 216 -5.56 31.00 -20.08
C TYR A 216 -4.92 30.45 -18.82
N ASN A 217 -3.84 31.10 -18.35
CA ASN A 217 -3.16 30.67 -17.14
C ASN A 217 -3.49 31.65 -16.02
N TYR A 218 -3.53 31.10 -14.80
CA TYR A 218 -3.95 31.81 -13.63
C TYR A 218 -2.89 31.59 -12.56
N TYR A 219 -2.34 32.70 -12.05
CA TYR A 219 -1.27 32.67 -11.06
C TYR A 219 -1.80 33.13 -9.71
N GLY A 220 -1.83 32.23 -8.71
CA GLY A 220 -2.40 32.57 -7.41
C GLY A 220 -1.83 31.71 -6.29
N CYS A 221 -2.34 31.89 -5.07
CA CYS A 221 -1.99 31.01 -3.96
C CYS A 221 -3.00 31.17 -2.83
N THR A 222 -3.05 30.15 -1.96
CA THR A 222 -4.09 29.99 -0.95
C THR A 222 -4.20 31.24 -0.06
N GLU A 223 -3.03 31.79 0.32
CA GLU A 223 -2.99 32.82 1.34
C GLU A 223 -3.38 34.17 0.76
N CYS A 224 -3.18 34.34 -0.56
CA CYS A 224 -3.38 35.61 -1.23
C CYS A 224 -4.72 35.71 -1.95
N GLY A 225 -5.05 34.68 -2.75
CA GLY A 225 -6.04 34.80 -3.80
C GLY A 225 -5.39 34.49 -5.14
N ASN A 226 -5.85 35.14 -6.21
CA ASN A 226 -5.29 34.93 -7.53
C ASN A 226 -4.74 36.25 -8.07
N MET A 227 -3.42 36.36 -8.00
CA MET A 227 -2.69 37.59 -8.21
C MET A 227 -2.66 37.99 -9.69
N ALA A 228 -2.83 37.07 -10.63
CA ALA A 228 -2.70 37.40 -12.03
C ALA A 228 -3.29 36.32 -12.94
N ALA A 229 -3.59 36.71 -14.20
CA ALA A 229 -4.14 35.79 -15.18
C ALA A 229 -3.94 36.32 -16.60
N SER A 230 -4.06 35.39 -17.58
CA SER A 230 -3.69 35.65 -18.95
C SER A 230 -4.67 36.58 -19.65
N CYS A 231 -4.14 37.36 -20.59
CA CYS A 231 -4.98 38.13 -21.51
C CYS A 231 -5.15 37.30 -22.78
N ASP A 232 -5.94 37.83 -23.72
CA ASP A 232 -6.10 37.21 -25.03
C ASP A 232 -4.74 37.10 -25.72
N GLU A 233 -3.84 38.04 -25.44
CA GLU A 233 -2.56 38.11 -26.14
C GLU A 233 -1.61 37.06 -25.57
N GLY A 234 -1.78 36.70 -24.29
CA GLY A 234 -1.05 35.59 -23.71
C GLY A 234 -0.29 35.94 -22.42
N HIS A 235 -0.24 37.24 -22.09
CA HIS A 235 0.54 37.71 -20.95
C HIS A 235 -0.34 37.71 -19.70
N LEU A 236 0.22 37.26 -18.56
CA LEU A 236 -0.41 37.49 -17.27
C LEU A 236 -0.56 38.99 -17.06
N HIS A 237 -1.54 39.39 -16.25
CA HIS A 237 -1.67 40.76 -15.77
C HIS A 237 -1.94 40.73 -14.28
N ILE A 238 -1.58 41.81 -13.58
CA ILE A 238 -1.66 41.75 -12.15
C ILE A 238 -3.02 42.28 -11.70
N SER A 239 -3.63 41.57 -10.76
CA SER A 239 -4.92 41.98 -10.26
C SER A 239 -4.78 43.29 -9.48
N LYS A 240 -5.83 44.12 -9.63
CA LYS A 240 -5.97 45.37 -8.91
C LYS A 240 -6.00 45.18 -7.41
N ASP A 241 -6.22 43.95 -6.92
CA ASP A 241 -6.41 43.72 -5.50
C ASP A 241 -5.08 43.41 -4.82
N PHE A 242 -3.96 43.67 -5.52
CA PHE A 242 -2.64 43.32 -4.99
C PHE A 242 -1.57 44.35 -5.38
N TYR A 243 -0.62 44.53 -4.46
CA TYR A 243 0.61 45.27 -4.73
C TYR A 243 1.79 44.27 -4.81
N VAL A 244 2.40 44.20 -6.00
CA VAL A 244 3.46 43.25 -6.29
C VAL A 244 4.79 43.98 -6.38
N GLU A 245 5.80 43.46 -5.65
CA GLU A 245 7.17 43.95 -5.70
C GLU A 245 8.09 42.84 -6.21
N ILE A 246 9.14 43.23 -6.95
CA ILE A 246 10.23 42.33 -7.34
C ILE A 246 11.52 42.71 -6.60
N LEU A 247 11.98 41.84 -5.67
CA LEU A 247 13.16 42.09 -4.85
C LEU A 247 14.38 41.32 -5.38
N ASP A 248 15.58 41.80 -5.00
CA ASP A 248 16.82 41.10 -5.29
C ASP A 248 16.97 39.94 -4.30
N PRO A 249 17.26 38.70 -4.80
CA PRO A 249 17.39 37.53 -3.93
C PRO A 249 18.27 37.71 -2.69
N VAL A 250 19.33 38.52 -2.83
CA VAL A 250 20.36 38.65 -1.80
C VAL A 250 20.10 39.92 -0.99
N THR A 251 20.10 41.08 -1.66
CA THR A 251 19.98 42.36 -0.95
C THR A 251 18.62 42.42 -0.26
N LEU A 252 17.58 41.99 -0.98
CA LEU A 252 16.17 42.10 -0.57
C LEU A 252 15.74 43.55 -0.69
N LYS A 253 16.15 44.20 -1.77
CA LYS A 253 15.75 45.57 -2.01
C LYS A 253 15.05 45.59 -3.37
N PRO A 254 14.04 46.46 -3.57
CA PRO A 254 13.45 46.62 -4.90
C PRO A 254 14.55 46.52 -5.95
N VAL A 255 14.30 45.82 -7.05
CA VAL A 255 15.25 45.84 -8.15
C VAL A 255 14.88 47.04 -9.03
N LYS A 256 15.83 47.48 -9.86
CA LYS A 256 15.59 48.55 -10.82
C LYS A 256 14.84 47.97 -12.01
N GLU A 257 15.25 46.78 -12.47
CA GLU A 257 14.51 46.00 -13.45
C GLU A 257 15.00 44.54 -13.45
N GLY A 258 14.30 43.70 -14.24
CA GLY A 258 14.64 42.29 -14.39
C GLY A 258 14.02 41.42 -13.29
N LYS A 259 14.49 40.17 -13.24
CA LYS A 259 13.92 39.13 -12.38
C LYS A 259 14.17 39.42 -10.91
N GLY A 260 13.42 38.74 -10.03
CA GLY A 260 13.63 38.87 -8.59
C GLY A 260 12.56 38.10 -7.81
N LYS A 261 12.78 37.99 -6.49
CA LYS A 261 11.79 37.43 -5.59
C LYS A 261 10.47 38.19 -5.70
N ILE A 262 9.34 37.47 -5.68
CA ILE A 262 8.03 38.07 -5.84
C ILE A 262 7.37 38.19 -4.47
N ILE A 263 7.21 39.43 -4.02
CA ILE A 263 6.52 39.76 -2.77
C ILE A 263 5.17 40.39 -3.10
N VAL A 264 4.15 40.03 -2.32
CA VAL A 264 2.80 40.49 -2.58
C VAL A 264 2.19 41.00 -1.28
N THR A 265 1.38 42.05 -1.43
CA THR A 265 0.56 42.54 -0.34
C THR A 265 -0.88 42.52 -0.82
N THR A 266 -1.76 42.03 0.07
CA THR A 266 -3.20 41.97 -0.20
C THR A 266 -3.82 43.34 0.00
N LEU A 267 -4.43 43.87 -1.08
CA LEU A 267 -5.18 45.11 -0.98
C LEU A 267 -6.60 44.83 -0.49
N ASN A 268 -7.11 43.60 -0.67
CA ASN A 268 -8.53 43.33 -0.49
C ASN A 268 -8.76 41.93 0.12
N LYS A 269 -8.19 41.70 1.30
CA LYS A 269 -8.42 40.47 2.05
C LYS A 269 -8.31 40.82 3.53
N GLU A 270 -9.35 40.53 4.30
CA GLU A 270 -9.45 41.13 5.62
C GLU A 270 -9.32 40.11 6.73
N ALA A 271 -9.40 38.82 6.42
CA ALA A 271 -9.40 37.83 7.49
C ALA A 271 -8.01 37.75 8.13
N PHE A 272 -7.00 37.84 7.26
CA PHE A 272 -5.60 37.87 7.67
C PHE A 272 -4.78 38.28 6.47
N PRO A 273 -4.54 39.59 6.27
CA PRO A 273 -3.93 40.11 5.05
C PRO A 273 -2.47 39.71 4.92
N MET A 274 -2.03 39.54 3.66
CA MET A 274 -0.63 39.27 3.40
C MET A 274 0.11 40.60 3.23
N ILE A 275 0.90 40.94 4.26
CA ILE A 275 1.81 42.08 4.25
C ILE A 275 3.20 41.61 3.81
N ARG A 276 3.61 42.06 2.63
CA ARG A 276 4.90 41.71 2.08
C ARG A 276 5.12 40.21 2.26
N TYR A 277 4.45 39.41 1.44
CA TYR A 277 4.52 37.97 1.62
C TYR A 277 5.49 37.41 0.58
N ASP A 278 6.42 36.58 1.05
CA ASP A 278 7.39 35.96 0.17
C ASP A 278 6.79 34.69 -0.44
N LEU A 279 6.33 34.80 -1.69
CA LEU A 279 5.79 33.66 -2.42
C LEU A 279 6.86 32.59 -2.60
N GLY A 280 8.13 33.01 -2.69
CA GLY A 280 9.22 32.10 -2.97
C GLY A 280 9.30 31.78 -4.46
N ASP A 281 8.77 32.68 -5.29
CA ASP A 281 8.82 32.51 -6.73
C ASP A 281 9.82 33.52 -7.29
N ILE A 282 10.08 33.43 -8.61
CA ILE A 282 10.92 34.35 -9.34
C ILE A 282 10.11 34.94 -10.47
N GLY A 283 10.22 36.25 -10.69
CA GLY A 283 9.59 36.89 -11.84
C GLY A 283 9.95 38.37 -11.97
N GLU A 284 9.25 39.03 -12.91
CA GLU A 284 9.50 40.42 -13.25
C GLU A 284 8.21 41.09 -13.77
N ILE A 285 8.00 42.34 -13.32
CA ILE A 285 6.91 43.18 -13.80
C ILE A 285 7.40 43.98 -15.00
N LYS A 286 6.71 43.88 -16.13
CA LYS A 286 6.90 44.79 -17.24
C LYS A 286 5.81 45.85 -17.17
N TYR A 287 6.05 47.04 -17.76
CA TYR A 287 5.10 48.12 -17.70
C TYR A 287 4.76 48.66 -19.09
N GLU A 288 5.40 48.13 -20.13
CA GLU A 288 4.89 48.35 -21.46
C GLU A 288 3.43 47.86 -21.51
N LYS A 289 2.53 48.69 -22.04
CA LYS A 289 1.12 48.32 -22.16
C LYS A 289 1.01 47.16 -23.15
N CYS A 290 0.33 46.09 -22.75
CA CYS A 290 0.05 44.97 -23.64
C CYS A 290 -0.95 45.42 -24.70
N SER A 291 -0.82 44.85 -25.89
CA SER A 291 -1.70 45.08 -27.02
C SER A 291 -3.15 44.68 -26.72
N CYS A 292 -3.36 43.88 -25.66
CA CYS A 292 -4.70 43.58 -25.19
C CYS A 292 -5.45 44.86 -24.81
N GLY A 293 -4.70 45.90 -24.41
CA GLY A 293 -5.30 47.19 -24.10
C GLY A 293 -5.53 47.34 -22.60
N ASN A 294 -5.50 46.22 -21.88
CA ASN A 294 -5.64 46.26 -20.42
C ASN A 294 -4.49 47.07 -19.84
N ASP A 295 -4.80 48.01 -18.93
CA ASP A 295 -3.83 49.00 -18.46
C ASP A 295 -3.00 48.45 -17.30
N ARG A 296 -3.53 47.44 -16.62
CA ARG A 296 -2.84 46.77 -15.53
C ARG A 296 -1.51 46.16 -16.02
N PRO A 297 -0.48 46.11 -15.16
CA PRO A 297 0.85 45.66 -15.56
C PRO A 297 1.02 44.14 -15.70
N VAL A 298 1.74 43.76 -16.76
CA VAL A 298 2.05 42.37 -17.09
C VAL A 298 3.06 41.79 -16.11
N LEU A 299 2.95 40.48 -15.84
CA LEU A 299 3.88 39.77 -14.97
C LEU A 299 4.49 38.61 -15.76
N ILE A 300 5.79 38.40 -15.61
CA ILE A 300 6.44 37.23 -16.18
C ILE A 300 6.79 36.29 -15.04
N HIS A 301 6.18 35.09 -15.00
CA HIS A 301 6.40 34.13 -13.94
C HIS A 301 7.49 33.16 -14.38
N HIS A 302 8.56 33.07 -13.57
CA HIS A 302 9.75 32.28 -13.89
C HIS A 302 9.77 30.98 -13.08
N GLY A 303 8.82 30.83 -12.16
CA GLY A 303 8.66 29.60 -11.40
C GLY A 303 9.18 29.76 -9.99
N ARG A 304 9.28 28.66 -9.24
CA ARG A 304 9.67 28.73 -7.85
C ARG A 304 11.17 29.00 -7.75
N GLU A 305 11.60 29.43 -6.56
CA GLU A 305 12.99 29.74 -6.29
C GLU A 305 13.79 28.45 -6.26
N ILE A 306 13.29 27.43 -5.55
CA ILE A 306 13.96 26.14 -5.48
C ILE A 306 14.05 25.49 -6.86
N ASP A 307 13.27 25.96 -7.84
CA ASP A 307 13.33 25.40 -9.19
C ASP A 307 14.27 26.23 -10.07
N LEU A 308 15.20 26.96 -9.46
CA LEU A 308 16.25 27.61 -10.22
C LEU A 308 17.29 26.56 -10.59
N ILE A 309 17.92 26.75 -11.75
CA ILE A 309 18.93 25.81 -12.25
C ILE A 309 20.30 26.40 -11.99
N LYS A 310 21.02 25.88 -10.99
CA LYS A 310 22.31 26.44 -10.59
C LYS A 310 23.46 25.44 -10.82
N THR A 311 24.25 25.66 -11.89
CA THR A 311 25.58 25.08 -11.99
C THR A 311 26.58 26.09 -11.45
N SER A 312 27.86 25.73 -11.50
CA SER A 312 28.93 26.66 -11.16
C SER A 312 29.04 27.76 -12.23
N LYS A 313 28.77 27.39 -13.49
CA LYS A 313 29.05 28.29 -14.61
C LYS A 313 27.90 29.27 -14.82
N GLY A 314 26.83 29.19 -14.01
CA GLY A 314 25.71 30.12 -14.11
C GLY A 314 24.45 29.66 -13.35
N THR A 315 23.33 30.34 -13.66
CA THR A 315 22.02 30.11 -13.03
C THR A 315 20.93 30.50 -14.03
N ILE A 316 19.85 29.69 -14.11
CA ILE A 316 18.70 30.03 -14.93
C ILE A 316 17.42 29.67 -14.19
N THR A 317 16.32 30.31 -14.66
CA THR A 317 14.99 30.06 -14.13
C THR A 317 14.40 28.84 -14.83
N PHE A 318 13.57 28.10 -14.09
CA PHE A 318 12.93 26.91 -14.64
C PHE A 318 12.23 27.27 -15.96
N LYS A 319 11.66 28.47 -16.02
CA LYS A 319 11.03 28.96 -17.24
C LYS A 319 12.02 29.04 -18.39
N GLU A 320 13.15 29.72 -18.15
CA GLU A 320 14.17 29.93 -19.17
C GLU A 320 14.59 28.58 -19.74
N LEU A 321 14.78 27.60 -18.84
CA LEU A 321 15.15 26.24 -19.23
C LEU A 321 14.06 25.68 -20.14
N GLN A 322 12.83 25.68 -19.63
CA GLN A 322 11.68 25.17 -20.35
C GLN A 322 11.53 25.87 -21.70
N GLU A 323 11.79 27.18 -21.75
CA GLU A 323 11.50 27.92 -22.97
C GLU A 323 12.31 27.36 -24.14
N GLU A 324 13.49 26.80 -23.79
CA GLU A 324 14.48 26.35 -24.76
C GLU A 324 14.29 24.87 -25.08
N ILE A 325 14.09 24.05 -24.04
CA ILE A 325 13.62 22.69 -24.18
C ILE A 325 12.59 22.62 -25.31
N PHE A 326 11.51 23.41 -25.19
CA PHE A 326 10.32 23.25 -26.01
C PHE A 326 10.40 24.03 -27.32
N LYS A 327 11.60 24.43 -27.73
CA LYS A 327 11.83 24.88 -29.10
C LYS A 327 12.25 23.67 -29.95
N LEU A 328 12.70 22.61 -29.26
CA LEU A 328 13.12 21.38 -29.92
C LEU A 328 11.87 20.63 -30.37
N PRO A 329 11.91 19.86 -31.48
CA PRO A 329 10.77 19.02 -31.87
C PRO A 329 10.23 18.08 -30.77
N ASN A 330 8.96 17.69 -30.93
CA ASN A 330 8.31 16.77 -30.02
C ASN A 330 9.00 15.41 -30.08
N SER A 331 9.68 15.15 -31.19
CA SER A 331 10.42 13.92 -31.43
C SER A 331 11.47 13.69 -30.35
N VAL A 332 12.06 14.79 -29.84
CA VAL A 332 13.21 14.73 -28.96
C VAL A 332 12.82 15.17 -27.54
N VAL A 333 11.71 15.90 -27.40
CA VAL A 333 11.34 16.43 -26.09
C VAL A 333 10.01 15.88 -25.56
N GLY A 334 8.90 16.09 -26.27
CA GLY A 334 7.61 15.55 -25.85
C GLY A 334 6.93 16.42 -24.78
N ASP A 335 6.10 15.77 -23.95
CA ASP A 335 5.33 16.47 -22.94
C ASP A 335 5.63 15.90 -21.55
N VAL A 336 6.51 14.89 -21.48
CA VAL A 336 6.85 14.27 -20.20
C VAL A 336 8.35 14.42 -19.97
N PHE A 337 8.73 15.20 -18.95
CA PHE A 337 10.13 15.52 -18.69
C PHE A 337 10.37 15.75 -17.20
N ARG A 338 11.62 15.53 -16.76
CA ARG A 338 12.11 15.94 -15.46
C ARG A 338 13.55 16.44 -15.60
N VAL A 339 14.09 17.07 -14.56
CA VAL A 339 15.36 17.76 -14.64
C VAL A 339 16.28 17.30 -13.50
N LYS A 340 17.41 16.67 -13.87
CA LYS A 340 18.45 16.33 -12.93
C LYS A 340 19.66 17.25 -13.11
N ILE A 341 20.07 17.88 -11.99
CA ILE A 341 21.34 18.59 -11.91
C ILE A 341 22.29 17.78 -11.02
N GLN A 342 23.40 17.31 -11.62
CA GLN A 342 24.36 16.43 -10.95
C GLN A 342 25.74 16.62 -11.58
N ASN A 343 26.77 16.57 -10.71
CA ASN A 343 28.16 16.75 -11.12
C ASN A 343 28.26 17.96 -12.07
N ASP A 344 27.54 19.02 -11.71
CA ASP A 344 27.69 20.35 -12.30
C ASP A 344 27.21 20.39 -13.76
N GLU A 345 26.33 19.45 -14.15
CA GLU A 345 25.71 19.46 -15.46
C GLU A 345 24.19 19.52 -15.29
N VAL A 346 23.48 19.98 -16.34
CA VAL A 346 22.02 19.95 -16.36
C VAL A 346 21.54 18.88 -17.36
N ILE A 347 20.87 17.84 -16.84
CA ILE A 347 20.29 16.79 -17.67
C ILE A 347 18.77 16.89 -17.63
N VAL A 348 18.16 17.04 -18.82
CA VAL A 348 16.72 16.99 -18.96
C VAL A 348 16.35 15.61 -19.52
N GLU A 349 15.60 14.83 -18.72
CA GLU A 349 15.14 13.50 -19.09
C GLU A 349 13.74 13.58 -19.71
N CYS A 350 13.62 13.12 -20.96
CA CYS A 350 12.43 13.29 -21.76
C CYS A 350 11.99 12.00 -22.40
N GLU A 351 10.70 11.68 -22.29
CA GLU A 351 10.10 10.62 -23.08
C GLU A 351 10.00 11.09 -24.53
N ALA A 352 10.69 10.39 -25.44
CA ALA A 352 10.78 10.84 -26.82
C ALA A 352 11.22 9.69 -27.71
N ASP A 353 11.00 9.85 -29.02
CA ASP A 353 11.33 8.84 -30.01
C ASP A 353 12.81 8.91 -30.35
N GLU A 354 13.29 10.11 -30.72
CA GLU A 354 14.64 10.31 -31.20
C GLU A 354 15.57 10.66 -30.03
N GLU A 355 16.82 10.16 -30.09
CA GLU A 355 17.92 10.67 -29.29
C GLU A 355 18.46 11.92 -29.97
N LEU A 356 18.87 12.93 -29.18
CA LEU A 356 19.34 14.19 -29.73
C LEU A 356 20.86 14.18 -29.80
N ASP A 357 21.42 14.84 -30.83
CA ASP A 357 22.85 14.93 -31.07
C ASP A 357 23.62 15.29 -29.80
N ASN A 358 23.09 16.25 -29.03
CA ASN A 358 23.74 16.88 -27.87
C ASN A 358 25.03 17.58 -28.30
N SER A 359 25.86 16.90 -29.11
CA SER A 359 27.03 17.48 -29.75
C SER A 359 26.62 18.58 -30.73
N ASN A 360 25.36 18.54 -31.23
CA ASN A 360 24.84 19.59 -32.08
C ASN A 360 23.53 20.15 -31.54
N SER A 361 23.37 20.18 -30.21
CA SER A 361 22.10 20.55 -29.58
C SER A 361 21.83 22.05 -29.73
N ASN A 362 22.84 22.88 -29.46
CA ASN A 362 22.85 24.27 -29.88
C ASN A 362 21.84 25.10 -29.07
N LEU A 363 21.75 24.84 -27.76
CA LEU A 363 20.89 25.61 -26.88
C LEU A 363 21.43 27.03 -26.76
N ASN A 364 20.52 28.02 -26.64
CA ASN A 364 20.89 29.42 -26.53
C ASN A 364 20.84 29.87 -25.07
N LEU A 365 21.41 29.05 -24.20
CA LEU A 365 21.44 29.29 -22.77
C LEU A 365 22.86 29.57 -22.29
N PRO A 366 23.02 30.29 -21.16
CA PRO A 366 24.33 30.55 -20.59
C PRO A 366 24.96 29.35 -19.86
N ILE A 367 24.26 28.21 -19.81
CA ILE A 367 24.80 27.01 -19.22
C ILE A 367 24.51 25.82 -20.13
N GLU A 368 25.20 24.70 -19.83
CA GLU A 368 25.19 23.51 -20.64
C GLU A 368 24.06 22.60 -20.15
N VAL A 369 23.23 22.16 -21.10
CA VAL A 369 22.03 21.39 -20.83
C VAL A 369 21.97 20.24 -21.83
N LYS A 370 21.90 19.00 -21.33
CA LYS A 370 21.80 17.82 -22.18
C LYS A 370 20.40 17.22 -22.04
N ILE A 371 19.89 16.69 -23.17
CA ILE A 371 18.59 16.03 -23.26
C ILE A 371 18.80 14.52 -23.22
N LYS A 372 18.50 13.83 -22.10
CA LYS A 372 18.63 12.38 -22.02
C LYS A 372 17.32 11.70 -22.44
N ARG A 373 17.39 10.85 -23.48
CA ARG A 373 16.20 10.22 -24.05
C ARG A 373 15.72 9.06 -23.19
N PHE A 374 14.39 8.92 -23.11
CA PHE A 374 13.72 7.82 -22.44
C PHE A 374 12.61 7.29 -23.35
N ASN A 375 12.09 6.10 -22.98
CA ASN A 375 10.97 5.52 -23.68
C ASN A 375 9.68 5.98 -23.01
N HIS A 376 8.70 6.40 -23.84
CA HIS A 376 7.36 6.65 -23.37
C HIS A 376 7.00 5.62 -22.31
N GLY A 377 6.39 6.05 -21.22
CA GLY A 377 5.86 5.14 -20.23
C GLY A 377 6.87 4.76 -19.17
N GLU A 378 8.14 5.15 -19.36
CA GLU A 378 9.18 4.79 -18.42
C GLU A 378 9.27 5.81 -17.27
N ILE A 379 9.12 7.11 -17.60
CA ILE A 379 9.11 8.14 -16.57
C ILE A 379 7.71 8.21 -15.97
N LEU A 380 6.70 8.22 -16.86
CA LEU A 380 5.29 8.27 -16.48
C LEU A 380 4.58 6.97 -16.88
N ASN A 381 4.31 6.13 -15.88
CA ASN A 381 3.69 4.81 -16.07
C ASN A 381 2.19 4.99 -16.27
N ILE A 382 1.74 4.69 -17.50
CA ILE A 382 0.36 4.95 -17.90
C ILE A 382 -0.61 4.02 -17.16
N ASP A 383 -0.14 2.82 -16.82
CA ASP A 383 -0.96 1.79 -16.19
C ASP A 383 -1.39 2.24 -14.78
N ASN A 384 -0.60 3.13 -14.15
CA ASN A 384 -0.95 3.70 -12.86
C ASN A 384 -2.17 4.62 -12.97
N LEU A 385 -2.39 5.25 -14.14
CA LEU A 385 -3.42 6.27 -14.33
C LEU A 385 -4.76 5.70 -14.80
N ILE A 386 -4.75 4.51 -15.40
CA ILE A 386 -5.90 3.97 -16.11
C ILE A 386 -6.78 3.14 -15.16
N GLU A 387 -6.27 2.81 -13.97
CA GLU A 387 -7.01 2.03 -12.99
C GLU A 387 -8.28 2.78 -12.57
N ILE A 388 -9.38 2.03 -12.42
CA ILE A 388 -10.58 2.51 -11.77
C ILE A 388 -10.86 1.61 -10.58
N LYS A 389 -10.74 2.15 -9.35
CA LYS A 389 -11.20 1.48 -8.15
C LYS A 389 -12.73 1.56 -8.13
N PRO A 390 -13.47 0.44 -7.97
CA PRO A 390 -14.91 0.51 -7.75
C PRO A 390 -15.16 1.04 -6.33
N ILE A 391 -16.05 2.03 -6.23
CA ILE A 391 -16.46 2.57 -4.95
C ILE A 391 -17.99 2.67 -4.90
N ALA A 392 -18.55 2.57 -3.70
CA ALA A 392 -19.98 2.69 -3.45
C ALA A 392 -20.19 2.90 -1.95
N LYS A 393 -21.45 2.95 -1.50
CA LYS A 393 -21.76 3.02 -0.08
C LYS A 393 -21.21 1.77 0.61
N PRO A 394 -21.24 1.69 1.97
CA PRO A 394 -20.78 0.49 2.67
C PRO A 394 -21.67 -0.73 2.35
N LYS A 395 -21.07 -1.93 2.28
CA LYS A 395 -21.76 -3.17 1.93
C LYS A 395 -21.87 -4.12 3.13
N TYR A 396 -22.94 -3.97 3.92
CA TYR A 396 -23.07 -4.59 5.25
C TYR A 396 -23.85 -5.91 5.21
N VAL A 397 -24.66 -6.13 4.16
CA VAL A 397 -25.66 -7.20 4.16
C VAL A 397 -25.38 -8.16 3.01
N GLU A 398 -24.94 -9.38 3.34
CA GLU A 398 -24.47 -10.35 2.35
C GLU A 398 -25.32 -11.61 2.41
N TYR A 399 -25.92 -11.96 1.26
CA TYR A 399 -26.50 -13.29 1.07
C TYR A 399 -25.42 -14.15 0.43
N VAL A 400 -25.07 -15.27 1.09
CA VAL A 400 -24.15 -16.25 0.52
C VAL A 400 -24.98 -17.37 -0.11
N ASP A 401 -25.09 -17.34 -1.45
CA ASP A 401 -26.03 -18.18 -2.17
C ASP A 401 -25.22 -19.14 -3.07
N ASN B 4 -55.45 20.42 -0.47
CA ASN B 4 -54.97 19.56 -1.58
C ASN B 4 -54.89 20.35 -2.89
N SER B 5 -55.62 21.47 -3.00
CA SER B 5 -55.65 22.22 -4.26
C SER B 5 -54.26 22.72 -4.61
N GLN B 6 -53.46 23.07 -3.59
CA GLN B 6 -52.08 23.49 -3.77
C GLN B 6 -51.26 22.32 -4.35
N LEU B 7 -51.16 21.26 -3.55
CA LEU B 7 -50.41 20.04 -3.86
C LEU B 7 -50.75 19.52 -5.27
N ILE B 8 -52.04 19.58 -5.61
CA ILE B 8 -52.50 19.11 -6.91
C ILE B 8 -52.06 20.09 -7.99
N THR B 9 -52.10 21.39 -7.68
CA THR B 9 -51.62 22.38 -8.63
C THR B 9 -50.17 22.07 -8.96
N LYS B 10 -49.42 21.72 -7.91
CA LYS B 10 -47.98 21.51 -8.00
C LYS B 10 -47.69 20.25 -8.80
N LEU B 11 -48.32 19.13 -8.40
CA LEU B 11 -48.08 17.87 -9.10
C LEU B 11 -48.26 18.10 -10.60
N ASN B 12 -49.22 18.95 -10.97
CA ASN B 12 -49.55 19.18 -12.37
C ASN B 12 -48.44 19.98 -13.06
N SER B 13 -47.99 21.04 -12.39
CA SER B 13 -46.87 21.83 -12.88
C SER B 13 -45.68 20.91 -13.19
N ALA B 14 -45.34 20.05 -12.23
CA ALA B 14 -44.22 19.14 -12.32
C ALA B 14 -44.31 18.31 -13.60
N LEU B 15 -45.53 17.86 -13.93
CA LEU B 15 -45.79 17.03 -15.10
C LEU B 15 -45.62 17.86 -16.36
N GLN B 16 -46.07 19.12 -16.30
CA GLN B 16 -46.06 20.00 -17.47
C GLN B 16 -44.63 20.33 -17.86
N ILE B 17 -43.76 20.48 -16.85
CA ILE B 17 -42.34 20.68 -17.08
C ILE B 17 -41.72 19.38 -17.59
N ALA B 18 -41.90 18.31 -16.80
CA ALA B 18 -41.33 17.00 -17.08
C ALA B 18 -41.50 16.63 -18.56
N THR B 19 -42.70 16.84 -19.07
CA THR B 19 -43.09 16.41 -20.40
C THR B 19 -42.50 17.34 -21.46
N LYS B 20 -41.63 18.27 -21.04
CA LYS B 20 -40.78 18.95 -21.99
C LYS B 20 -39.78 17.93 -22.55
N ALA B 21 -39.50 16.89 -21.78
CA ALA B 21 -38.50 15.89 -22.14
C ALA B 21 -39.16 14.64 -22.72
N ASN B 22 -38.73 14.22 -23.92
CA ASN B 22 -39.22 13.00 -24.57
C ASN B 22 -39.40 11.86 -23.58
N PHE B 23 -38.44 11.66 -22.67
CA PHE B 23 -38.57 10.58 -21.69
C PHE B 23 -39.96 10.63 -21.06
N TYR B 24 -40.35 11.80 -20.57
CA TYR B 24 -41.59 11.92 -19.82
C TYR B 24 -42.81 12.09 -20.74
N LYS B 25 -42.66 12.68 -21.93
CA LYS B 25 -43.79 12.97 -22.80
C LYS B 25 -44.33 11.68 -23.43
N ASP B 26 -43.43 10.77 -23.86
CA ASP B 26 -43.84 9.54 -24.53
C ASP B 26 -44.35 8.52 -23.51
N ARG B 27 -44.75 8.96 -22.31
CA ARG B 27 -45.44 8.09 -21.38
C ARG B 27 -46.31 8.85 -20.38
N LEU B 28 -46.61 10.13 -20.68
CA LEU B 28 -47.48 10.93 -19.83
C LEU B 28 -48.26 11.95 -20.65
N GLY B 29 -47.86 12.20 -21.91
CA GLY B 29 -48.46 13.26 -22.71
C GLY B 29 -48.90 14.48 -21.89
N ASN B 30 -50.05 15.07 -22.23
CA ASN B 30 -50.53 16.26 -21.53
C ASN B 30 -51.65 15.91 -20.54
N ILE B 31 -51.59 14.66 -20.03
CA ILE B 31 -52.58 14.19 -19.10
C ILE B 31 -52.52 15.07 -17.85
N GLU B 32 -53.67 15.66 -17.49
CA GLU B 32 -53.85 16.37 -16.24
C GLU B 32 -54.22 15.36 -15.16
N ILE B 33 -54.35 15.80 -13.93
CA ILE B 33 -54.82 14.93 -12.87
C ILE B 33 -55.65 15.78 -11.91
N LYS B 34 -56.55 15.14 -11.14
CA LYS B 34 -57.46 15.90 -10.30
C LYS B 34 -57.30 15.49 -8.84
N SER B 35 -56.42 14.52 -8.59
CA SER B 35 -56.34 13.90 -7.28
C SER B 35 -55.04 13.09 -7.14
N LEU B 36 -54.74 12.73 -5.89
CA LEU B 36 -53.58 11.92 -5.55
C LEU B 36 -53.75 10.52 -6.11
N ASP B 37 -55.01 10.08 -6.13
CA ASP B 37 -55.39 8.75 -6.54
C ASP B 37 -55.20 8.62 -8.04
N ASP B 38 -55.70 9.63 -8.78
CA ASP B 38 -55.45 9.72 -10.21
C ASP B 38 -53.95 9.83 -10.50
N PHE B 39 -53.21 10.50 -9.60
CA PHE B 39 -51.76 10.55 -9.70
C PHE B 39 -51.21 9.13 -9.60
N SER B 40 -51.63 8.37 -8.57
CA SER B 40 -51.10 7.05 -8.27
C SER B 40 -51.31 6.05 -9.41
N LYS B 41 -52.07 6.47 -10.44
CA LYS B 41 -52.30 5.65 -11.62
C LYS B 41 -51.13 5.77 -12.60
N LEU B 42 -50.27 6.77 -12.40
CA LEU B 42 -49.24 7.10 -13.37
C LEU B 42 -48.05 6.18 -13.18
N PRO B 43 -47.33 5.89 -14.29
CA PRO B 43 -46.19 4.97 -14.26
C PRO B 43 -45.03 5.49 -13.43
N LEU B 44 -44.50 4.62 -12.55
CA LEU B 44 -43.29 4.88 -11.79
C LEU B 44 -42.11 5.15 -12.72
N THR B 45 -41.11 5.89 -12.18
CA THR B 45 -39.83 6.13 -12.82
C THR B 45 -38.77 5.44 -11.97
N THR B 46 -38.01 4.54 -12.63
CA THR B 46 -37.08 3.64 -11.96
C THR B 46 -35.66 4.17 -12.14
N LYS B 47 -34.76 3.75 -11.24
CA LYS B 47 -33.32 3.95 -11.42
C LYS B 47 -32.88 3.48 -12.82
N GLU B 48 -33.36 2.30 -13.22
CA GLU B 48 -32.88 1.62 -14.41
C GLU B 48 -33.41 2.34 -15.67
N ASP B 49 -34.48 3.11 -15.49
CA ASP B 49 -35.05 3.92 -16.55
C ASP B 49 -34.11 5.05 -16.92
N LEU B 50 -33.66 5.79 -15.88
CA LEU B 50 -32.92 7.04 -16.05
C LEU B 50 -31.53 6.76 -16.61
N ARG B 51 -30.90 5.67 -16.12
CA ARG B 51 -29.63 5.18 -16.63
C ARG B 51 -29.59 5.13 -18.15
N LYS B 52 -30.69 4.75 -18.81
CA LYS B 52 -30.69 4.60 -20.25
C LYS B 52 -30.74 5.95 -20.96
N LEU B 53 -30.68 7.06 -20.19
CA LEU B 53 -30.84 8.40 -20.73
C LEU B 53 -29.49 9.06 -20.94
N LYS B 54 -29.27 9.53 -22.18
CA LYS B 54 -28.18 10.45 -22.47
C LYS B 54 -28.40 11.71 -21.63
N PRO B 55 -27.35 12.50 -21.30
CA PRO B 55 -27.53 13.64 -20.41
C PRO B 55 -28.35 14.75 -21.04
N MET B 56 -28.41 14.80 -22.37
CA MET B 56 -29.25 15.77 -23.05
C MET B 56 -30.72 15.35 -23.07
N GLU B 57 -30.99 14.04 -22.85
CA GLU B 57 -32.34 13.51 -22.77
C GLU B 57 -32.89 13.64 -21.35
N ALA B 58 -32.09 14.14 -20.41
CA ALA B 58 -32.48 14.21 -19.02
C ALA B 58 -32.52 15.66 -18.58
N LEU B 59 -33.24 16.46 -19.38
CA LEU B 59 -33.11 17.89 -19.40
C LEU B 59 -34.39 18.54 -19.93
N THR B 60 -34.88 19.55 -19.19
CA THR B 60 -36.11 20.26 -19.51
C THR B 60 -35.85 21.76 -19.71
N VAL B 61 -34.58 22.20 -19.72
CA VAL B 61 -34.22 23.60 -19.75
C VAL B 61 -33.14 23.81 -20.81
N ASP B 62 -32.80 25.09 -21.09
CA ASP B 62 -31.77 25.42 -22.06
C ASP B 62 -30.37 25.31 -21.46
N ILE B 63 -29.35 25.20 -22.30
CA ILE B 63 -27.95 25.04 -21.77
C ILE B 63 -27.59 26.26 -20.91
N GLU B 64 -28.11 27.43 -21.27
CA GLU B 64 -27.79 28.67 -20.52
C GLU B 64 -28.16 28.52 -19.05
N ASP B 65 -29.32 27.94 -18.77
CA ASP B 65 -29.83 27.86 -17.37
C ASP B 65 -29.11 26.78 -16.57
N LEU B 66 -28.25 26.00 -17.21
CA LEU B 66 -27.47 24.95 -16.52
C LEU B 66 -26.47 25.63 -15.57
N PHE B 67 -26.19 25.01 -14.44
CA PHE B 67 -25.41 25.62 -13.38
C PHE B 67 -24.46 24.61 -12.73
N GLN B 68 -25.03 23.48 -12.28
CA GLN B 68 -24.21 22.39 -11.76
C GLN B 68 -24.46 21.12 -12.58
N TYR B 69 -23.69 20.07 -12.27
CA TYR B 69 -23.94 18.75 -12.83
C TYR B 69 -23.59 17.72 -11.77
N HIS B 70 -24.23 16.56 -11.80
CA HIS B 70 -23.93 15.54 -10.80
C HIS B 70 -24.24 14.16 -11.34
N GLU B 71 -23.85 13.14 -10.56
CA GLU B 71 -24.08 11.74 -10.89
C GLU B 71 -24.05 10.86 -9.66
N SER B 72 -24.45 9.60 -9.89
CA SER B 72 -24.01 8.46 -9.10
C SER B 72 -22.50 8.56 -8.94
N PHE B 73 -22.04 8.52 -7.68
CA PHE B 73 -20.63 8.70 -7.35
C PHE B 73 -19.88 7.43 -7.74
N GLY B 74 -20.50 6.26 -7.52
CA GLY B 74 -19.88 4.97 -7.80
C GLY B 74 -19.48 4.83 -9.26
N THR B 75 -18.26 4.29 -9.47
CA THR B 75 -17.75 3.94 -10.80
C THR B 75 -18.26 2.55 -11.20
N THR B 76 -18.90 1.82 -10.28
CA THR B 76 -19.51 0.52 -10.51
C THR B 76 -21.00 0.67 -10.77
N GLY B 77 -21.39 0.62 -12.06
CA GLY B 77 -22.78 0.63 -12.48
C GLY B 77 -23.13 1.94 -13.18
N GLU B 78 -23.76 1.84 -14.37
CA GLU B 78 -24.01 2.98 -15.23
C GLU B 78 -24.65 4.09 -14.38
N PRO B 79 -24.29 5.38 -14.62
CA PRO B 79 -24.75 6.48 -13.76
C PRO B 79 -25.86 7.35 -14.31
N VAL B 80 -26.44 8.20 -13.44
CA VAL B 80 -27.64 8.96 -13.77
C VAL B 80 -27.32 10.45 -13.84
N SER B 81 -27.37 11.04 -15.03
CA SER B 81 -27.25 12.48 -15.20
C SER B 81 -28.32 13.26 -14.42
N THR B 82 -27.89 14.30 -13.68
CA THR B 82 -28.76 15.15 -12.87
C THR B 82 -28.32 16.62 -13.01
N TRP B 83 -28.69 17.29 -14.10
CA TRP B 83 -28.48 18.72 -14.19
C TRP B 83 -29.23 19.44 -13.08
N LEU B 84 -28.77 20.66 -12.75
CA LEU B 84 -29.46 21.56 -11.85
C LEU B 84 -29.33 22.99 -12.38
N THR B 85 -30.36 23.79 -12.18
CA THR B 85 -30.24 25.23 -12.34
C THR B 85 -29.92 25.81 -10.97
N GLU B 86 -29.53 27.09 -10.97
CA GLU B 86 -29.18 27.78 -9.73
C GLU B 86 -30.30 27.63 -8.70
N LYS B 87 -31.54 27.90 -9.17
CA LYS B 87 -32.75 27.77 -8.37
C LYS B 87 -32.79 26.38 -7.73
N ASP B 88 -32.55 25.35 -8.55
CA ASP B 88 -32.68 23.97 -8.14
C ASP B 88 -31.66 23.64 -7.07
N PHE B 89 -30.39 24.00 -7.38
CA PHE B 89 -29.31 23.84 -6.43
C PHE B 89 -29.70 24.54 -5.13
N ASN B 90 -30.19 25.77 -5.24
CA ASN B 90 -30.52 26.56 -4.06
C ASN B 90 -31.66 25.94 -3.26
N ALA B 91 -32.58 25.28 -3.98
CA ALA B 91 -33.66 24.53 -3.38
C ALA B 91 -33.14 23.38 -2.53
N TYR B 92 -32.28 22.55 -3.14
CA TYR B 92 -31.64 21.44 -2.46
C TYR B 92 -31.11 21.92 -1.11
N GLY B 93 -30.32 22.99 -1.14
CA GLY B 93 -29.71 23.51 0.07
C GLY B 93 -30.76 23.88 1.10
N ASP B 94 -31.76 24.65 0.66
CA ASP B 94 -32.81 25.11 1.54
C ASP B 94 -33.46 23.91 2.25
N GLN B 95 -33.55 22.76 1.54
CA GLN B 95 -34.14 21.53 2.06
C GLN B 95 -33.36 21.01 3.28
N LEU B 96 -32.03 21.22 3.26
CA LEU B 96 -31.17 20.81 4.36
C LEU B 96 -31.43 21.72 5.56
N ASN B 97 -31.73 23.00 5.27
CA ASN B 97 -31.95 23.99 6.31
C ASN B 97 -33.38 23.91 6.88
N GLU B 98 -34.31 23.31 6.12
CA GLU B 98 -35.73 23.30 6.41
C GLU B 98 -36.00 22.63 7.76
N PHE B 99 -35.32 21.51 8.02
CA PHE B 99 -35.24 20.95 9.35
C PHE B 99 -33.76 20.86 9.69
N GLY B 100 -33.32 19.69 10.19
CA GLY B 100 -31.92 19.47 10.48
C GLY B 100 -31.46 20.34 11.65
N VAL B 101 -30.14 20.50 11.77
CA VAL B 101 -29.55 21.33 12.82
C VAL B 101 -29.69 22.79 12.39
N ASN B 102 -29.71 23.69 13.38
CA ASN B 102 -29.83 25.12 13.15
C ASN B 102 -28.43 25.73 13.05
N PHE B 103 -28.00 26.01 11.81
CA PHE B 103 -26.68 26.56 11.57
C PHE B 103 -26.65 28.02 11.98
N LYS B 104 -25.72 28.36 12.88
CA LYS B 104 -25.45 29.72 13.28
C LYS B 104 -24.20 30.22 12.55
N SER B 105 -24.02 31.54 12.53
CA SER B 105 -22.84 32.18 11.88
C SER B 105 -21.58 31.91 12.72
N THR B 106 -21.76 31.60 13.99
CA THR B 106 -20.64 31.26 14.89
C THR B 106 -20.26 29.82 14.70
N ASP B 107 -20.70 29.19 13.61
CA ASP B 107 -20.48 27.73 13.44
C ASP B 107 -19.34 27.42 12.49
N ILE B 108 -18.40 26.57 12.91
CA ILE B 108 -17.34 26.11 12.05
C ILE B 108 -17.60 24.61 11.80
N VAL B 109 -17.73 24.26 10.53
CA VAL B 109 -18.30 22.98 10.14
C VAL B 109 -17.28 22.23 9.28
N LEU B 110 -16.85 21.08 9.79
CA LEU B 110 -16.04 20.12 9.05
C LEU B 110 -16.95 19.29 8.14
N ASN B 111 -16.78 19.48 6.84
CA ASN B 111 -17.63 18.92 5.80
C ASN B 111 -16.94 17.70 5.20
N ARG B 112 -17.28 16.50 5.70
CA ARG B 112 -16.63 15.26 5.31
C ARG B 112 -17.47 14.50 4.27
N PHE B 113 -18.12 15.22 3.33
CA PHE B 113 -18.81 14.59 2.22
C PHE B 113 -17.97 14.84 0.97
N PRO B 114 -17.94 13.92 -0.01
CA PRO B 114 -17.13 14.10 -1.22
C PRO B 114 -17.64 15.17 -2.18
N TYR B 115 -16.81 16.18 -2.42
CA TYR B 115 -17.11 17.19 -3.42
C TYR B 115 -16.90 16.64 -4.83
N ALA B 116 -16.40 15.42 -4.95
CA ALA B 116 -16.20 14.85 -6.27
C ALA B 116 -17.52 14.24 -6.76
N ILE B 117 -18.18 14.96 -7.68
CA ILE B 117 -19.35 14.51 -8.46
C ILE B 117 -20.63 14.36 -7.62
N SER B 118 -20.56 13.79 -6.41
CA SER B 118 -21.71 13.72 -5.51
C SER B 118 -22.28 15.12 -5.26
N VAL B 119 -23.47 15.22 -4.65
CA VAL B 119 -24.03 16.52 -4.36
C VAL B 119 -24.00 16.85 -2.87
N PRO B 120 -24.22 15.92 -1.91
CA PRO B 120 -24.36 16.32 -0.50
C PRO B 120 -23.31 17.32 0.00
N ALA B 121 -22.07 17.20 -0.49
CA ALA B 121 -20.99 18.09 -0.10
C ALA B 121 -21.35 19.51 -0.50
N HIS B 122 -21.73 19.69 -1.78
CA HIS B 122 -22.00 21.01 -2.34
C HIS B 122 -23.24 21.70 -1.73
N ILE B 123 -24.32 20.95 -1.49
CA ILE B 123 -25.54 21.60 -1.05
C ILE B 123 -25.47 21.89 0.46
N PHE B 124 -24.72 21.08 1.21
CA PHE B 124 -24.46 21.41 2.62
C PHE B 124 -23.66 22.72 2.71
N THR B 125 -22.70 22.89 1.81
CA THR B 125 -21.93 24.12 1.76
C THR B 125 -22.91 25.26 1.55
N ASN B 126 -23.74 25.12 0.53
CA ASN B 126 -24.76 26.09 0.19
C ASN B 126 -25.55 26.47 1.43
N ALA B 127 -26.01 25.45 2.14
CA ALA B 127 -26.85 25.65 3.31
C ALA B 127 -26.11 26.42 4.40
N ILE B 128 -24.85 26.02 4.64
CA ILE B 128 -24.05 26.50 5.74
C ILE B 128 -23.71 27.97 5.51
N HIS B 129 -23.20 28.29 4.31
CA HIS B 129 -22.95 29.66 3.90
C HIS B 129 -24.20 30.50 4.15
N LYS B 130 -25.36 29.96 3.78
CA LYS B 130 -26.62 30.68 3.92
C LYS B 130 -26.80 31.20 5.34
N LYS B 131 -26.37 30.44 6.35
CA LYS B 131 -26.58 30.86 7.72
C LYS B 131 -25.36 31.63 8.26
N GLY B 132 -24.37 31.87 7.40
CA GLY B 132 -23.18 32.64 7.79
C GLY B 132 -22.13 31.82 8.50
N ALA B 133 -22.22 30.49 8.41
CA ALA B 133 -21.28 29.63 9.15
C ALA B 133 -20.07 29.31 8.28
N CYS B 134 -19.04 28.71 8.87
CA CYS B 134 -17.80 28.45 8.11
C CYS B 134 -17.68 27.00 7.68
N VAL B 135 -17.36 26.80 6.41
CA VAL B 135 -17.15 25.46 5.88
C VAL B 135 -15.65 25.13 5.87
N ILE B 136 -15.28 23.99 6.46
CA ILE B 136 -13.97 23.41 6.24
C ILE B 136 -14.10 22.32 5.18
N PRO B 137 -13.79 22.59 3.89
CA PRO B 137 -13.97 21.59 2.83
C PRO B 137 -12.92 20.47 2.83
N VAL B 138 -13.05 19.56 3.81
CA VAL B 138 -12.18 18.40 3.91
C VAL B 138 -12.44 17.40 2.77
N SER B 139 -13.71 17.25 2.36
CA SER B 139 -14.11 16.33 1.30
C SER B 139 -13.99 14.89 1.79
N LYS B 140 -13.97 13.94 0.85
CA LYS B 140 -13.86 12.53 1.15
C LYS B 140 -13.45 11.75 -0.11
N ALA B 141 -12.70 10.67 0.15
CA ALA B 141 -12.12 9.80 -0.86
C ALA B 141 -11.07 10.54 -1.67
N SER B 142 -10.37 11.48 -1.03
CA SER B 142 -9.28 12.25 -1.64
C SER B 142 -7.97 11.91 -0.95
N ALA B 143 -6.94 11.62 -1.75
CA ALA B 143 -5.59 11.47 -1.24
C ALA B 143 -5.31 12.55 -0.22
N ILE B 144 -5.72 13.79 -0.56
CA ILE B 144 -5.50 15.02 0.18
C ILE B 144 -5.95 14.92 1.64
N SER B 145 -7.04 14.20 1.96
CA SER B 145 -7.63 14.33 3.29
C SER B 145 -7.93 12.99 3.93
N PRO B 146 -6.90 12.15 4.19
CA PRO B 146 -7.06 10.93 4.98
C PRO B 146 -7.52 11.25 6.39
N LEU B 147 -7.88 10.20 7.12
CA LEU B 147 -8.58 10.33 8.39
C LEU B 147 -7.65 10.95 9.43
N LYS B 148 -6.34 10.62 9.35
CA LYS B 148 -5.37 11.12 10.30
C LYS B 148 -5.35 12.65 10.26
N ARG B 149 -5.30 13.21 9.05
CA ARG B 149 -5.32 14.64 8.82
C ARG B 149 -6.63 15.24 9.37
N VAL B 150 -7.76 14.56 9.11
CA VAL B 150 -9.06 15.04 9.53
C VAL B 150 -9.09 15.09 11.05
N ALA B 151 -8.53 14.06 11.68
CA ALA B 151 -8.40 14.03 13.13
C ALA B 151 -7.56 15.22 13.62
N ASN B 152 -6.45 15.53 12.95
CA ASN B 152 -5.60 16.62 13.37
C ASN B 152 -6.33 17.94 13.11
N LEU B 153 -7.03 18.01 11.97
CA LEU B 153 -7.81 19.19 11.61
C LEU B 153 -8.85 19.54 12.68
N ILE B 154 -9.52 18.52 13.23
CA ILE B 154 -10.50 18.75 14.28
C ILE B 154 -9.77 19.20 15.54
N TYR B 155 -8.63 18.58 15.86
CA TYR B 155 -7.89 18.90 17.08
C TYR B 155 -7.45 20.37 17.04
N LYS B 156 -6.95 20.75 15.85
CA LYS B 156 -6.43 22.08 15.60
C LYS B 156 -7.54 23.12 15.51
N LEU B 157 -8.56 22.90 14.66
CA LEU B 157 -9.52 23.94 14.31
C LEU B 157 -10.73 23.93 15.24
N ARG B 158 -10.85 22.89 16.09
CA ARG B 158 -11.95 22.69 17.02
C ARG B 158 -13.34 22.97 16.44
N PRO B 159 -13.74 22.42 15.27
CA PRO B 159 -15.01 22.81 14.65
C PRO B 159 -16.18 22.39 15.53
N SER B 160 -17.34 23.04 15.29
CA SER B 160 -18.52 22.90 16.12
C SER B 160 -19.48 21.85 15.56
N ILE B 161 -19.28 21.47 14.29
CA ILE B 161 -20.14 20.51 13.61
C ILE B 161 -19.34 19.65 12.63
N LEU B 162 -19.47 18.31 12.76
CA LEU B 162 -18.96 17.36 11.78
C LEU B 162 -20.11 16.89 10.89
N THR B 163 -19.82 16.67 9.61
CA THR B 163 -20.77 16.13 8.66
C THR B 163 -20.06 15.03 7.88
N GLY B 164 -20.70 13.87 7.78
CA GLY B 164 -20.16 12.73 7.06
C GLY B 164 -21.09 11.53 7.17
N ILE B 165 -21.06 10.66 6.15
CA ILE B 165 -21.79 9.40 6.19
C ILE B 165 -21.41 8.64 7.47
N PRO B 166 -22.38 8.12 8.25
CA PRO B 166 -22.09 7.57 9.59
C PRO B 166 -20.98 6.53 9.68
N ASP B 167 -20.73 5.85 8.55
CA ASP B 167 -19.70 4.84 8.41
C ASP B 167 -18.33 5.47 8.64
N GLU B 168 -18.03 6.49 7.82
CA GLU B 168 -16.80 7.27 7.91
C GLU B 168 -16.63 7.87 9.31
N LEU B 169 -17.72 8.41 9.87
CA LEU B 169 -17.63 9.09 11.14
C LEU B 169 -17.27 8.09 12.24
N ILE B 170 -17.67 6.83 12.07
CA ILE B 170 -17.32 5.83 13.06
C ILE B 170 -15.82 5.53 12.99
N LYS B 171 -15.29 5.50 11.75
CA LYS B 171 -13.88 5.28 11.49
C LYS B 171 -13.03 6.46 11.98
N LEU B 172 -13.47 7.69 11.64
CA LEU B 172 -12.81 8.90 12.11
C LEU B 172 -12.53 8.80 13.60
N ASN B 173 -13.53 8.42 14.37
CA ASN B 173 -13.37 8.32 15.80
C ASN B 173 -12.41 7.20 16.19
N LYS B 174 -12.27 6.17 15.34
CA LYS B 174 -11.38 5.05 15.61
C LYS B 174 -9.93 5.48 15.37
N VAL B 175 -9.67 6.05 14.18
CA VAL B 175 -8.36 6.55 13.81
C VAL B 175 -7.88 7.53 14.88
N ALA B 176 -8.77 8.46 15.28
CA ALA B 176 -8.44 9.52 16.20
C ALA B 176 -8.12 8.94 17.57
N LYS B 177 -8.85 7.89 17.99
CA LYS B 177 -8.69 7.33 19.33
C LYS B 177 -7.36 6.59 19.39
N PHE B 178 -6.92 6.06 18.24
CA PHE B 178 -5.65 5.38 18.11
C PHE B 178 -4.50 6.39 18.07
N MET B 179 -4.81 7.65 17.72
CA MET B 179 -3.89 8.78 17.81
C MET B 179 -3.96 9.44 19.20
N ASP B 180 -4.59 8.78 20.18
CA ASP B 180 -4.72 9.31 21.54
C ASP B 180 -5.53 10.61 21.60
N ILE B 181 -6.54 10.74 20.71
CA ILE B 181 -7.40 11.92 20.65
C ILE B 181 -8.86 11.52 20.89
N SER B 182 -9.45 11.99 22.00
CA SER B 182 -10.88 11.85 22.22
C SER B 182 -11.61 13.06 21.66
N LEU B 183 -12.17 12.92 20.46
CA LEU B 183 -12.91 14.00 19.81
C LEU B 183 -14.04 14.52 20.70
N LYS B 184 -14.54 13.65 21.59
CA LYS B 184 -15.65 13.98 22.47
C LYS B 184 -15.19 14.98 23.54
N ASP B 185 -13.96 14.79 24.05
CA ASP B 185 -13.49 15.53 25.20
C ASP B 185 -12.90 16.88 24.78
N LEU B 186 -12.67 17.08 23.48
CA LEU B 186 -12.35 18.39 22.95
C LEU B 186 -13.35 19.43 23.49
N GLY B 187 -14.62 19.05 23.60
CA GLY B 187 -15.65 19.95 24.08
C GLY B 187 -16.05 20.99 23.03
N CYS B 188 -15.91 20.65 21.74
CA CYS B 188 -16.12 21.64 20.68
C CYS B 188 -17.19 21.22 19.69
N ILE B 189 -17.57 19.92 19.68
CA ILE B 189 -18.53 19.40 18.72
C ILE B 189 -19.91 19.31 19.38
N ARG B 190 -20.86 20.12 18.88
CA ARG B 190 -22.19 20.19 19.48
C ARG B 190 -23.20 19.42 18.65
N ALA B 191 -22.84 19.04 17.42
CA ALA B 191 -23.80 18.49 16.48
C ALA B 191 -23.10 17.73 15.36
N ILE B 192 -23.83 16.77 14.77
CA ILE B 192 -23.36 15.93 13.69
C ILE B 192 -24.41 15.99 12.58
N CYS B 193 -23.99 15.79 11.34
CA CYS B 193 -24.92 15.74 10.24
C CYS B 193 -24.60 14.51 9.37
N THR B 194 -25.33 13.42 9.62
CA THR B 194 -25.21 12.16 8.88
C THR B 194 -26.05 12.24 7.62
N ALA B 195 -25.62 11.54 6.56
CA ALA B 195 -26.39 11.42 5.33
C ALA B 195 -25.78 10.37 4.41
N GLY B 196 -26.62 9.87 3.48
CA GLY B 196 -26.16 9.01 2.41
C GLY B 196 -26.32 7.52 2.70
N GLU B 197 -26.65 7.18 3.97
CA GLU B 197 -26.97 5.82 4.37
C GLU B 197 -28.01 5.84 5.49
N MET B 198 -28.79 4.77 5.60
CA MET B 198 -29.90 4.70 6.53
C MET B 198 -29.36 4.65 7.96
N LEU B 199 -30.09 5.28 8.89
CA LEU B 199 -29.66 5.42 10.26
C LEU B 199 -30.77 5.00 11.22
N SER B 200 -30.57 3.84 11.85
CA SER B 200 -31.40 3.36 12.94
C SER B 200 -31.34 4.33 14.12
N GLU B 201 -32.35 4.31 14.99
CA GLU B 201 -32.30 5.07 16.22
C GLU B 201 -31.21 4.50 17.13
N GLY B 202 -30.91 3.21 16.99
CA GLY B 202 -29.88 2.58 17.78
C GLY B 202 -28.47 3.02 17.35
N ARG B 203 -28.26 3.21 16.05
CA ARG B 203 -26.95 3.61 15.56
C ARG B 203 -26.76 5.11 15.76
N LYS B 204 -27.85 5.88 15.59
CA LYS B 204 -27.87 7.30 15.94
C LYS B 204 -27.44 7.49 17.40
N ALA B 205 -28.01 6.70 18.31
CA ALA B 205 -27.67 6.81 19.73
C ALA B 205 -26.22 6.38 19.98
N LYS B 206 -25.70 5.51 19.12
CA LYS B 206 -24.31 5.08 19.21
C LYS B 206 -23.42 6.28 18.89
N LEU B 207 -23.67 6.92 17.74
CA LEU B 207 -22.95 8.11 17.29
C LEU B 207 -22.96 9.20 18.35
N GLU B 208 -24.09 9.39 19.02
CA GLU B 208 -24.23 10.44 20.04
C GLU B 208 -23.33 10.13 21.24
N SER B 209 -23.18 8.84 21.58
CA SER B 209 -22.37 8.45 22.73
C SER B 209 -20.89 8.64 22.42
N ILE B 210 -20.51 8.44 21.16
CA ILE B 210 -19.13 8.53 20.72
C ILE B 210 -18.69 9.99 20.74
N PHE B 211 -19.43 10.84 20.04
CA PHE B 211 -19.06 12.23 19.83
C PHE B 211 -19.58 13.16 20.93
N GLY B 212 -20.50 12.67 21.78
CA GLY B 212 -21.12 13.49 22.81
C GLY B 212 -21.91 14.65 22.22
N ALA B 213 -22.39 14.49 20.98
CA ALA B 213 -23.12 15.52 20.25
C ALA B 213 -24.50 14.98 19.85
N LYS B 214 -25.43 15.90 19.56
CA LYS B 214 -26.75 15.54 19.05
C LYS B 214 -26.59 15.19 17.57
N VAL B 215 -27.34 14.20 17.09
CA VAL B 215 -27.24 13.86 15.67
C VAL B 215 -28.47 14.37 14.95
N TYR B 216 -28.23 14.86 13.73
CA TYR B 216 -29.29 15.21 12.80
C TYR B 216 -29.02 14.40 11.55
N ASN B 217 -30.02 13.63 11.09
CA ASN B 217 -29.87 12.81 9.90
C ASN B 217 -30.65 13.45 8.75
N TYR B 218 -30.11 13.26 7.55
CA TYR B 218 -30.61 13.89 6.35
C TYR B 218 -30.78 12.79 5.31
N TYR B 219 -32.00 12.65 4.79
CA TYR B 219 -32.35 11.61 3.83
C TYR B 219 -32.60 12.25 2.47
N GLY B 220 -31.74 11.92 1.48
CA GLY B 220 -31.83 12.56 0.17
C GLY B 220 -31.27 11.67 -0.94
N CYS B 221 -31.26 12.18 -2.18
CA CYS B 221 -30.59 11.51 -3.27
C CYS B 221 -30.35 12.48 -4.42
N THR B 222 -29.37 12.15 -5.26
CA THR B 222 -28.82 13.06 -6.26
C THR B 222 -29.91 13.60 -7.17
N GLU B 223 -30.84 12.73 -7.56
CA GLU B 223 -31.80 13.04 -8.60
C GLU B 223 -32.92 13.94 -8.04
N CYS B 224 -33.17 13.83 -6.73
CA CYS B 224 -34.29 14.51 -6.07
C CYS B 224 -33.86 15.81 -5.37
N GLY B 225 -32.80 15.75 -4.57
CA GLY B 225 -32.54 16.73 -3.53
C GLY B 225 -32.50 16.02 -2.18
N ASN B 226 -32.94 16.70 -1.13
CA ASN B 226 -32.98 16.12 0.21
C ASN B 226 -34.41 16.11 0.73
N MET B 227 -35.00 14.92 0.69
CA MET B 227 -36.42 14.71 0.88
C MET B 227 -36.83 14.87 2.35
N ALA B 228 -35.91 14.63 3.30
CA ALA B 228 -36.28 14.66 4.70
C ALA B 228 -35.07 14.83 5.64
N ALA B 229 -35.33 15.33 6.86
CA ALA B 229 -34.29 15.54 7.85
C ALA B 229 -34.85 15.59 9.27
N SER B 230 -33.97 15.37 10.25
CA SER B 230 -34.36 15.14 11.64
C SER B 230 -34.85 16.42 12.32
N CYS B 231 -35.78 16.24 13.25
CA CYS B 231 -36.19 17.27 14.19
C CYS B 231 -35.36 17.09 15.45
N ASP B 232 -35.52 18.01 16.41
CA ASP B 232 -34.84 17.89 17.69
C ASP B 232 -35.26 16.61 18.40
N GLU B 233 -36.49 16.13 18.13
CA GLU B 233 -37.03 14.97 18.81
C GLU B 233 -36.38 13.70 18.25
N GLY B 234 -35.99 13.73 16.98
CA GLY B 234 -35.20 12.65 16.40
C GLY B 234 -35.79 12.17 15.07
N HIS B 235 -37.02 12.60 14.74
CA HIS B 235 -37.79 12.02 13.65
C HIS B 235 -37.52 12.83 12.39
N LEU B 236 -37.35 12.13 11.27
CA LEU B 236 -37.29 12.77 9.97
C LEU B 236 -38.63 13.46 9.75
N HIS B 237 -38.61 14.50 8.91
CA HIS B 237 -39.81 15.12 8.40
C HIS B 237 -39.66 15.33 6.91
N ILE B 238 -40.78 15.37 6.21
CA ILE B 238 -40.70 15.42 4.77
C ILE B 238 -40.67 16.87 4.31
N SER B 239 -39.78 17.15 3.37
CA SER B 239 -39.68 18.51 2.85
C SER B 239 -40.93 18.87 2.06
N LYS B 240 -41.30 20.13 2.16
CA LYS B 240 -42.40 20.75 1.44
C LYS B 240 -42.18 20.70 -0.07
N ASP B 241 -40.95 20.42 -0.53
CA ASP B 241 -40.65 20.46 -1.95
C ASP B 241 -40.88 19.08 -2.59
N PHE B 242 -41.54 18.16 -1.88
CA PHE B 242 -41.72 16.80 -2.38
C PHE B 242 -43.07 16.20 -1.98
N TYR B 243 -43.60 15.34 -2.87
CA TYR B 243 -44.75 14.48 -2.57
C TYR B 243 -44.29 13.03 -2.43
N VAL B 244 -44.44 12.47 -1.23
CA VAL B 244 -43.98 11.12 -0.92
C VAL B 244 -45.17 10.16 -0.82
N GLU B 245 -45.07 9.02 -1.53
CA GLU B 245 -46.04 7.94 -1.46
C GLU B 245 -45.38 6.66 -0.94
N ILE B 246 -46.15 5.85 -0.19
CA ILE B 246 -45.72 4.53 0.24
C ILE B 246 -46.55 3.46 -0.48
N LEU B 247 -45.90 2.69 -1.39
CA LEU B 247 -46.56 1.68 -2.21
C LEU B 247 -46.30 0.27 -1.67
N ASP B 248 -47.19 -0.66 -2.04
CA ASP B 248 -47.05 -2.07 -1.70
C ASP B 248 -46.00 -2.70 -2.60
N PRO B 249 -45.01 -3.43 -2.02
CA PRO B 249 -43.96 -4.08 -2.82
C PRO B 249 -44.43 -4.87 -4.04
N VAL B 250 -45.61 -5.51 -3.92
CA VAL B 250 -46.13 -6.42 -4.94
C VAL B 250 -47.14 -5.69 -5.82
N THR B 251 -48.23 -5.20 -5.22
CA THR B 251 -49.32 -4.61 -5.98
C THR B 251 -48.82 -3.36 -6.70
N LEU B 252 -48.02 -2.55 -5.97
CA LEU B 252 -47.56 -1.23 -6.40
C LEU B 252 -48.73 -0.25 -6.36
N LYS B 253 -49.54 -0.36 -5.32
CA LYS B 253 -50.66 0.55 -5.15
C LYS B 253 -50.49 1.20 -3.79
N PRO B 254 -50.94 2.46 -3.58
CA PRO B 254 -50.90 3.08 -2.26
C PRO B 254 -51.22 2.01 -1.22
N VAL B 255 -50.49 2.02 -0.11
CA VAL B 255 -50.88 1.18 1.01
C VAL B 255 -51.89 1.98 1.84
N LYS B 256 -52.66 1.28 2.68
CA LYS B 256 -53.57 1.95 3.60
C LYS B 256 -52.77 2.43 4.81
N GLU B 257 -51.83 1.60 5.29
CA GLU B 257 -50.85 2.02 6.29
C GLU B 257 -49.66 1.04 6.31
N GLY B 258 -48.64 1.38 7.12
CA GLY B 258 -47.46 0.55 7.32
C GLY B 258 -46.38 0.82 6.28
N LYS B 259 -45.39 -0.09 6.26
CA LYS B 259 -44.20 0.01 5.41
C LYS B 259 -44.56 -0.14 3.93
N GLY B 260 -43.64 0.26 3.06
CA GLY B 260 -43.80 0.07 1.61
C GLY B 260 -42.67 0.73 0.83
N LYS B 261 -42.65 0.51 -0.49
CA LYS B 261 -41.72 1.18 -1.39
C LYS B 261 -41.93 2.68 -1.30
N ILE B 262 -40.84 3.46 -1.30
CA ILE B 262 -40.90 4.89 -1.17
C ILE B 262 -40.73 5.53 -2.54
N ILE B 263 -41.81 6.17 -3.02
CA ILE B 263 -41.83 6.90 -4.28
C ILE B 263 -41.91 8.38 -3.98
N VAL B 264 -41.20 9.19 -4.77
CA VAL B 264 -41.16 10.62 -4.54
C VAL B 264 -41.34 11.36 -5.87
N THR B 265 -42.01 12.49 -5.77
CA THR B 265 -42.13 13.41 -6.88
C THR B 265 -41.57 14.76 -6.45
N THR B 266 -40.78 15.36 -7.34
CA THR B 266 -40.20 16.68 -7.13
C THR B 266 -41.25 17.74 -7.37
N LEU B 267 -41.51 18.55 -6.32
CA LEU B 267 -42.37 19.71 -6.46
C LEU B 267 -41.57 20.91 -6.98
N ASN B 268 -40.25 20.91 -6.79
CA ASN B 268 -39.46 22.12 -6.99
C ASN B 268 -38.08 21.82 -7.60
N LYS B 269 -38.06 21.16 -8.76
CA LYS B 269 -36.83 20.89 -9.48
C LYS B 269 -37.15 20.86 -10.97
N GLU B 270 -36.52 21.72 -11.76
CA GLU B 270 -37.02 22.08 -13.07
C GLU B 270 -36.13 21.56 -14.20
N ALA B 271 -34.90 21.14 -13.88
CA ALA B 271 -34.00 20.74 -14.94
C ALA B 271 -34.46 19.41 -15.53
N PHE B 272 -34.96 18.53 -14.64
CA PHE B 272 -35.49 17.24 -15.02
C PHE B 272 -36.18 16.62 -13.79
N PRO B 273 -37.51 16.86 -13.62
CA PRO B 273 -38.21 16.52 -12.39
C PRO B 273 -38.36 15.01 -12.20
N MET B 274 -38.35 14.57 -10.93
CA MET B 274 -38.62 13.18 -10.63
C MET B 274 -40.13 12.99 -10.43
N ILE B 275 -40.75 12.37 -11.44
CA ILE B 275 -42.16 11.99 -11.42
C ILE B 275 -42.25 10.54 -10.96
N ARG B 276 -42.82 10.36 -9.77
CA ARG B 276 -42.97 9.03 -9.19
C ARG B 276 -41.67 8.27 -9.34
N TYR B 277 -40.68 8.61 -8.52
CA TYR B 277 -39.37 8.00 -8.67
C TYR B 277 -39.23 6.90 -7.61
N ASP B 278 -38.81 5.71 -8.06
CA ASP B 278 -38.64 4.59 -7.15
C ASP B 278 -37.26 4.64 -6.51
N LEU B 279 -37.18 5.11 -5.26
CA LEU B 279 -35.92 5.16 -4.54
C LEU B 279 -35.36 3.75 -4.33
N GLY B 280 -36.24 2.75 -4.21
CA GLY B 280 -35.84 1.40 -3.88
C GLY B 280 -35.54 1.24 -2.40
N ASP B 281 -36.16 2.11 -1.59
CA ASP B 281 -36.04 2.04 -0.15
C ASP B 281 -37.36 1.52 0.40
N ILE B 282 -37.39 1.24 1.72
CA ILE B 282 -38.58 0.82 2.45
C ILE B 282 -38.84 1.84 3.56
N GLY B 283 -40.12 2.22 3.74
CA GLY B 283 -40.48 3.11 4.83
C GLY B 283 -41.98 3.39 4.90
N GLU B 284 -42.35 4.31 5.81
CA GLU B 284 -43.73 4.58 6.17
C GLU B 284 -43.88 6.04 6.63
N ILE B 285 -44.97 6.69 6.17
CA ILE B 285 -45.33 8.04 6.59
C ILE B 285 -46.25 7.92 7.79
N LYS B 286 -45.89 8.58 8.90
CA LYS B 286 -46.81 8.81 9.98
C LYS B 286 -47.44 10.20 9.80
N TYR B 287 -48.64 10.40 10.32
CA TYR B 287 -49.26 11.72 10.32
C TYR B 287 -49.64 12.16 11.72
N GLU B 288 -49.38 11.33 12.74
CA GLU B 288 -49.31 11.84 14.10
C GLU B 288 -48.32 13.01 14.12
N LYS B 289 -48.74 14.16 14.66
CA LYS B 289 -47.88 15.31 14.76
C LYS B 289 -46.74 14.98 15.73
N CYS B 290 -45.49 15.24 15.30
CA CYS B 290 -44.34 15.13 16.19
C CYS B 290 -44.44 16.25 17.23
N SER B 291 -44.00 15.95 18.46
CA SER B 291 -43.96 16.88 19.57
C SER B 291 -43.05 18.08 19.28
N CYS B 292 -42.19 17.97 18.26
CA CYS B 292 -41.43 19.11 17.78
C CYS B 292 -42.36 20.26 17.38
N GLY B 293 -43.57 19.94 16.93
CA GLY B 293 -44.55 20.95 16.61
C GLY B 293 -44.55 21.30 15.13
N ASN B 294 -43.52 20.86 14.40
CA ASN B 294 -43.49 20.99 12.96
C ASN B 294 -44.66 20.20 12.38
N ASP B 295 -45.40 20.83 11.45
CA ASP B 295 -46.67 20.28 10.97
C ASP B 295 -46.43 19.29 9.83
N ARG B 296 -45.28 19.39 9.17
CA ARG B 296 -44.90 18.48 8.09
C ARG B 296 -44.86 17.04 8.59
N PRO B 297 -45.20 16.04 7.73
CA PRO B 297 -45.29 14.64 8.16
C PRO B 297 -43.95 13.92 8.35
N VAL B 298 -43.89 13.13 9.43
CA VAL B 298 -42.73 12.31 9.78
C VAL B 298 -42.59 11.14 8.80
N LEU B 299 -41.34 10.73 8.55
CA LEU B 299 -41.03 9.57 7.74
C LEU B 299 -40.20 8.60 8.57
N ILE B 300 -40.49 7.29 8.45
CA ILE B 300 -39.66 6.27 9.05
C ILE B 300 -38.91 5.56 7.92
N HIS B 301 -37.57 5.69 7.93
CA HIS B 301 -36.71 5.09 6.91
C HIS B 301 -36.23 3.75 7.41
N HIS B 302 -36.51 2.69 6.63
CA HIS B 302 -36.22 1.30 6.99
C HIS B 302 -34.98 0.80 6.25
N GLY B 303 -34.49 1.60 5.30
CA GLY B 303 -33.28 1.25 4.56
C GLY B 303 -33.64 0.77 3.15
N ARG B 304 -32.65 0.25 2.45
CA ARG B 304 -32.87 -0.15 1.08
C ARG B 304 -33.67 -1.45 1.03
N GLU B 305 -34.24 -1.71 -0.14
CA GLU B 305 -35.02 -2.92 -0.39
C GLU B 305 -34.10 -4.14 -0.35
N ILE B 306 -32.96 -4.05 -1.05
CA ILE B 306 -31.99 -5.15 -1.09
C ILE B 306 -31.41 -5.41 0.30
N ASP B 307 -31.58 -4.49 1.24
CA ASP B 307 -31.07 -4.73 2.59
C ASP B 307 -32.17 -5.29 3.49
N LEU B 308 -33.21 -5.91 2.90
CA LEU B 308 -34.20 -6.62 3.68
C LEU B 308 -33.60 -7.95 4.10
N ILE B 309 -34.02 -8.44 5.28
CA ILE B 309 -33.53 -9.70 5.82
C ILE B 309 -34.58 -10.77 5.59
N LYS B 310 -34.36 -11.66 4.60
CA LYS B 310 -35.34 -12.68 4.23
C LYS B 310 -34.81 -14.09 4.49
N THR B 311 -35.26 -14.74 5.57
CA THR B 311 -35.14 -16.19 5.71
C THR B 311 -36.42 -16.83 5.20
N SER B 312 -36.49 -18.16 5.30
CA SER B 312 -37.72 -18.89 5.03
C SER B 312 -38.78 -18.58 6.09
N LYS B 313 -38.35 -18.37 7.34
CA LYS B 313 -39.27 -18.27 8.46
C LYS B 313 -39.82 -16.85 8.60
N GLY B 314 -39.40 -15.90 7.73
CA GLY B 314 -39.96 -14.55 7.74
C GLY B 314 -39.12 -13.51 6.97
N THR B 315 -39.34 -12.21 7.27
CA THR B 315 -38.68 -11.08 6.63
C THR B 315 -38.64 -9.89 7.60
N ILE B 316 -37.52 -9.13 7.62
CA ILE B 316 -37.43 -7.89 8.39
C ILE B 316 -36.62 -6.85 7.61
N THR B 317 -36.78 -5.57 8.00
CA THR B 317 -36.06 -4.44 7.42
C THR B 317 -34.72 -4.29 8.13
N PHE B 318 -33.72 -3.78 7.39
CA PHE B 318 -32.39 -3.61 7.96
C PHE B 318 -32.50 -2.80 9.25
N LYS B 319 -33.41 -1.81 9.26
CA LYS B 319 -33.65 -1.00 10.45
C LYS B 319 -34.12 -1.87 11.62
N GLU B 320 -35.16 -2.68 11.38
CA GLU B 320 -35.75 -3.51 12.41
C GLU B 320 -34.67 -4.39 13.03
N LEU B 321 -33.80 -4.96 12.18
CA LEU B 321 -32.70 -5.78 12.62
C LEU B 321 -31.78 -4.95 13.52
N GLN B 322 -31.32 -3.82 12.97
CA GLN B 322 -30.44 -2.89 13.69
C GLN B 322 -31.08 -2.46 15.01
N GLU B 323 -32.39 -2.22 15.03
CA GLU B 323 -32.99 -1.65 16.21
C GLU B 323 -32.84 -2.58 17.40
N GLU B 324 -32.73 -3.89 17.12
CA GLU B 324 -32.72 -4.96 18.10
C GLU B 324 -31.28 -5.30 18.49
N ILE B 325 -30.42 -5.43 17.48
CA ILE B 325 -28.97 -5.49 17.67
C ILE B 325 -28.58 -4.53 18.79
N PHE B 326 -28.89 -3.24 18.61
CA PHE B 326 -28.31 -2.17 19.40
C PHE B 326 -29.05 -1.93 20.71
N LYS B 327 -29.95 -2.83 21.09
CA LYS B 327 -30.52 -2.82 22.43
C LYS B 327 -29.69 -3.73 23.34
N LEU B 328 -28.81 -4.53 22.74
CA LEU B 328 -27.88 -5.35 23.49
C LEU B 328 -26.83 -4.45 24.12
N PRO B 329 -26.22 -4.83 25.27
CA PRO B 329 -25.08 -4.10 25.83
C PRO B 329 -23.96 -3.76 24.83
N ASN B 330 -23.20 -2.69 25.12
CA ASN B 330 -22.14 -2.25 24.24
C ASN B 330 -21.04 -3.31 24.23
N SER B 331 -21.00 -4.10 25.31
CA SER B 331 -19.98 -5.13 25.50
C SER B 331 -20.09 -6.20 24.43
N VAL B 332 -21.31 -6.44 23.92
CA VAL B 332 -21.57 -7.52 22.99
C VAL B 332 -21.87 -7.01 21.57
N VAL B 333 -22.25 -5.75 21.47
CA VAL B 333 -22.38 -5.04 20.20
C VAL B 333 -21.74 -3.68 20.36
N GLY B 334 -20.83 -3.32 19.45
CA GLY B 334 -20.20 -2.01 19.44
C GLY B 334 -20.75 -1.18 18.29
N ASP B 335 -19.86 -0.70 17.41
CA ASP B 335 -20.25 0.19 16.33
C ASP B 335 -19.86 -0.39 14.98
N VAL B 336 -19.22 -1.56 14.98
CA VAL B 336 -18.73 -2.22 13.78
C VAL B 336 -19.38 -3.58 13.66
N PHE B 337 -20.20 -3.74 12.61
CA PHE B 337 -20.96 -4.96 12.40
C PHE B 337 -21.21 -5.15 10.91
N ARG B 338 -21.41 -6.42 10.54
CA ARG B 338 -21.90 -6.77 9.21
C ARG B 338 -22.87 -7.95 9.37
N VAL B 339 -23.63 -8.21 8.30
CA VAL B 339 -24.76 -9.13 8.37
C VAL B 339 -24.65 -10.19 7.27
N LYS B 340 -24.49 -11.44 7.71
CA LYS B 340 -24.38 -12.58 6.80
C LYS B 340 -25.63 -13.43 6.95
N ILE B 341 -26.31 -13.66 5.82
CA ILE B 341 -27.43 -14.58 5.75
C ILE B 341 -27.00 -15.80 4.92
N GLN B 342 -26.98 -16.97 5.57
CA GLN B 342 -26.42 -18.19 5.00
C GLN B 342 -27.09 -19.41 5.65
N ASN B 343 -27.34 -20.45 4.83
CA ASN B 343 -28.02 -21.65 5.27
C ASN B 343 -29.25 -21.28 6.10
N ASP B 344 -29.98 -20.25 5.65
CA ASP B 344 -31.31 -19.88 6.14
C ASP B 344 -31.26 -19.37 7.59
N GLU B 345 -30.10 -18.89 8.04
CA GLU B 345 -29.95 -18.25 9.35
C GLU B 345 -29.45 -16.81 9.15
N VAL B 346 -29.65 -15.95 10.14
CA VAL B 346 -29.11 -14.59 10.14
C VAL B 346 -27.97 -14.49 11.16
N ILE B 347 -26.75 -14.23 10.67
CA ILE B 347 -25.60 -14.04 11.55
C ILE B 347 -25.15 -12.57 11.48
N VAL B 348 -25.12 -11.92 12.65
CA VAL B 348 -24.60 -10.58 12.78
C VAL B 348 -23.22 -10.66 13.42
N GLU B 349 -22.19 -10.24 12.66
CA GLU B 349 -20.81 -10.27 13.11
C GLU B 349 -20.43 -8.90 13.68
N CYS B 350 -20.03 -8.89 14.97
CA CYS B 350 -19.84 -7.67 15.72
C CYS B 350 -18.50 -7.66 16.44
N GLU B 351 -17.76 -6.56 16.28
CA GLU B 351 -16.58 -6.31 17.10
C GLU B 351 -17.03 -5.97 18.51
N ALA B 352 -16.64 -6.78 19.50
CA ALA B 352 -17.10 -6.59 20.87
C ALA B 352 -16.22 -7.38 21.83
N ASP B 353 -16.30 -7.06 23.12
CA ASP B 353 -15.43 -7.67 24.13
C ASP B 353 -16.00 -9.02 24.55
N GLU B 354 -17.27 -9.00 24.98
CA GLU B 354 -17.93 -10.19 25.51
C GLU B 354 -18.64 -10.95 24.40
N GLU B 355 -18.64 -12.28 24.54
CA GLU B 355 -19.52 -13.17 23.78
C GLU B 355 -20.88 -13.16 24.46
N LEU B 356 -21.95 -13.25 23.64
CA LEU B 356 -23.32 -13.31 24.15
C LEU B 356 -23.72 -14.78 24.32
N ASP B 357 -24.57 -15.01 25.33
CA ASP B 357 -25.12 -16.35 25.60
C ASP B 357 -26.28 -16.65 24.65
N ASN B 358 -26.01 -16.59 23.33
CA ASN B 358 -26.95 -16.93 22.27
C ASN B 358 -27.78 -18.17 22.56
N SER B 359 -27.31 -19.06 23.46
CA SER B 359 -28.08 -20.23 23.88
C SER B 359 -29.34 -19.81 24.64
N ASN B 360 -29.33 -18.62 25.24
CA ASN B 360 -30.48 -18.06 25.92
C ASN B 360 -30.72 -16.63 25.42
N SER B 361 -30.58 -16.41 24.09
CA SER B 361 -30.61 -15.08 23.49
C SER B 361 -32.00 -14.43 23.59
N ASN B 362 -31.98 -13.11 23.81
CA ASN B 362 -33.18 -12.34 24.08
C ASN B 362 -34.02 -12.20 22.80
N LEU B 363 -33.39 -12.08 21.61
CA LEU B 363 -33.91 -11.37 20.45
C LEU B 363 -35.42 -11.50 20.21
N ASN B 364 -36.08 -10.36 19.97
CA ASN B 364 -37.53 -10.26 20.03
C ASN B 364 -38.09 -10.12 18.62
N LEU B 365 -37.56 -10.94 17.70
CA LEU B 365 -37.84 -10.81 16.28
C LEU B 365 -38.62 -12.02 15.77
N PRO B 366 -39.30 -11.90 14.60
CA PRO B 366 -39.98 -13.03 13.99
C PRO B 366 -39.07 -14.06 13.33
N ILE B 367 -37.75 -13.82 13.34
CA ILE B 367 -36.78 -14.73 12.76
C ILE B 367 -35.61 -14.91 13.72
N GLU B 368 -34.78 -15.93 13.41
CA GLU B 368 -33.65 -16.31 14.24
C GLU B 368 -32.41 -15.53 13.81
N VAL B 369 -31.77 -14.86 14.79
CA VAL B 369 -30.66 -13.98 14.53
C VAL B 369 -29.58 -14.26 15.58
N LYS B 370 -28.37 -14.66 15.13
CA LYS B 370 -27.27 -14.95 16.04
C LYS B 370 -26.21 -13.85 15.92
N ILE B 371 -25.61 -13.51 17.08
CA ILE B 371 -24.58 -12.49 17.20
C ILE B 371 -23.23 -13.18 17.28
N LYS B 372 -22.42 -13.15 16.19
CA LYS B 372 -21.11 -13.80 16.20
C LYS B 372 -20.06 -12.77 16.65
N ARG B 373 -19.33 -13.07 17.74
CA ARG B 373 -18.40 -12.11 18.32
C ARG B 373 -17.08 -12.12 17.56
N PHE B 374 -16.50 -10.91 17.42
CA PHE B 374 -15.19 -10.73 16.80
C PHE B 374 -14.35 -9.81 17.67
N ASN B 375 -13.04 -9.73 17.36
CA ASN B 375 -12.13 -8.83 18.04
C ASN B 375 -12.08 -7.51 17.29
N HIS B 376 -12.17 -6.42 18.06
CA HIS B 376 -11.98 -5.08 17.54
C HIS B 376 -10.83 -5.13 16.53
N GLY B 377 -11.00 -4.45 15.39
CA GLY B 377 -9.93 -4.28 14.43
C GLY B 377 -9.82 -5.45 13.45
N GLU B 378 -10.60 -6.51 13.66
CA GLU B 378 -10.50 -7.69 12.80
C GLU B 378 -11.47 -7.56 11.62
N ILE B 379 -12.67 -6.99 11.84
CA ILE B 379 -13.59 -6.73 10.73
C ILE B 379 -13.19 -5.44 10.04
N LEU B 380 -12.89 -4.41 10.84
CA LEU B 380 -12.47 -3.12 10.36
C LEU B 380 -11.03 -2.84 10.80
N ASN B 381 -10.10 -2.96 9.84
CA ASN B 381 -8.66 -2.90 10.08
C ASN B 381 -8.26 -1.44 10.23
N ILE B 382 -7.90 -1.02 11.45
CA ILE B 382 -7.57 0.37 11.74
C ILE B 382 -6.25 0.74 11.07
N ASP B 383 -5.36 -0.25 10.91
CA ASP B 383 -4.02 -0.06 10.36
C ASP B 383 -4.11 0.34 8.89
N ASN B 384 -5.19 -0.04 8.19
CA ASN B 384 -5.43 0.35 6.81
C ASN B 384 -5.71 1.86 6.72
N LEU B 385 -6.29 2.46 7.78
CA LEU B 385 -6.83 3.81 7.78
C LEU B 385 -5.82 4.86 8.28
N ILE B 386 -4.74 4.42 8.94
CA ILE B 386 -3.84 5.33 9.65
C ILE B 386 -2.73 5.81 8.73
N GLU B 387 -2.57 5.17 7.56
CA GLU B 387 -1.57 5.59 6.58
C GLU B 387 -1.82 7.04 6.15
N ILE B 388 -0.72 7.78 5.98
CA ILE B 388 -0.75 9.09 5.33
C ILE B 388 0.11 9.01 4.06
N LYS B 389 -0.55 9.10 2.90
CA LYS B 389 0.12 9.14 1.61
C LYS B 389 0.76 10.53 1.47
N PRO B 390 2.09 10.63 1.20
CA PRO B 390 2.70 11.94 1.01
C PRO B 390 2.28 12.47 -0.36
N ILE B 391 1.79 13.71 -0.38
CA ILE B 391 1.39 14.36 -1.61
C ILE B 391 1.94 15.79 -1.59
N ALA B 392 2.25 16.30 -2.79
CA ALA B 392 2.74 17.65 -2.98
C ALA B 392 2.57 18.01 -4.46
N LYS B 393 3.04 19.19 -4.87
CA LYS B 393 3.03 19.55 -6.28
C LYS B 393 3.94 18.57 -7.04
N PRO B 394 3.98 18.60 -8.40
CA PRO B 394 4.94 17.77 -9.12
C PRO B 394 6.38 18.22 -8.83
N LYS B 395 7.33 17.27 -8.77
CA LYS B 395 8.72 17.53 -8.42
C LYS B 395 9.65 17.33 -9.62
N TYR B 396 9.83 18.38 -10.44
CA TYR B 396 10.44 18.27 -11.76
C TYR B 396 11.94 18.56 -11.77
N VAL B 397 12.45 19.28 -10.75
CA VAL B 397 13.84 19.68 -10.70
C VAL B 397 14.51 19.05 -9.48
N GLU B 398 15.45 18.12 -9.72
CA GLU B 398 16.15 17.37 -8.68
C GLU B 398 17.65 17.72 -8.68
N TYR B 399 18.16 18.14 -7.52
CA TYR B 399 19.59 18.27 -7.29
C TYR B 399 20.10 16.95 -6.73
N VAL B 400 21.09 16.38 -7.43
CA VAL B 400 21.56 15.03 -7.17
C VAL B 400 22.82 15.09 -6.31
N ASP B 401 22.65 14.66 -5.05
CA ASP B 401 23.73 14.36 -4.12
C ASP B 401 24.00 15.58 -3.24
N SER C 3 -20.35 -37.63 21.17
CA SER C 3 -20.01 -36.21 21.52
C SER C 3 -19.73 -35.38 20.27
N ASN C 4 -20.17 -35.89 19.10
CA ASN C 4 -19.70 -35.38 17.81
C ASN C 4 -20.42 -34.11 17.37
N SER C 5 -21.26 -33.53 18.23
CA SER C 5 -22.02 -32.35 17.88
C SER C 5 -21.08 -31.19 17.53
N GLN C 6 -19.97 -31.11 18.27
CA GLN C 6 -18.96 -30.10 18.05
C GLN C 6 -18.31 -30.33 16.70
N LEU C 7 -17.68 -31.51 16.55
CA LEU C 7 -16.96 -31.90 15.34
C LEU C 7 -17.81 -31.72 14.09
N ILE C 8 -19.10 -32.03 14.19
CA ILE C 8 -20.02 -31.91 13.07
C ILE C 8 -20.32 -30.42 12.83
N THR C 9 -20.43 -29.64 13.90
CA THR C 9 -20.60 -28.20 13.75
C THR C 9 -19.42 -27.65 12.95
N LYS C 10 -18.22 -28.16 13.26
CA LYS C 10 -16.98 -27.68 12.67
C LYS C 10 -16.92 -28.09 11.19
N LEU C 11 -17.14 -29.38 10.92
CA LEU C 11 -17.09 -29.86 9.55
C LEU C 11 -17.97 -28.96 8.68
N ASN C 12 -19.10 -28.52 9.24
CA ASN C 12 -20.07 -27.74 8.49
C ASN C 12 -19.55 -26.32 8.23
N SER C 13 -18.97 -25.71 9.26
CA SER C 13 -18.33 -24.41 9.10
C SER C 13 -17.33 -24.45 7.94
N ALA C 14 -16.46 -25.48 7.95
CA ALA C 14 -15.44 -25.67 6.95
C ALA C 14 -16.03 -25.63 5.54
N LEU C 15 -17.20 -26.29 5.38
CA LEU C 15 -17.90 -26.39 4.11
C LEU C 15 -18.46 -25.02 3.70
N GLN C 16 -18.97 -24.30 4.71
CA GLN C 16 -19.64 -23.04 4.47
C GLN C 16 -18.64 -22.00 3.98
N ILE C 17 -17.40 -22.07 4.51
CA ILE C 17 -16.32 -21.21 4.05
C ILE C 17 -15.88 -21.68 2.67
N ALA C 18 -15.51 -22.96 2.57
CA ALA C 18 -14.99 -23.55 1.36
C ALA C 18 -15.79 -23.12 0.14
N THR C 19 -17.11 -23.17 0.29
CA THR C 19 -18.04 -22.96 -0.82
C THR C 19 -18.14 -21.48 -1.16
N LYS C 20 -17.30 -20.65 -0.52
CA LYS C 20 -17.09 -19.31 -1.00
C LYS C 20 -16.37 -19.36 -2.34
N ALA C 21 -15.65 -20.48 -2.58
CA ALA C 21 -14.84 -20.64 -3.77
C ALA C 21 -15.55 -21.52 -4.79
N ASN C 22 -15.67 -21.01 -6.04
CA ASN C 22 -16.25 -21.75 -7.16
C ASN C 22 -15.87 -23.23 -7.14
N PHE C 23 -14.58 -23.52 -6.93
CA PHE C 23 -14.13 -24.90 -6.93
C PHE C 23 -15.03 -25.73 -6.02
N TYR C 24 -15.26 -25.26 -4.79
CA TYR C 24 -15.98 -26.04 -3.81
C TYR C 24 -17.51 -25.92 -3.99
N LYS C 25 -18.00 -24.78 -4.47
CA LYS C 25 -19.44 -24.54 -4.58
C LYS C 25 -20.07 -25.40 -5.69
N ASP C 26 -19.40 -25.48 -6.85
CA ASP C 26 -19.93 -26.22 -8.00
C ASP C 26 -19.83 -27.73 -7.81
N ARG C 27 -19.62 -28.22 -6.57
CA ARG C 27 -19.67 -29.63 -6.30
C ARG C 27 -20.00 -29.94 -4.84
N LEU C 28 -20.51 -28.95 -4.10
CA LEU C 28 -20.94 -29.15 -2.73
C LEU C 28 -22.10 -28.23 -2.36
N GLY C 29 -22.43 -27.26 -3.23
CA GLY C 29 -23.50 -26.30 -2.97
C GLY C 29 -23.60 -25.94 -1.48
N ASN C 30 -24.84 -25.78 -1.00
CA ASN C 30 -25.09 -25.44 0.40
C ASN C 30 -25.46 -26.69 1.21
N ILE C 31 -25.04 -27.86 0.72
CA ILE C 31 -25.41 -29.12 1.35
C ILE C 31 -24.83 -29.15 2.76
N GLU C 32 -25.71 -29.34 3.74
CA GLU C 32 -25.34 -29.55 5.13
C GLU C 32 -25.10 -31.03 5.33
N ILE C 33 -24.71 -31.41 6.54
CA ILE C 33 -24.52 -32.81 6.86
C ILE C 33 -24.88 -32.98 8.33
N LYS C 34 -25.23 -34.20 8.74
CA LYS C 34 -25.70 -34.42 10.09
C LYS C 34 -24.84 -35.46 10.80
N SER C 35 -23.82 -35.96 10.11
CA SER C 35 -23.04 -37.08 10.62
C SER C 35 -21.75 -37.25 9.83
N LEU C 36 -20.85 -38.07 10.40
CA LEU C 36 -19.57 -38.38 9.79
C LEU C 36 -19.79 -39.22 8.55
N ASP C 37 -20.85 -40.05 8.61
CA ASP C 37 -21.19 -40.98 7.55
C ASP C 37 -21.73 -40.21 6.35
N ASP C 38 -22.63 -39.27 6.62
CA ASP C 38 -23.09 -38.35 5.59
C ASP C 38 -21.94 -37.50 5.05
N PHE C 39 -20.95 -37.19 5.91
CA PHE C 39 -19.74 -36.52 5.47
C PHE C 39 -19.03 -37.42 4.46
N SER C 40 -18.82 -38.69 4.82
CA SER C 40 -18.03 -39.63 4.03
C SER C 40 -18.62 -39.86 2.64
N LYS C 41 -19.82 -39.32 2.41
CA LYS C 41 -20.46 -39.41 1.11
C LYS C 41 -19.96 -38.33 0.17
N LEU C 42 -19.25 -37.32 0.71
CA LEU C 42 -18.88 -36.16 -0.08
C LEU C 42 -17.64 -36.48 -0.92
N PRO C 43 -17.56 -35.86 -2.13
CA PRO C 43 -16.46 -36.12 -3.05
C PRO C 43 -15.11 -35.69 -2.49
N LEU C 44 -14.12 -36.60 -2.59
CA LEU C 44 -12.73 -36.32 -2.26
C LEU C 44 -12.20 -35.15 -3.10
N THR C 45 -11.18 -34.47 -2.52
CA THR C 45 -10.43 -33.43 -3.22
C THR C 45 -9.02 -33.96 -3.40
N THR C 46 -8.59 -34.00 -4.68
CA THR C 46 -7.36 -34.66 -5.08
C THR C 46 -6.30 -33.59 -5.30
N LYS C 47 -5.03 -34.03 -5.22
CA LYS C 47 -3.92 -33.19 -5.62
C LYS C 47 -4.15 -32.68 -7.03
N GLU C 48 -4.61 -33.55 -7.95
CA GLU C 48 -4.69 -33.23 -9.36
C GLU C 48 -5.84 -32.25 -9.61
N ASP C 49 -6.77 -32.20 -8.66
CA ASP C 49 -7.89 -31.26 -8.71
C ASP C 49 -7.37 -29.83 -8.51
N LEU C 50 -6.57 -29.63 -7.46
CA LEU C 50 -6.14 -28.32 -7.01
C LEU C 50 -5.18 -27.71 -8.03
N ARG C 51 -4.29 -28.53 -8.59
CA ARG C 51 -3.38 -28.16 -9.68
C ARG C 51 -4.09 -27.39 -10.79
N LYS C 52 -5.34 -27.74 -11.11
CA LYS C 52 -6.03 -27.11 -12.22
C LYS C 52 -6.52 -25.71 -11.83
N LEU C 53 -6.21 -25.27 -10.60
CA LEU C 53 -6.75 -24.04 -10.04
C LEU C 53 -5.73 -22.91 -10.15
N LYS C 54 -6.17 -21.80 -10.77
CA LYS C 54 -5.47 -20.54 -10.67
C LYS C 54 -5.40 -20.14 -9.19
N PRO C 55 -4.43 -19.29 -8.78
CA PRO C 55 -4.29 -18.97 -7.35
C PRO C 55 -5.45 -18.13 -6.82
N MET C 56 -6.16 -17.43 -7.71
CA MET C 56 -7.35 -16.69 -7.32
C MET C 56 -8.56 -17.62 -7.16
N GLU C 57 -8.51 -18.82 -7.76
CA GLU C 57 -9.57 -19.82 -7.62
C GLU C 57 -9.35 -20.68 -6.38
N ALA C 58 -8.28 -20.43 -5.64
CA ALA C 58 -7.96 -21.25 -4.49
C ALA C 58 -8.00 -20.37 -3.24
N LEU C 59 -9.11 -19.68 -3.08
CA LEU C 59 -9.19 -18.52 -2.21
C LEU C 59 -10.62 -18.25 -1.75
N THR C 60 -10.78 -18.10 -0.43
CA THR C 60 -12.07 -17.88 0.21
C THR C 60 -12.08 -16.56 1.00
N VAL C 61 -11.02 -15.73 0.87
CA VAL C 61 -10.87 -14.52 1.64
C VAL C 61 -10.52 -13.39 0.68
N ASP C 62 -10.53 -12.17 1.21
CA ASP C 62 -10.18 -10.98 0.44
C ASP C 62 -8.66 -10.82 0.37
N ILE C 63 -8.22 -10.08 -0.65
CA ILE C 63 -6.80 -9.78 -0.87
C ILE C 63 -6.18 -9.37 0.48
N GLU C 64 -6.85 -8.44 1.16
CA GLU C 64 -6.41 -7.91 2.45
C GLU C 64 -5.84 -9.02 3.33
N ASP C 65 -6.68 -10.00 3.63
CA ASP C 65 -6.41 -10.92 4.73
C ASP C 65 -5.24 -11.86 4.40
N LEU C 66 -4.84 -11.86 3.12
CA LEU C 66 -3.67 -12.60 2.68
C LEU C 66 -2.41 -12.10 3.40
N PHE C 67 -1.53 -13.06 3.74
CA PHE C 67 -0.42 -12.84 4.65
C PHE C 67 0.84 -13.57 4.17
N GLN C 68 0.71 -14.87 3.90
CA GLN C 68 1.79 -15.64 3.31
C GLN C 68 1.33 -16.27 2.00
N TYR C 69 2.26 -16.94 1.30
CA TYR C 69 1.93 -17.76 0.13
C TYR C 69 2.88 -18.95 0.11
N HIS C 70 2.46 -20.07 -0.48
CA HIS C 70 3.31 -21.24 -0.53
C HIS C 70 2.96 -22.13 -1.71
N GLU C 71 3.79 -23.16 -1.97
CA GLU C 71 3.58 -24.13 -3.03
C GLU C 71 4.30 -25.45 -2.75
N SER C 72 3.95 -26.42 -3.60
CA SER C 72 4.81 -27.54 -3.96
C SER C 72 6.20 -26.97 -4.22
N PHE C 73 7.21 -27.52 -3.51
CA PHE C 73 8.59 -27.09 -3.72
C PHE C 73 9.10 -27.69 -5.02
N GLY C 74 8.71 -28.93 -5.31
CA GLY C 74 9.11 -29.62 -6.54
C GLY C 74 8.71 -28.86 -7.80
N THR C 75 9.65 -28.77 -8.76
CA THR C 75 9.44 -28.08 -10.03
C THR C 75 8.84 -29.05 -11.05
N THR C 76 8.72 -30.34 -10.67
CA THR C 76 8.22 -31.41 -11.53
C THR C 76 6.76 -31.70 -11.21
N GLY C 77 5.88 -31.17 -12.08
CA GLY C 77 4.44 -31.23 -11.90
C GLY C 77 3.88 -29.86 -11.55
N GLU C 78 2.83 -29.42 -12.26
CA GLU C 78 2.13 -28.18 -11.95
C GLU C 78 1.94 -28.09 -10.43
N PRO C 79 2.05 -26.91 -9.80
CA PRO C 79 2.02 -26.80 -8.34
C PRO C 79 0.71 -26.25 -7.74
N VAL C 80 0.57 -26.32 -6.43
CA VAL C 80 -0.68 -26.05 -5.74
C VAL C 80 -0.55 -24.78 -4.90
N SER C 81 -1.26 -23.72 -5.31
CA SER C 81 -1.37 -22.48 -4.56
C SER C 81 -1.96 -22.73 -3.17
N THR C 82 -1.33 -22.17 -2.13
CA THR C 82 -1.81 -22.29 -0.76
C THR C 82 -1.66 -20.94 -0.03
N TRP C 83 -2.61 -20.01 -0.24
CA TRP C 83 -2.65 -18.80 0.56
C TRP C 83 -2.84 -19.16 2.04
N LEU C 84 -2.43 -18.24 2.91
CA LEU C 84 -2.69 -18.32 4.35
C LEU C 84 -2.99 -16.92 4.88
N THR C 85 -3.87 -16.83 5.87
CA THR C 85 -4.02 -15.61 6.63
C THR C 85 -3.15 -15.75 7.87
N GLU C 86 -2.96 -14.64 8.59
CA GLU C 86 -2.12 -14.63 9.77
C GLU C 86 -2.55 -15.75 10.74
N LYS C 87 -3.88 -15.79 10.98
CA LYS C 87 -4.51 -16.79 11.84
C LYS C 87 -4.10 -18.19 11.39
N ASP C 88 -4.20 -18.43 10.07
CA ASP C 88 -3.96 -19.75 9.49
C ASP C 88 -2.50 -20.15 9.69
N PHE C 89 -1.61 -19.23 9.30
CA PHE C 89 -0.18 -19.42 9.52
C PHE C 89 0.05 -19.75 10.99
N ASN C 90 -0.56 -18.95 11.88
CA ASN C 90 -0.31 -19.11 13.31
C ASN C 90 -0.86 -20.44 13.82
N ALA C 91 -1.93 -20.91 13.18
CA ALA C 91 -2.50 -22.21 13.47
C ALA C 91 -1.50 -23.32 13.15
N TYR C 92 -0.97 -23.29 11.91
CA TYR C 92 0.05 -24.24 11.47
C TYR C 92 1.10 -24.37 12.56
N GLY C 93 1.66 -23.24 12.98
CA GLY C 93 2.70 -23.23 13.98
C GLY C 93 2.26 -23.93 15.27
N ASP C 94 1.10 -23.52 15.77
CA ASP C 94 0.57 -24.04 17.01
C ASP C 94 0.49 -25.57 16.95
N GLN C 95 0.20 -26.08 15.73
CA GLN C 95 0.08 -27.52 15.47
C GLN C 95 1.42 -28.24 15.75
N LEU C 96 2.53 -27.54 15.45
CA LEU C 96 3.87 -28.07 15.68
C LEU C 96 4.13 -28.13 17.18
N ASN C 97 3.58 -27.15 17.91
CA ASN C 97 3.80 -27.04 19.34
C ASN C 97 2.87 -27.96 20.14
N GLU C 98 1.76 -28.38 19.50
CA GLU C 98 0.68 -29.13 20.15
C GLU C 98 1.20 -30.44 20.73
N PHE C 99 2.04 -31.13 19.95
CA PHE C 99 2.83 -32.23 20.48
C PHE C 99 4.30 -31.89 20.22
N GLY C 100 5.05 -32.86 19.71
CA GLY C 100 6.43 -32.62 19.33
C GLY C 100 7.30 -32.43 20.56
N VAL C 101 8.49 -31.85 20.33
CA VAL C 101 9.40 -31.53 21.40
C VAL C 101 8.92 -30.28 22.12
N ASN C 102 9.30 -30.12 23.41
CA ASN C 102 8.95 -28.95 24.19
C ASN C 102 10.05 -27.89 24.05
N PHE C 103 9.79 -26.87 23.23
CA PHE C 103 10.74 -25.79 23.01
C PHE C 103 10.78 -24.89 24.24
N LYS C 104 11.99 -24.73 24.78
CA LYS C 104 12.28 -23.80 25.87
C LYS C 104 12.93 -22.55 25.30
N SER C 105 12.91 -21.46 26.08
CA SER C 105 13.53 -20.19 25.68
C SER C 105 15.06 -20.31 25.62
N THR C 106 15.60 -21.22 26.42
CA THR C 106 17.03 -21.49 26.45
C THR C 106 17.48 -22.35 25.26
N ASP C 107 16.59 -22.58 24.28
CA ASP C 107 16.92 -23.43 23.15
C ASP C 107 17.44 -22.62 21.97
N ILE C 108 18.48 -23.18 21.34
CA ILE C 108 19.03 -22.66 20.10
C ILE C 108 18.86 -23.75 19.04
N VAL C 109 18.17 -23.40 17.95
CA VAL C 109 17.62 -24.39 17.05
C VAL C 109 18.16 -24.10 15.64
N LEU C 110 18.90 -25.08 15.11
CA LEU C 110 19.33 -25.06 13.73
C LEU C 110 18.20 -25.58 12.84
N ASN C 111 17.68 -24.69 12.00
CA ASN C 111 16.52 -24.94 11.17
C ASN C 111 16.96 -25.24 9.75
N ARG C 112 17.06 -26.53 9.43
CA ARG C 112 17.54 -27.00 8.14
C ARG C 112 16.39 -27.36 7.21
N PHE C 113 15.29 -26.60 7.24
CA PHE C 113 14.22 -26.76 6.26
C PHE C 113 14.29 -25.58 5.29
N PRO C 114 13.92 -25.75 4.00
CA PRO C 114 14.01 -24.66 3.03
C PRO C 114 12.99 -23.55 3.22
N TYR C 115 13.47 -22.33 3.45
CA TYR C 115 12.62 -21.15 3.52
C TYR C 115 12.16 -20.75 2.11
N ALA C 116 12.66 -21.42 1.09
CA ALA C 116 12.24 -21.09 -0.27
C ALA C 116 10.94 -21.82 -0.57
N ILE C 117 9.84 -21.07 -0.55
CA ILE C 117 8.51 -21.47 -1.03
C ILE C 117 7.83 -22.55 -0.16
N SER C 118 8.56 -23.56 0.32
CA SER C 118 8.02 -24.53 1.27
C SER C 118 7.50 -23.82 2.53
N VAL C 119 6.75 -24.52 3.38
CA VAL C 119 6.27 -23.90 4.59
C VAL C 119 6.98 -24.44 5.84
N PRO C 120 7.35 -25.74 5.98
CA PRO C 120 7.86 -26.23 7.27
C PRO C 120 8.93 -25.34 7.92
N ALA C 121 9.78 -24.71 7.11
CA ALA C 121 10.78 -23.79 7.62
C ALA C 121 10.12 -22.65 8.38
N HIS C 122 9.15 -21.99 7.74
CA HIS C 122 8.49 -20.81 8.29
C HIS C 122 7.64 -21.10 9.53
N ILE C 123 6.91 -22.22 9.56
CA ILE C 123 6.00 -22.44 10.67
C ILE C 123 6.75 -22.99 11.89
N PHE C 124 7.86 -23.70 11.65
CA PHE C 124 8.74 -24.11 12.74
C PHE C 124 9.34 -22.87 13.42
N THR C 125 9.71 -21.87 12.60
CA THR C 125 10.20 -20.61 13.14
C THR C 125 9.12 -20.03 14.04
N ASN C 126 7.92 -19.92 13.49
CA ASN C 126 6.78 -19.40 14.20
C ASN C 126 6.66 -20.09 15.55
N ALA C 127 6.71 -21.41 15.54
CA ALA C 127 6.52 -22.20 16.74
C ALA C 127 7.60 -21.90 17.77
N ILE C 128 8.85 -21.86 17.27
CA ILE C 128 10.03 -21.77 18.12
C ILE C 128 10.04 -20.40 18.80
N HIS C 129 9.87 -19.33 18.01
CA HIS C 129 9.75 -17.98 18.54
C HIS C 129 8.71 -17.98 19.65
N LYS C 130 7.57 -18.63 19.42
CA LYS C 130 6.48 -18.66 20.37
C LYS C 130 6.96 -19.11 21.76
N LYS C 131 7.92 -20.04 21.82
CA LYS C 131 8.37 -20.52 23.12
C LYS C 131 9.60 -19.74 23.60
N GLY C 132 10.01 -18.70 22.85
CA GLY C 132 11.12 -17.85 23.25
C GLY C 132 12.51 -18.45 22.97
N ALA C 133 12.57 -19.45 22.08
CA ALA C 133 13.83 -20.07 21.70
C ALA C 133 14.37 -19.39 20.44
N CYS C 134 15.65 -19.67 20.12
CA CYS C 134 16.33 -18.97 19.04
C CYS C 134 16.40 -19.84 17.78
N VAL C 135 16.13 -19.21 16.63
CA VAL C 135 16.21 -19.86 15.33
C VAL C 135 17.51 -19.48 14.64
N ILE C 136 18.25 -20.50 14.19
CA ILE C 136 19.35 -20.27 13.25
C ILE C 136 18.85 -20.58 11.85
N PRO C 137 18.47 -19.56 11.04
CA PRO C 137 17.90 -19.80 9.71
C PRO C 137 18.90 -20.24 8.65
N VAL C 138 19.34 -21.51 8.77
CA VAL C 138 20.28 -22.10 7.83
C VAL C 138 19.61 -22.35 6.46
N SER C 139 18.33 -22.74 6.46
CA SER C 139 17.61 -23.06 5.24
C SER C 139 18.12 -24.37 4.63
N LYS C 140 17.79 -24.61 3.35
CA LYS C 140 18.19 -25.79 2.62
C LYS C 140 18.03 -25.57 1.12
N ALA C 141 18.92 -26.25 0.37
CA ALA C 141 19.02 -26.14 -1.06
C ALA C 141 19.49 -24.76 -1.49
N SER C 142 20.28 -24.09 -0.64
CA SER C 142 20.81 -22.74 -0.92
C SER C 142 22.33 -22.80 -1.04
N ALA C 143 22.86 -22.19 -2.10
CA ALA C 143 24.29 -22.01 -2.28
C ALA C 143 24.90 -21.62 -0.93
N ILE C 144 24.23 -20.70 -0.23
CA ILE C 144 24.68 -20.10 1.01
C ILE C 144 25.03 -21.13 2.09
N SER C 145 24.31 -22.26 2.18
CA SER C 145 24.41 -23.08 3.38
C SER C 145 24.60 -24.56 3.05
N PRO C 146 25.68 -24.95 2.33
CA PRO C 146 25.97 -26.37 2.12
C PRO C 146 26.36 -27.03 3.45
N LEU C 147 26.51 -28.35 3.39
CA LEU C 147 26.50 -29.16 4.59
C LEU C 147 27.78 -28.92 5.40
N LYS C 148 28.89 -28.61 4.70
CA LYS C 148 30.17 -28.34 5.37
C LYS C 148 30.00 -27.18 6.35
N ARG C 149 29.40 -26.08 5.86
CA ARG C 149 29.11 -24.90 6.66
C ARG C 149 28.18 -25.26 7.82
N VAL C 150 27.16 -26.09 7.55
CA VAL C 150 26.19 -26.46 8.56
C VAL C 150 26.91 -27.23 9.66
N ALA C 151 27.82 -28.12 9.26
CA ALA C 151 28.63 -28.86 10.20
C ALA C 151 29.47 -27.90 11.05
N ASN C 152 30.06 -26.87 10.43
CA ASN C 152 30.89 -25.92 11.17
C ASN C 152 29.98 -25.09 12.08
N LEU C 153 28.80 -24.71 11.55
CA LEU C 153 27.82 -23.93 12.30
C LEU C 153 27.41 -24.65 13.59
N ILE C 154 27.22 -25.97 13.52
CA ILE C 154 26.86 -26.72 14.70
C ILE C 154 28.04 -26.74 15.67
N TYR C 155 29.27 -26.90 15.14
CA TYR C 155 30.48 -27.00 15.97
C TYR C 155 30.63 -25.69 16.72
N LYS C 156 30.45 -24.59 15.98
CA LYS C 156 30.60 -23.24 16.49
C LYS C 156 29.47 -22.87 17.46
N LEU C 157 28.19 -23.00 17.04
CA LEU C 157 27.06 -22.43 17.78
C LEU C 157 26.53 -23.40 18.83
N ARG C 158 26.96 -24.66 18.77
CA ARG C 158 26.50 -25.74 19.66
C ARG C 158 24.99 -25.78 19.86
N PRO C 159 24.13 -25.75 18.80
CA PRO C 159 22.70 -25.61 19.02
C PRO C 159 22.14 -26.84 19.74
N SER C 160 20.95 -26.68 20.34
CA SER C 160 20.35 -27.68 21.21
C SER C 160 19.35 -28.56 20.45
N ILE C 161 18.94 -28.10 19.26
CA ILE C 161 17.98 -28.82 18.43
C ILE C 161 18.29 -28.61 16.94
N LEU C 162 18.36 -29.74 16.20
CA LEU C 162 18.45 -29.77 14.75
C LEU C 162 17.08 -30.10 14.18
N THR C 163 16.77 -29.50 13.02
CA THR C 163 15.55 -29.78 12.32
C THR C 163 15.89 -29.90 10.85
N GLY C 164 15.41 -30.97 10.21
CA GLY C 164 15.66 -31.24 8.81
C GLY C 164 15.05 -32.56 8.40
N ILE C 165 14.67 -32.68 7.13
CA ILE C 165 14.16 -33.93 6.59
C ILE C 165 15.18 -35.04 6.86
N PRO C 166 14.77 -36.23 7.40
CA PRO C 166 15.73 -37.24 7.86
C PRO C 166 16.85 -37.62 6.89
N ASP C 167 16.56 -37.45 5.60
CA ASP C 167 17.47 -37.68 4.49
C ASP C 167 18.70 -36.81 4.64
N GLU C 168 18.47 -35.49 4.68
CA GLU C 168 19.51 -34.48 4.81
C GLU C 168 20.27 -34.70 6.11
N LEU C 169 19.56 -35.02 7.19
CA LEU C 169 20.19 -35.17 8.48
C LEU C 169 21.16 -36.34 8.47
N ILE C 170 20.87 -37.36 7.64
CA ILE C 170 21.76 -38.50 7.54
C ILE C 170 23.03 -38.07 6.83
N LYS C 171 22.89 -37.23 5.80
CA LYS C 171 24.01 -36.71 5.02
C LYS C 171 24.86 -35.74 5.85
N LEU C 172 24.19 -34.82 6.56
CA LEU C 172 24.85 -33.91 7.48
C LEU C 172 25.85 -34.68 8.34
N ASN C 173 25.41 -35.78 8.94
CA ASN C 173 26.26 -36.58 9.81
C ASN C 173 27.39 -37.21 9.02
N LYS C 174 27.20 -37.45 7.71
CA LYS C 174 28.23 -38.07 6.89
C LYS C 174 29.32 -37.05 6.57
N VAL C 175 28.89 -35.90 6.04
CA VAL C 175 29.79 -34.80 5.73
C VAL C 175 30.62 -34.45 6.96
N ALA C 176 29.95 -34.33 8.11
CA ALA C 176 30.59 -33.92 9.34
C ALA C 176 31.60 -34.96 9.81
N LYS C 177 31.29 -36.26 9.61
CA LYS C 177 32.15 -37.33 10.09
C LYS C 177 33.40 -37.39 9.21
N PHE C 178 33.25 -36.97 7.94
CA PHE C 178 34.37 -36.89 6.99
C PHE C 178 35.23 -35.66 7.31
N MET C 179 34.67 -34.68 8.03
CA MET C 179 35.40 -33.53 8.56
C MET C 179 35.97 -33.84 9.95
N ASP C 180 35.96 -35.12 10.36
CA ASP C 180 36.47 -35.56 11.67
C ASP C 180 35.68 -34.94 12.82
N ILE C 181 34.36 -34.73 12.63
CA ILE C 181 33.49 -34.13 13.63
C ILE C 181 32.37 -35.11 13.99
N SER C 182 32.34 -35.55 15.25
CA SER C 182 31.20 -36.29 15.76
C SER C 182 30.19 -35.33 16.39
N LEU C 183 29.15 -34.99 15.63
CA LEU C 183 28.08 -34.12 16.10
C LEU C 183 27.47 -34.64 17.40
N LYS C 184 27.54 -35.98 17.60
CA LYS C 184 26.95 -36.61 18.77
C LYS C 184 27.77 -36.28 20.02
N ASP C 185 29.09 -36.19 19.88
CA ASP C 185 29.98 -36.06 21.02
C ASP C 185 30.14 -34.59 21.42
N LEU C 186 29.69 -33.66 20.57
CA LEU C 186 29.56 -32.27 20.98
C LEU C 186 28.82 -32.18 22.31
N GLY C 187 27.80 -33.04 22.50
CA GLY C 187 27.03 -33.08 23.74
C GLY C 187 26.07 -31.89 23.86
N CYS C 188 25.60 -31.36 22.73
CA CYS C 188 24.81 -30.14 22.75
C CYS C 188 23.43 -30.33 22.14
N ILE C 189 23.22 -31.44 21.42
CA ILE C 189 21.97 -31.71 20.72
C ILE C 189 21.14 -32.67 21.58
N ARG C 190 19.98 -32.20 22.06
CA ARG C 190 19.12 -32.99 22.93
C ARG C 190 17.94 -33.55 22.18
N ALA C 191 17.69 -33.04 20.96
CA ALA C 191 16.45 -33.34 20.26
C ALA C 191 16.57 -33.00 18.78
N ILE C 192 15.77 -33.71 17.97
CA ILE C 192 15.78 -33.60 16.52
C ILE C 192 14.33 -33.42 16.09
N CYS C 193 14.11 -32.75 14.96
CA CYS C 193 12.77 -32.54 14.45
C CYS C 193 12.78 -32.90 12.97
N THR C 194 12.36 -34.14 12.67
CA THR C 194 12.22 -34.66 11.32
C THR C 194 10.86 -34.25 10.78
N ALA C 195 10.79 -34.04 9.45
CA ALA C 195 9.53 -33.81 8.76
C ALA C 195 9.74 -33.85 7.25
N GLY C 196 8.67 -34.05 6.50
CA GLY C 196 8.70 -33.95 5.05
C GLY C 196 8.78 -35.31 4.37
N GLU C 197 9.09 -36.37 5.15
CA GLU C 197 9.14 -37.73 4.62
C GLU C 197 8.82 -38.70 5.77
N MET C 198 8.30 -39.88 5.39
CA MET C 198 7.79 -40.83 6.36
C MET C 198 8.95 -41.44 7.11
N LEU C 199 8.75 -41.72 8.39
CA LEU C 199 9.82 -42.20 9.26
C LEU C 199 9.36 -43.45 10.01
N SER C 200 9.93 -44.58 9.61
CA SER C 200 9.81 -45.85 10.34
C SER C 200 10.34 -45.71 11.76
N GLU C 201 9.89 -46.57 12.67
CA GLU C 201 10.45 -46.63 14.02
C GLU C 201 11.89 -47.14 13.93
N GLY C 202 12.20 -47.93 12.89
CA GLY C 202 13.54 -48.42 12.68
C GLY C 202 14.52 -47.34 12.26
N ARG C 203 14.08 -46.42 11.39
CA ARG C 203 14.94 -45.34 10.91
C ARG C 203 15.03 -44.25 11.97
N LYS C 204 13.93 -44.00 12.69
CA LYS C 204 13.92 -43.11 13.84
C LYS C 204 14.97 -43.57 14.87
N ALA C 205 15.01 -44.89 15.17
CA ALA C 205 15.98 -45.42 16.12
C ALA C 205 17.40 -45.30 15.59
N LYS C 206 17.53 -45.31 14.25
CA LYS C 206 18.83 -45.14 13.61
C LYS C 206 19.31 -43.71 13.90
N LEU C 207 18.46 -42.71 13.57
CA LEU C 207 18.72 -41.29 13.79
C LEU C 207 19.12 -41.03 15.25
N GLU C 208 18.44 -41.66 16.19
CA GLU C 208 18.70 -41.46 17.60
C GLU C 208 20.10 -41.98 17.98
N SER C 209 20.53 -43.06 17.34
CA SER C 209 21.84 -43.65 17.64
C SER C 209 22.96 -42.77 17.07
N ILE C 210 22.69 -42.13 15.93
CA ILE C 210 23.68 -41.29 15.25
C ILE C 210 23.91 -40.01 16.06
N PHE C 211 22.81 -39.30 16.36
CA PHE C 211 22.88 -37.98 16.99
C PHE C 211 22.87 -38.08 18.52
N GLY C 212 22.55 -39.26 19.08
CA GLY C 212 22.45 -39.44 20.52
C GLY C 212 21.34 -38.59 21.13
N ALA C 213 20.32 -38.22 20.31
CA ALA C 213 19.23 -37.34 20.74
C ALA C 213 17.89 -38.05 20.54
N LYS C 214 16.85 -37.56 21.23
CA LYS C 214 15.50 -38.08 21.04
C LYS C 214 14.95 -37.49 19.74
N VAL C 215 14.17 -38.28 19.00
CA VAL C 215 13.60 -37.77 17.77
C VAL C 215 12.11 -37.49 18.00
N TYR C 216 11.66 -36.39 17.39
CA TYR C 216 10.26 -36.03 17.31
C TYR C 216 9.97 -35.88 15.82
N ASN C 217 8.97 -36.60 15.32
CA ASN C 217 8.61 -36.54 13.91
C ASN C 217 7.30 -35.76 13.78
N TYR C 218 7.19 -35.06 12.66
CA TYR C 218 6.11 -34.15 12.41
C TYR C 218 5.57 -34.48 11.02
N TYR C 219 4.27 -34.79 10.96
CA TYR C 219 3.61 -35.19 9.72
C TYR C 219 2.67 -34.08 9.26
N GLY C 220 2.96 -33.47 8.10
CA GLY C 220 2.16 -32.34 7.63
C GLY C 220 2.25 -32.14 6.11
N CYS C 221 1.57 -31.12 5.59
CA CYS C 221 1.72 -30.77 4.19
C CYS C 221 1.25 -29.33 3.95
N THR C 222 1.74 -28.75 2.84
CA THR C 222 1.59 -27.33 2.54
C THR C 222 0.12 -26.91 2.58
N GLU C 223 -0.77 -27.74 2.04
CA GLU C 223 -2.15 -27.35 1.82
C GLU C 223 -2.94 -27.40 3.12
N CYS C 224 -2.51 -28.27 4.05
CA CYS C 224 -3.24 -28.55 5.28
C CYS C 224 -2.71 -27.78 6.49
N GLY C 225 -1.38 -27.84 6.69
CA GLY C 225 -0.77 -27.55 7.98
C GLY C 225 0.01 -28.78 8.44
N ASN C 226 0.08 -29.00 9.75
CA ASN C 226 0.78 -30.14 10.30
C ASN C 226 -0.17 -31.00 11.12
N MET C 227 -0.57 -32.11 10.49
CA MET C 227 -1.66 -32.95 10.93
C MET C 227 -1.31 -33.76 12.18
N ALA C 228 -0.02 -34.02 12.44
CA ALA C 228 0.34 -34.87 13.56
C ALA C 228 1.82 -34.76 13.94
N ALA C 229 2.14 -35.15 15.18
CA ALA C 229 3.51 -35.13 15.66
C ALA C 229 3.72 -36.06 16.86
N SER C 230 4.99 -36.42 17.10
CA SER C 230 5.36 -37.46 18.06
C SER C 230 5.12 -37.04 19.50
N CYS C 231 4.80 -38.02 20.34
CA CYS C 231 4.79 -37.84 21.78
C CYS C 231 6.15 -38.25 22.33
N ASP C 232 6.31 -38.12 23.64
CA ASP C 232 7.49 -38.61 24.34
C ASP C 232 7.63 -40.12 24.13
N GLU C 233 6.50 -40.82 23.96
CA GLU C 233 6.49 -42.27 23.85
C GLU C 233 6.97 -42.68 22.45
N GLY C 234 6.70 -41.83 21.45
CA GLY C 234 7.23 -42.03 20.11
C GLY C 234 6.16 -41.99 19.02
N HIS C 235 4.88 -42.07 19.43
CA HIS C 235 3.77 -42.21 18.49
C HIS C 235 3.26 -40.82 18.08
N LEU C 236 2.98 -40.67 16.77
CA LEU C 236 2.28 -39.50 16.26
C LEU C 236 0.95 -39.39 17.00
N HIS C 237 0.42 -38.17 17.09
CA HIS C 237 -0.94 -37.91 17.52
C HIS C 237 -1.58 -36.91 16.57
N ILE C 238 -2.90 -36.94 16.46
CA ILE C 238 -3.53 -36.14 15.44
C ILE C 238 -3.91 -34.80 16.03
N SER C 239 -3.64 -33.75 15.27
CA SER C 239 -3.94 -32.41 15.75
C SER C 239 -5.46 -32.23 15.80
N LYS C 240 -5.88 -31.47 16.82
CA LYS C 240 -7.25 -31.07 17.03
C LYS C 240 -7.80 -30.25 15.86
N ASP C 241 -6.94 -29.73 14.99
CA ASP C 241 -7.38 -28.83 13.94
C ASP C 241 -7.74 -29.59 12.66
N PHE C 242 -7.86 -30.93 12.77
CA PHE C 242 -8.11 -31.76 11.61
C PHE C 242 -9.04 -32.93 11.91
N TYR C 243 -9.83 -33.30 10.89
CA TYR C 243 -10.58 -34.55 10.88
C TYR C 243 -9.92 -35.51 9.88
N VAL C 244 -9.42 -36.64 10.40
CA VAL C 244 -8.67 -37.62 9.61
C VAL C 244 -9.54 -38.87 9.43
N GLU C 245 -9.66 -39.31 8.16
CA GLU C 245 -10.38 -40.53 7.80
C GLU C 245 -9.39 -41.51 7.15
N ILE C 246 -9.60 -42.81 7.39
CA ILE C 246 -8.88 -43.88 6.71
C ILE C 246 -9.83 -44.63 5.77
N LEU C 247 -9.61 -44.49 4.45
CA LEU C 247 -10.46 -45.09 3.43
C LEU C 247 -9.83 -46.34 2.81
N ASP C 248 -10.64 -47.21 2.23
CA ASP C 248 -10.16 -48.37 1.49
C ASP C 248 -9.67 -47.92 0.11
N PRO C 249 -8.44 -48.32 -0.30
CA PRO C 249 -7.88 -47.93 -1.60
C PRO C 249 -8.81 -48.09 -2.80
N VAL C 250 -9.66 -49.12 -2.77
CA VAL C 250 -10.49 -49.50 -3.91
C VAL C 250 -11.90 -48.94 -3.72
N THR C 251 -12.58 -49.35 -2.64
CA THR C 251 -13.97 -48.97 -2.43
C THR C 251 -14.06 -47.46 -2.26
N LEU C 252 -13.13 -46.89 -1.49
CA LEU C 252 -13.09 -45.50 -1.09
C LEU C 252 -14.16 -45.27 -0.03
N LYS C 253 -14.30 -46.23 0.88
CA LYS C 253 -15.29 -46.08 1.95
C LYS C 253 -14.55 -46.19 3.26
N PRO C 254 -15.00 -45.51 4.33
CA PRO C 254 -14.41 -45.70 5.66
C PRO C 254 -14.03 -47.17 5.83
N VAL C 255 -12.86 -47.47 6.37
CA VAL C 255 -12.55 -48.84 6.72
C VAL C 255 -13.08 -49.08 8.14
N LYS C 256 -13.26 -50.35 8.52
CA LYS C 256 -13.68 -50.71 9.86
C LYS C 256 -12.48 -50.59 10.81
N GLU C 257 -11.30 -51.07 10.36
CA GLU C 257 -10.02 -50.82 10.99
C GLU C 257 -8.88 -51.19 10.03
N GLY C 258 -7.62 -50.96 10.45
CA GLY C 258 -6.43 -51.27 9.66
C GLY C 258 -6.06 -50.12 8.72
N LYS C 259 -5.13 -50.40 7.80
CA LYS C 259 -4.53 -49.41 6.93
C LYS C 259 -5.54 -48.88 5.91
N GLY C 260 -5.24 -47.73 5.29
CA GLY C 260 -6.07 -47.18 4.22
C GLY C 260 -5.56 -45.82 3.75
N LYS C 261 -6.13 -45.32 2.65
CA LYS C 261 -5.86 -43.96 2.18
C LYS C 261 -6.19 -42.96 3.27
N ILE C 262 -5.33 -41.92 3.40
CA ILE C 262 -5.47 -40.93 4.45
C ILE C 262 -6.09 -39.68 3.83
N ILE C 263 -7.35 -39.38 4.23
CA ILE C 263 -8.05 -38.18 3.84
C ILE C 263 -8.14 -37.24 5.04
N VAL C 264 -8.00 -35.94 4.77
CA VAL C 264 -7.99 -34.95 5.84
C VAL C 264 -8.93 -33.82 5.46
N THR C 265 -9.59 -33.29 6.49
CA THR C 265 -10.32 -32.05 6.35
C THR C 265 -9.76 -31.05 7.36
N THR C 266 -9.58 -29.81 6.89
CA THR C 266 -9.12 -28.70 7.71
C THR C 266 -10.27 -28.21 8.59
N LEU C 267 -10.05 -28.28 9.91
CA LEU C 267 -10.98 -27.67 10.85
C LEU C 267 -10.67 -26.18 11.01
N ASN C 268 -9.45 -25.74 10.70
CA ASN C 268 -8.98 -24.44 11.14
C ASN C 268 -8.08 -23.77 10.11
N LYS C 269 -8.60 -23.60 8.89
CA LYS C 269 -7.87 -22.92 7.83
C LYS C 269 -8.91 -22.30 6.91
N GLU C 270 -8.83 -20.98 6.71
CA GLU C 270 -9.95 -20.25 6.16
C GLU C 270 -9.64 -19.70 4.76
N ALA C 271 -8.38 -19.71 4.35
CA ALA C 271 -8.05 -19.08 3.07
C ALA C 271 -8.59 -19.94 1.93
N PHE C 272 -8.48 -21.26 2.12
CA PHE C 272 -8.99 -22.25 1.17
C PHE C 272 -8.91 -23.61 1.83
N PRO C 273 -9.99 -24.04 2.54
CA PRO C 273 -9.96 -25.22 3.39
C PRO C 273 -9.85 -26.51 2.58
N MET C 274 -9.19 -27.51 3.17
CA MET C 274 -9.11 -28.82 2.55
C MET C 274 -10.31 -29.66 3.01
N ILE C 275 -11.27 -29.83 2.08
CA ILE C 275 -12.43 -30.69 2.27
C ILE C 275 -12.12 -32.06 1.67
N ARG C 276 -12.03 -33.05 2.56
CA ARG C 276 -11.72 -34.40 2.15
C ARG C 276 -10.57 -34.39 1.13
N TYR C 277 -9.35 -34.18 1.64
CA TYR C 277 -8.23 -34.04 0.74
C TYR C 277 -7.46 -35.35 0.73
N ASP C 278 -7.16 -35.85 -0.48
CA ASP C 278 -6.42 -37.08 -0.63
C ASP C 278 -4.93 -36.80 -0.55
N LEU C 279 -4.32 -37.09 0.62
CA LEU C 279 -2.89 -36.92 0.80
C LEU C 279 -2.12 -37.87 -0.13
N GLY C 280 -2.71 -39.03 -0.44
CA GLY C 280 -2.03 -40.03 -1.23
C GLY C 280 -1.06 -40.85 -0.39
N ASP C 281 -1.32 -40.90 0.92
CA ASP C 281 -0.51 -41.67 1.84
C ASP C 281 -1.30 -42.89 2.28
N ILE C 282 -0.67 -43.77 3.06
CA ILE C 282 -1.28 -44.96 3.64
C ILE C 282 -1.06 -44.88 5.14
N GLY C 283 -2.09 -45.20 5.93
CA GLY C 283 -1.93 -45.27 7.38
C GLY C 283 -3.21 -45.71 8.08
N GLU C 284 -3.16 -45.63 9.41
CA GLU C 284 -4.24 -46.12 10.27
C GLU C 284 -4.28 -45.31 11.58
N ILE C 285 -5.52 -45.00 12.02
CA ILE C 285 -5.75 -44.39 13.31
C ILE C 285 -5.96 -45.49 14.34
N LYS C 286 -5.16 -45.50 15.41
CA LYS C 286 -5.45 -46.31 16.58
C LYS C 286 -6.14 -45.41 17.60
N TYR C 287 -6.95 -46.03 18.48
CA TYR C 287 -7.69 -45.27 19.48
C TYR C 287 -7.43 -45.79 20.88
N GLU C 288 -6.68 -46.88 21.02
CA GLU C 288 -6.12 -47.22 22.31
C GLU C 288 -5.31 -46.02 22.80
N LYS C 289 -5.54 -45.58 24.04
CA LYS C 289 -4.84 -44.44 24.60
C LYS C 289 -3.34 -44.76 24.72
N CYS C 290 -2.50 -43.86 24.17
CA CYS C 290 -1.05 -43.94 24.32
C CYS C 290 -0.71 -43.68 25.79
N SER C 291 0.34 -44.36 26.25
CA SER C 291 0.85 -44.26 27.61
C SER C 291 1.32 -42.84 27.94
N CYS C 292 1.54 -42.01 26.89
CA CYS C 292 1.85 -40.61 27.10
C CYS C 292 0.71 -39.93 27.87
N GLY C 293 -0.52 -40.43 27.73
CA GLY C 293 -1.65 -39.89 28.47
C GLY C 293 -2.43 -38.85 27.65
N ASN C 294 -1.81 -38.36 26.57
CA ASN C 294 -2.46 -37.45 25.66
C ASN C 294 -3.69 -38.15 25.04
N ASP C 295 -4.83 -37.46 25.03
CA ASP C 295 -6.13 -38.05 24.75
C ASP C 295 -6.39 -38.13 23.25
N ARG C 296 -5.71 -37.26 22.48
CA ARG C 296 -5.85 -37.22 21.04
C ARG C 296 -5.39 -38.55 20.43
N PRO C 297 -5.97 -38.99 19.30
CA PRO C 297 -5.68 -40.31 18.73
C PRO C 297 -4.37 -40.43 17.96
N VAL C 298 -3.69 -41.57 18.17
CA VAL C 298 -2.43 -41.92 17.54
C VAL C 298 -2.62 -42.22 16.05
N LEU C 299 -1.61 -41.88 15.24
CA LEU C 299 -1.59 -42.19 13.82
C LEU C 299 -0.38 -43.05 13.50
N ILE C 300 -0.56 -44.07 12.66
CA ILE C 300 0.56 -44.85 12.16
C ILE C 300 0.72 -44.50 10.69
N HIS C 301 1.84 -43.85 10.33
CA HIS C 301 2.08 -43.40 8.97
C HIS C 301 2.89 -44.48 8.25
N HIS C 302 2.36 -44.98 7.12
CA HIS C 302 2.93 -46.11 6.39
C HIS C 302 3.65 -45.60 5.14
N GLY C 303 3.53 -44.30 4.84
CA GLY C 303 4.25 -43.70 3.74
C GLY C 303 3.33 -43.47 2.56
N ARG C 304 3.90 -43.09 1.42
CA ARG C 304 3.10 -42.66 0.29
C ARG C 304 2.53 -43.92 -0.38
N GLU C 305 1.51 -43.69 -1.22
CA GLU C 305 0.83 -44.76 -1.94
C GLU C 305 1.77 -45.34 -2.99
N ILE C 306 2.43 -44.47 -3.76
CA ILE C 306 3.39 -44.88 -4.77
C ILE C 306 4.57 -45.63 -4.13
N ASP C 307 4.77 -45.52 -2.82
CA ASP C 307 5.87 -46.20 -2.17
C ASP C 307 5.40 -47.54 -1.58
N LEU C 308 4.29 -48.07 -2.10
CA LEU C 308 3.86 -49.41 -1.72
C LEU C 308 4.72 -50.41 -2.49
N ILE C 309 4.98 -51.57 -1.87
CA ILE C 309 5.79 -52.61 -2.48
C ILE C 309 4.87 -53.69 -3.01
N LYS C 310 4.67 -53.74 -4.34
CA LYS C 310 3.70 -54.65 -4.94
C LYS C 310 4.39 -55.65 -5.87
N THR C 311 4.55 -56.90 -5.39
CA THR C 311 4.87 -58.02 -6.26
C THR C 311 3.54 -58.70 -6.63
N SER C 312 3.64 -59.78 -7.40
CA SER C 312 2.50 -60.62 -7.70
C SER C 312 2.05 -61.38 -6.45
N LYS C 313 3.01 -61.75 -5.60
CA LYS C 313 2.74 -62.64 -4.49
C LYS C 313 2.20 -61.87 -3.27
N GLY C 314 2.09 -60.53 -3.36
CA GLY C 314 1.61 -59.72 -2.24
C GLY C 314 1.88 -58.21 -2.38
N THR C 315 1.73 -57.48 -1.27
CA THR C 315 1.88 -56.02 -1.20
C THR C 315 2.26 -55.62 0.24
N ILE C 316 3.20 -54.67 0.40
CA ILE C 316 3.52 -54.13 1.70
C ILE C 316 3.74 -52.62 1.61
N THR C 317 3.65 -51.97 2.79
CA THR C 317 3.89 -50.55 2.91
C THR C 317 5.38 -50.31 3.09
N PHE C 318 5.85 -49.16 2.58
CA PHE C 318 7.25 -48.81 2.67
C PHE C 318 7.70 -48.90 4.13
N LYS C 319 6.82 -48.53 5.07
CA LYS C 319 7.10 -48.64 6.48
C LYS C 319 7.35 -50.10 6.88
N GLU C 320 6.42 -50.98 6.52
CA GLU C 320 6.51 -52.40 6.88
C GLU C 320 7.85 -52.97 6.41
N LEU C 321 8.23 -52.60 5.18
CA LEU C 321 9.50 -53.00 4.60
C LEU C 321 10.62 -52.50 5.48
N GLN C 322 10.64 -51.18 5.70
CA GLN C 322 11.65 -50.52 6.50
C GLN C 322 11.71 -51.14 7.90
N GLU C 323 10.56 -51.47 8.48
CA GLU C 323 10.56 -51.90 9.87
C GLU C 323 11.41 -53.14 10.05
N GLU C 324 11.48 -53.94 8.97
CA GLU C 324 12.12 -55.25 8.97
C GLU C 324 13.57 -55.15 8.52
N ILE C 325 13.82 -54.40 7.44
CA ILE C 325 15.16 -53.97 7.06
C ILE C 325 15.97 -53.67 8.32
N PHE C 326 15.48 -52.74 9.14
CA PHE C 326 16.29 -52.12 10.18
C PHE C 326 16.28 -52.91 11.49
N LYS C 327 15.82 -54.18 11.45
CA LYS C 327 16.07 -55.08 12.57
C LYS C 327 17.39 -55.83 12.32
N LEU C 328 17.83 -55.82 11.06
CA LEU C 328 19.09 -56.44 10.67
C LEU C 328 20.24 -55.57 11.19
N PRO C 329 21.42 -56.15 11.54
CA PRO C 329 22.58 -55.37 11.97
C PRO C 329 22.96 -54.19 11.06
N ASN C 330 23.64 -53.21 11.67
CA ASN C 330 24.11 -52.03 10.97
C ASN C 330 25.13 -52.44 9.91
N SER C 331 25.79 -53.58 10.17
CA SER C 331 26.85 -54.10 9.31
C SER C 331 26.31 -54.44 7.93
N VAL C 332 25.02 -54.82 7.86
CA VAL C 332 24.42 -55.34 6.64
C VAL C 332 23.43 -54.33 6.04
N VAL C 333 22.98 -53.37 6.84
CA VAL C 333 21.94 -52.45 6.37
C VAL C 333 22.40 -50.99 6.30
N GLY C 334 22.81 -50.40 7.44
CA GLY C 334 23.32 -49.03 7.46
C GLY C 334 22.21 -47.98 7.46
N ASP C 335 22.53 -46.80 6.91
CA ASP C 335 21.61 -45.67 6.90
C ASP C 335 21.38 -45.18 5.48
N VAL C 336 22.05 -45.80 4.49
CA VAL C 336 21.88 -45.41 3.09
C VAL C 336 21.34 -46.61 2.29
N PHE C 337 20.10 -46.47 1.77
CA PHE C 337 19.43 -47.56 1.09
C PHE C 337 18.46 -47.02 0.04
N ARG C 338 18.18 -47.83 -0.98
CA ARG C 338 17.11 -47.60 -1.92
C ARG C 338 16.46 -48.95 -2.27
N VAL C 339 15.30 -48.90 -2.97
CA VAL C 339 14.47 -50.07 -3.17
C VAL C 339 14.13 -50.23 -4.64
N LYS C 340 14.62 -51.34 -5.23
CA LYS C 340 14.29 -51.70 -6.60
C LYS C 340 13.35 -52.90 -6.61
N ILE C 341 12.20 -52.74 -7.27
CA ILE C 341 11.28 -53.82 -7.56
C ILE C 341 11.30 -54.06 -9.07
N GLN C 342 11.73 -55.28 -9.45
CA GLN C 342 11.80 -55.67 -10.85
C GLN C 342 11.58 -57.17 -11.00
N ASN C 343 10.90 -57.56 -12.08
CA ASN C 343 10.57 -58.95 -12.37
C ASN C 343 10.04 -59.63 -11.10
N ASP C 344 9.20 -58.90 -10.35
CA ASP C 344 8.39 -59.45 -9.25
C ASP C 344 9.27 -59.87 -8.07
N GLU C 345 10.46 -59.28 -7.94
CA GLU C 345 11.30 -59.44 -6.76
C GLU C 345 11.53 -58.08 -6.12
N VAL C 346 11.81 -58.07 -4.80
CA VAL C 346 12.14 -56.85 -4.08
C VAL C 346 13.61 -56.87 -3.69
N ILE C 347 14.39 -55.93 -4.24
CA ILE C 347 15.79 -55.76 -3.87
C ILE C 347 15.96 -54.45 -3.09
N VAL C 348 16.51 -54.56 -1.87
CA VAL C 348 16.94 -53.41 -1.10
C VAL C 348 18.45 -53.28 -1.22
N GLU C 349 18.90 -52.15 -1.83
CA GLU C 349 20.31 -51.86 -2.05
C GLU C 349 20.83 -51.01 -0.88
N CYS C 350 21.85 -51.52 -0.17
CA CYS C 350 22.31 -50.93 1.06
C CYS C 350 23.82 -50.78 1.06
N GLU C 351 24.30 -49.57 1.43
CA GLU C 351 25.70 -49.37 1.74
C GLU C 351 26.01 -50.05 3.06
N ALA C 352 26.90 -51.04 3.03
CA ALA C 352 27.17 -51.84 4.21
C ALA C 352 28.47 -52.60 4.03
N ASP C 353 29.01 -53.09 5.16
CA ASP C 353 30.29 -53.80 5.16
C ASP C 353 30.05 -55.25 4.76
N GLU C 354 29.10 -55.92 5.44
CA GLU C 354 28.86 -57.34 5.25
C GLU C 354 27.79 -57.54 4.17
N GLU C 355 27.95 -58.61 3.37
CA GLU C 355 26.91 -59.16 2.54
C GLU C 355 26.02 -60.04 3.42
N LEU C 356 24.71 -60.06 3.15
CA LEU C 356 23.80 -60.91 3.91
C LEU C 356 23.59 -62.23 3.17
N ASP C 357 23.44 -63.31 3.95
CA ASP C 357 23.28 -64.66 3.43
C ASP C 357 22.14 -64.70 2.42
N ASN C 358 21.05 -63.96 2.71
CA ASN C 358 19.78 -63.97 1.99
C ASN C 358 19.16 -65.36 2.07
N SER C 359 19.95 -66.42 1.85
CA SER C 359 19.54 -67.80 2.09
C SER C 359 19.26 -68.02 3.58
N ASN C 360 19.85 -67.21 4.47
CA ASN C 360 19.60 -67.28 5.90
C ASN C 360 19.20 -65.89 6.43
N SER C 361 18.45 -65.11 5.64
CA SER C 361 18.14 -63.72 5.97
C SER C 361 17.16 -63.63 7.13
N ASN C 362 16.07 -64.41 7.06
CA ASN C 362 15.06 -64.50 8.10
C ASN C 362 14.30 -63.17 8.26
N LEU C 363 13.99 -62.50 7.14
CA LEU C 363 12.99 -61.43 7.15
C LEU C 363 11.62 -62.07 7.39
N ASN C 364 10.76 -61.40 8.19
CA ASN C 364 9.49 -61.99 8.61
C ASN C 364 8.33 -61.40 7.81
N LEU C 365 8.49 -61.34 6.48
CA LEU C 365 7.57 -60.59 5.63
C LEU C 365 6.72 -61.51 4.74
N PRO C 366 5.53 -61.05 4.31
CA PRO C 366 4.70 -61.85 3.40
C PRO C 366 5.16 -61.88 1.95
N ILE C 367 6.27 -61.19 1.60
CA ILE C 367 6.86 -61.32 0.27
C ILE C 367 8.38 -61.47 0.39
N GLU C 368 9.02 -61.80 -0.74
CA GLU C 368 10.46 -62.10 -0.76
C GLU C 368 11.25 -60.82 -1.05
N VAL C 369 12.22 -60.55 -0.18
CA VAL C 369 12.98 -59.32 -0.18
C VAL C 369 14.46 -59.66 -0.01
N LYS C 370 15.31 -59.23 -0.95
CA LYS C 370 16.74 -59.45 -0.85
C LYS C 370 17.45 -58.14 -0.53
N ILE C 371 18.52 -58.22 0.27
CA ILE C 371 19.41 -57.12 0.60
C ILE C 371 20.65 -57.19 -0.29
N LYS C 372 20.76 -56.33 -1.31
CA LYS C 372 21.94 -56.31 -2.18
C LYS C 372 22.99 -55.34 -1.61
N ARG C 373 24.21 -55.86 -1.34
CA ARG C 373 25.24 -55.07 -0.68
C ARG C 373 25.92 -54.13 -1.67
N PHE C 374 26.28 -52.94 -1.17
CA PHE C 374 27.03 -51.93 -1.90
C PHE C 374 28.14 -51.40 -1.02
N ASN C 375 29.08 -50.68 -1.65
CA ASN C 375 30.14 -50.01 -0.94
C ASN C 375 29.71 -48.61 -0.58
N HIS C 376 29.97 -48.23 0.68
CA HIS C 376 29.79 -46.85 1.12
C HIS C 376 30.22 -45.93 -0.02
N GLY C 377 29.44 -44.88 -0.28
CA GLY C 377 29.85 -43.86 -1.22
C GLY C 377 29.44 -44.17 -2.65
N GLU C 378 28.93 -45.38 -2.90
CA GLU C 378 28.55 -45.78 -4.25
C GLU C 378 27.11 -45.36 -4.56
N ILE C 379 26.22 -45.48 -3.57
CA ILE C 379 24.84 -45.03 -3.76
C ILE C 379 24.77 -43.54 -3.48
N LEU C 380 25.43 -43.12 -2.38
CA LEU C 380 25.48 -41.72 -1.96
C LEU C 380 26.93 -41.22 -2.05
N ASN C 381 27.20 -40.39 -3.07
CA ASN C 381 28.51 -39.84 -3.32
C ASN C 381 28.74 -38.64 -2.40
N ILE C 382 29.63 -38.83 -1.40
CA ILE C 382 29.84 -37.83 -0.37
C ILE C 382 30.60 -36.63 -0.93
N ASP C 383 31.38 -36.84 -1.98
CA ASP C 383 32.20 -35.79 -2.60
C ASP C 383 31.30 -34.73 -3.26
N ASN C 384 30.07 -35.12 -3.63
CA ASN C 384 29.08 -34.19 -4.16
C ASN C 384 28.61 -33.21 -3.08
N LEU C 385 28.63 -33.63 -1.79
CA LEU C 385 28.04 -32.90 -0.67
C LEU C 385 29.04 -31.98 0.03
N ILE C 386 30.35 -32.22 -0.16
CA ILE C 386 31.39 -31.53 0.60
C ILE C 386 31.80 -30.24 -0.10
N GLU C 387 31.43 -30.08 -1.39
CA GLU C 387 31.77 -28.87 -2.14
C GLU C 387 31.11 -27.66 -1.49
N ILE C 388 31.85 -26.54 -1.44
CA ILE C 388 31.31 -25.23 -1.09
C ILE C 388 31.58 -24.29 -2.28
N LYS C 389 30.51 -23.80 -2.91
CA LYS C 389 30.59 -22.73 -3.91
C LYS C 389 30.92 -21.41 -3.19
N PRO C 390 31.98 -20.68 -3.59
CA PRO C 390 32.27 -19.38 -3.01
C PRO C 390 31.24 -18.38 -3.54
N ILE C 391 30.65 -17.61 -2.62
CA ILE C 391 29.69 -16.57 -2.99
C ILE C 391 30.04 -15.28 -2.24
N ALA C 392 29.66 -14.15 -2.86
CA ALA C 392 29.69 -12.84 -2.22
C ALA C 392 28.77 -11.91 -3.00
N LYS C 393 28.70 -10.63 -2.61
CA LYS C 393 27.95 -9.63 -3.36
C LYS C 393 28.56 -9.51 -4.76
N PRO C 394 27.95 -8.74 -5.69
CA PRO C 394 28.49 -8.63 -7.06
C PRO C 394 29.86 -7.93 -7.09
N LYS C 395 30.74 -8.36 -8.01
CA LYS C 395 32.12 -7.89 -8.09
C LYS C 395 32.36 -7.06 -9.36
N TYR C 396 32.07 -5.75 -9.29
CA TYR C 396 31.90 -4.92 -10.48
C TYR C 396 33.18 -4.18 -10.89
N VAL C 397 34.09 -3.94 -9.94
CA VAL C 397 35.16 -2.95 -10.11
C VAL C 397 36.51 -3.62 -9.97
N GLU C 398 37.25 -3.76 -11.09
CA GLU C 398 38.49 -4.53 -11.12
C GLU C 398 39.66 -3.63 -11.48
N TYR C 399 40.68 -3.62 -10.61
CA TYR C 399 41.99 -3.10 -10.97
C TYR C 399 42.84 -4.26 -11.50
N VAL C 400 43.28 -4.16 -12.76
CA VAL C 400 44.22 -5.11 -13.33
C VAL C 400 45.57 -4.39 -13.34
N ASP C 401 46.42 -4.70 -12.36
CA ASP C 401 47.73 -4.07 -12.27
C ASP C 401 47.97 -3.16 -13.50
N ASN D 4 20.32 17.64 21.87
CA ASN D 4 21.46 16.68 21.94
C ASN D 4 21.44 15.89 23.25
N SER D 5 20.69 16.37 24.26
CA SER D 5 20.67 15.68 25.54
C SER D 5 20.12 14.27 25.38
N GLN D 6 19.15 14.11 24.47
CA GLN D 6 18.59 12.80 24.16
C GLN D 6 19.67 11.91 23.56
N LEU D 7 20.18 12.32 22.39
CA LEU D 7 21.19 11.62 21.62
C LEU D 7 22.38 11.21 22.49
N ILE D 8 22.80 12.11 23.39
CA ILE D 8 23.92 11.86 24.28
C ILE D 8 23.49 10.82 25.33
N THR D 9 22.25 10.91 25.82
CA THR D 9 21.75 9.93 26.77
C THR D 9 21.85 8.55 26.12
N LYS D 10 21.49 8.50 24.83
CA LYS D 10 21.38 7.26 24.09
C LYS D 10 22.78 6.68 23.84
N LEU D 11 23.68 7.51 23.30
CA LEU D 11 25.03 7.05 23.03
C LEU D 11 25.58 6.37 24.27
N ASN D 12 25.24 6.92 25.45
CA ASN D 12 25.78 6.43 26.71
C ASN D 12 25.19 5.08 27.07
N SER D 13 23.87 4.95 26.91
CA SER D 13 23.20 3.68 27.11
C SER D 13 23.89 2.58 26.29
N ALA D 14 24.10 2.89 25.00
CA ALA D 14 24.71 1.96 24.05
C ALA D 14 26.05 1.45 24.58
N LEU D 15 26.84 2.35 25.18
CA LEU D 15 28.15 2.05 25.71
C LEU D 15 28.03 1.16 26.94
N GLN D 16 27.02 1.45 27.77
CA GLN D 16 26.84 0.77 29.03
C GLN D 16 26.45 -0.68 28.78
N ILE D 17 25.67 -0.91 27.72
CA ILE D 17 25.31 -2.26 27.30
C ILE D 17 26.55 -2.93 26.69
N ALA D 18 27.11 -2.27 25.66
CA ALA D 18 28.25 -2.79 24.91
C ALA D 18 29.31 -3.39 25.83
N THR D 19 29.62 -2.64 26.89
CA THR D 19 30.71 -2.97 27.79
C THR D 19 30.32 -4.11 28.72
N LYS D 20 29.15 -4.72 28.48
CA LYS D 20 28.85 -6.00 29.09
C LYS D 20 29.79 -7.04 28.48
N ALA D 21 30.26 -6.77 27.26
CA ALA D 21 31.04 -7.73 26.49
C ALA D 21 32.53 -7.39 26.54
N ASN D 22 33.37 -8.36 26.92
CA ASN D 22 34.80 -8.15 27.04
C ASN D 22 35.38 -7.41 25.85
N PHE D 23 34.93 -7.73 24.63
CA PHE D 23 35.41 -6.99 23.45
C PHE D 23 35.33 -5.49 23.72
N TYR D 24 34.17 -5.01 24.16
CA TYR D 24 33.96 -3.58 24.31
C TYR D 24 34.51 -3.03 25.64
N LYS D 25 34.54 -3.86 26.70
CA LYS D 25 34.94 -3.41 28.02
C LYS D 25 36.45 -3.15 28.08
N ASP D 26 37.26 -4.04 27.47
CA ASP D 26 38.71 -3.91 27.54
C ASP D 26 39.22 -2.83 26.58
N ARG D 27 38.33 -1.91 26.15
CA ARG D 27 38.79 -0.75 25.39
C ARG D 27 37.82 0.44 25.50
N LEU D 28 36.91 0.40 26.50
CA LEU D 28 35.99 1.49 26.72
C LEU D 28 35.63 1.62 28.20
N GLY D 29 35.90 0.59 29.01
CA GLY D 29 35.54 0.58 30.42
C GLY D 29 34.21 1.31 30.70
N ASN D 30 34.13 2.05 31.81
CA ASN D 30 32.90 2.74 32.19
C ASN D 30 32.94 4.22 31.82
N ILE D 31 33.73 4.54 30.81
CA ILE D 31 33.90 5.91 30.37
C ILE D 31 32.54 6.44 29.90
N GLU D 32 32.10 7.55 30.51
CA GLU D 32 30.93 8.28 30.09
C GLU D 32 31.35 9.27 29.00
N ILE D 33 30.40 10.01 28.44
CA ILE D 33 30.74 11.04 27.49
C ILE D 33 29.73 12.17 27.65
N LYS D 34 30.09 13.39 27.23
CA LYS D 34 29.25 14.55 27.47
C LYS D 34 28.90 15.22 26.14
N SER D 35 29.43 14.70 25.03
CA SER D 35 29.29 15.37 23.75
C SER D 35 29.62 14.42 22.59
N LEU D 36 29.27 14.85 21.38
CA LEU D 36 29.53 14.11 20.16
C LEU D 36 31.03 14.08 19.89
N ASP D 37 31.68 15.18 20.30
CA ASP D 37 33.10 15.37 20.06
C ASP D 37 33.90 14.45 20.98
N ASP D 38 33.50 14.40 22.26
CA ASP D 38 34.05 13.43 23.18
C ASP D 38 33.76 12.00 22.72
N PHE D 39 32.60 11.79 22.06
CA PHE D 39 32.30 10.51 21.45
C PHE D 39 33.35 10.21 20.38
N SER D 40 33.57 11.18 19.47
CA SER D 40 34.44 11.01 18.30
C SER D 40 35.88 10.67 18.70
N LYS D 41 36.18 10.73 19.99
CA LYS D 41 37.49 10.38 20.51
C LYS D 41 37.61 8.87 20.70
N LEU D 42 36.48 8.16 20.68
CA LEU D 42 36.46 6.75 21.02
C LEU D 42 36.89 5.92 19.83
N PRO D 43 37.55 4.77 20.10
CA PRO D 43 38.08 3.91 19.04
C PRO D 43 36.98 3.30 18.16
N LEU D 44 37.18 3.41 16.84
CA LEU D 44 36.35 2.74 15.86
C LEU D 44 36.35 1.21 16.06
N THR D 45 35.26 0.58 15.59
CA THR D 45 35.10 -0.86 15.56
C THR D 45 35.06 -1.27 14.08
N THR D 46 35.99 -2.17 13.70
CA THR D 46 36.23 -2.54 12.31
C THR D 46 35.58 -3.89 12.04
N LYS D 47 35.33 -4.16 10.75
CA LYS D 47 34.90 -5.48 10.31
C LYS D 47 35.91 -6.52 10.82
N GLU D 48 37.22 -6.22 10.70
CA GLU D 48 38.26 -7.20 10.97
C GLU D 48 38.38 -7.45 12.48
N ASP D 49 37.87 -6.51 13.27
CA ASP D 49 37.81 -6.65 14.71
C ASP D 49 36.82 -7.74 15.11
N LEU D 50 35.60 -7.66 14.54
CA LEU D 50 34.48 -8.51 14.94
C LEU D 50 34.72 -9.96 14.52
N ARG D 51 35.30 -10.13 13.32
CA ARG D 51 35.74 -11.43 12.80
C ARG D 51 36.51 -12.23 13.84
N LYS D 52 37.35 -11.59 14.65
CA LYS D 52 38.18 -12.32 15.59
C LYS D 52 37.38 -12.79 16.80
N LEU D 53 36.05 -12.56 16.78
CA LEU D 53 35.19 -12.83 17.93
C LEU D 53 34.46 -14.17 17.75
N LYS D 54 34.60 -15.05 18.75
CA LYS D 54 33.70 -16.18 18.92
C LYS D 54 32.27 -15.64 19.06
N PRO D 55 31.22 -16.44 18.73
CA PRO D 55 29.85 -15.94 18.81
C PRO D 55 29.39 -15.64 20.23
N MET D 56 30.03 -16.28 21.21
CA MET D 56 29.71 -16.02 22.61
C MET D 56 30.40 -14.73 23.10
N GLU D 57 31.44 -14.28 22.38
CA GLU D 57 32.14 -13.03 22.70
C GLU D 57 31.44 -11.84 22.06
N ALA D 58 30.37 -12.08 21.28
CA ALA D 58 29.72 -11.02 20.54
C ALA D 58 28.28 -10.89 21.04
N LEU D 59 28.17 -10.74 22.36
CA LEU D 59 26.93 -11.03 23.07
C LEU D 59 26.88 -10.27 24.41
N THR D 60 25.77 -9.55 24.61
CA THR D 60 25.55 -8.74 25.80
C THR D 60 24.30 -9.18 26.56
N VAL D 61 23.69 -10.30 26.17
CA VAL D 61 22.42 -10.76 26.74
C VAL D 61 22.55 -12.22 27.10
N ASP D 62 21.56 -12.74 27.83
CA ASP D 62 21.53 -14.15 28.22
C ASP D 62 21.02 -15.02 27.08
N ILE D 63 21.36 -16.32 27.13
CA ILE D 63 20.96 -17.26 26.09
C ILE D 63 19.45 -17.10 25.84
N GLU D 64 18.67 -17.04 26.93
CA GLU D 64 17.23 -16.87 26.87
C GLU D 64 16.83 -15.88 25.78
N ASP D 65 17.31 -14.64 25.90
CA ASP D 65 16.75 -13.51 25.16
C ASP D 65 17.08 -13.62 23.67
N LEU D 66 18.01 -14.53 23.34
CA LEU D 66 18.35 -14.83 21.96
C LEU D 66 17.10 -15.35 21.22
N PHE D 67 16.99 -14.93 19.95
CA PHE D 67 15.80 -15.11 19.14
C PHE D 67 16.13 -15.51 17.71
N GLN D 68 16.99 -14.72 17.07
CA GLN D 68 17.49 -15.07 15.74
C GLN D 68 19.02 -15.16 15.78
N TYR D 69 19.61 -15.55 14.65
CA TYR D 69 21.05 -15.53 14.47
C TYR D 69 21.33 -15.18 13.01
N HIS D 70 22.48 -14.56 12.73
CA HIS D 70 22.79 -14.21 11.36
C HIS D 70 24.29 -14.12 11.15
N GLU D 71 24.72 -13.95 9.89
CA GLU D 71 26.12 -13.85 9.51
C GLU D 71 26.30 -13.15 8.15
N SER D 72 27.58 -12.85 7.86
CA SER D 72 28.09 -12.73 6.51
C SER D 72 27.57 -13.93 5.72
N PHE D 73 26.91 -13.66 4.58
CA PHE D 73 26.33 -14.71 3.76
C PHE D 73 27.45 -15.40 3.00
N GLY D 74 28.45 -14.63 2.55
CA GLY D 74 29.57 -15.15 1.78
C GLY D 74 30.35 -16.21 2.54
N THR D 75 30.68 -17.31 1.83
CA THR D 75 31.42 -18.44 2.40
C THR D 75 32.92 -18.19 2.30
N THR D 76 33.32 -17.12 1.58
CA THR D 76 34.72 -16.72 1.41
C THR D 76 35.04 -15.59 2.39
N GLY D 77 35.71 -15.94 3.49
CA GLY D 77 36.24 -14.96 4.44
C GLY D 77 35.52 -15.05 5.77
N GLU D 78 36.29 -15.07 6.87
CA GLU D 78 35.75 -15.37 8.19
C GLU D 78 34.51 -14.51 8.42
N PRO D 79 33.44 -15.06 9.08
CA PRO D 79 32.17 -14.34 9.20
C PRO D 79 31.88 -13.74 10.58
N VAL D 80 30.85 -12.88 10.62
CA VAL D 80 30.59 -12.06 11.79
C VAL D 80 29.28 -12.47 12.46
N SER D 81 29.36 -13.09 13.65
CA SER D 81 28.18 -13.43 14.43
C SER D 81 27.38 -12.17 14.79
N THR D 82 26.04 -12.24 14.60
CA THR D 82 25.13 -11.13 14.90
C THR D 82 23.86 -11.69 15.56
N TRP D 83 23.91 -12.00 16.86
CA TRP D 83 22.69 -12.36 17.57
C TRP D 83 21.69 -11.20 17.52
N LEU D 84 20.41 -11.52 17.71
CA LEU D 84 19.35 -10.54 17.88
C LEU D 84 18.36 -11.04 18.94
N THR D 85 17.80 -10.13 19.71
CA THR D 85 16.64 -10.44 20.52
C THR D 85 15.41 -10.06 19.71
N GLU D 86 14.24 -10.51 20.19
CA GLU D 86 12.98 -10.23 19.52
C GLU D 86 12.83 -8.73 19.26
N LYS D 87 13.10 -7.94 20.32
CA LYS D 87 13.06 -6.49 20.27
C LYS D 87 13.93 -5.99 19.13
N ASP D 88 15.16 -6.53 19.05
CA ASP D 88 16.17 -6.08 18.11
C ASP D 88 15.70 -6.38 16.69
N PHE D 89 15.31 -7.64 16.49
CA PHE D 89 14.76 -8.07 15.21
C PHE D 89 13.62 -7.12 14.84
N ASN D 90 12.71 -6.86 15.80
CA ASN D 90 11.54 -6.04 15.51
C ASN D 90 11.92 -4.61 15.20
N ALA D 91 13.02 -4.14 15.81
CA ALA D 91 13.58 -2.83 15.53
C ALA D 91 14.05 -2.74 14.08
N TYR D 92 14.88 -3.71 13.66
CA TYR D 92 15.37 -3.80 12.28
C TYR D 92 14.19 -3.58 11.33
N GLY D 93 13.13 -4.37 11.53
CA GLY D 93 11.97 -4.31 10.67
C GLY D 93 11.37 -2.91 10.63
N ASP D 94 11.14 -2.38 11.82
CA ASP D 94 10.54 -1.06 11.95
C ASP D 94 11.35 -0.03 11.14
N GLN D 95 12.69 -0.22 11.09
CA GLN D 95 13.61 0.66 10.38
C GLN D 95 13.28 0.67 8.87
N LEU D 96 12.86 -0.50 8.35
CA LEU D 96 12.48 -0.63 6.95
C LEU D 96 11.17 0.12 6.71
N ASN D 97 10.31 0.14 7.72
CA ASN D 97 9.01 0.78 7.63
C ASN D 97 9.09 2.29 7.86
N GLU D 98 10.16 2.73 8.51
CA GLU D 98 10.33 4.11 8.99
C GLU D 98 10.31 5.08 7.81
N PHE D 99 10.99 4.72 6.73
CA PHE D 99 10.81 5.39 5.45
C PHE D 99 10.41 4.30 4.45
N GLY D 100 11.04 4.32 3.27
CA GLY D 100 10.79 3.31 2.26
C GLY D 100 9.39 3.45 1.68
N VAL D 101 8.92 2.39 1.03
CA VAL D 101 7.59 2.34 0.44
C VAL D 101 6.57 2.12 1.56
N ASN D 102 5.32 2.56 1.31
CA ASN D 102 4.25 2.39 2.29
C ASN D 102 3.50 1.10 1.96
N PHE D 103 3.77 0.05 2.75
CA PHE D 103 3.16 -1.25 2.58
C PHE D 103 1.71 -1.17 3.06
N LYS D 104 0.79 -1.53 2.15
CA LYS D 104 -0.63 -1.69 2.44
C LYS D 104 -0.94 -3.18 2.64
N SER D 105 -2.08 -3.46 3.29
CA SER D 105 -2.54 -4.82 3.52
C SER D 105 -2.93 -5.50 2.21
N THR D 106 -3.34 -4.69 1.23
CA THR D 106 -3.72 -5.18 -0.10
C THR D 106 -2.49 -5.47 -0.95
N ASP D 107 -1.28 -5.46 -0.36
CA ASP D 107 -0.06 -5.69 -1.11
C ASP D 107 0.34 -7.16 -1.08
N ILE D 108 0.77 -7.64 -2.24
CA ILE D 108 1.37 -8.96 -2.38
C ILE D 108 2.80 -8.74 -2.87
N VAL D 109 3.75 -9.26 -2.08
CA VAL D 109 5.14 -8.85 -2.21
C VAL D 109 5.98 -10.10 -2.48
N LEU D 110 6.62 -10.10 -3.65
CA LEU D 110 7.62 -11.09 -3.99
C LEU D 110 8.96 -10.71 -3.35
N ASN D 111 9.38 -11.56 -2.42
CA ASN D 111 10.54 -11.31 -1.58
C ASN D 111 11.73 -12.11 -2.11
N ARG D 112 12.56 -11.47 -2.93
CA ARG D 112 13.67 -12.13 -3.63
C ARG D 112 14.99 -11.87 -2.87
N PHE D 113 14.96 -11.86 -1.54
CA PHE D 113 16.18 -11.79 -0.76
C PHE D 113 16.41 -13.16 -0.14
N PRO D 114 17.68 -13.61 0.04
CA PRO D 114 17.95 -14.93 0.63
C PRO D 114 17.61 -15.05 2.11
N TYR D 115 16.70 -15.96 2.42
CA TYR D 115 16.39 -16.31 3.79
C TYR D 115 17.51 -17.18 4.38
N ALA D 116 18.49 -17.57 3.56
CA ALA D 116 19.58 -18.36 4.11
C ALA D 116 20.60 -17.42 4.75
N ILE D 117 20.59 -17.39 6.09
CA ILE D 117 21.59 -16.77 6.95
C ILE D 117 21.62 -15.23 6.90
N SER D 118 21.49 -14.61 5.72
CA SER D 118 21.35 -13.16 5.62
C SER D 118 20.16 -12.66 6.44
N VAL D 119 20.02 -11.35 6.64
CA VAL D 119 18.89 -10.84 7.38
C VAL D 119 17.88 -10.13 6.49
N PRO D 120 18.24 -9.36 5.44
CA PRO D 120 17.25 -8.55 4.73
C PRO D 120 15.94 -9.27 4.39
N ALA D 121 16.03 -10.57 4.06
CA ALA D 121 14.84 -11.36 3.75
C ALA D 121 13.91 -11.38 4.95
N HIS D 122 14.46 -11.73 6.12
CA HIS D 122 13.67 -11.90 7.33
C HIS D 122 13.05 -10.59 7.85
N ILE D 123 13.79 -9.49 7.82
CA ILE D 123 13.27 -8.27 8.44
C ILE D 123 12.29 -7.57 7.50
N PHE D 124 12.45 -7.74 6.19
CA PHE D 124 11.45 -7.27 5.24
C PHE D 124 10.12 -7.99 5.47
N THR D 125 10.20 -9.31 5.73
CA THR D 125 9.01 -10.09 6.04
C THR D 125 8.36 -9.45 7.25
N ASN D 126 9.16 -9.27 8.30
CA ASN D 126 8.70 -8.67 9.54
C ASN D 126 7.94 -7.39 9.24
N ALA D 127 8.55 -6.53 8.44
CA ALA D 127 7.99 -5.23 8.13
C ALA D 127 6.65 -5.36 7.41
N ILE D 128 6.63 -6.27 6.42
CA ILE D 128 5.51 -6.42 5.50
C ILE D 128 4.31 -6.96 6.27
N HIS D 129 4.52 -8.05 7.04
CA HIS D 129 3.49 -8.59 7.91
C HIS D 129 2.91 -7.47 8.76
N LYS D 130 3.78 -6.62 9.31
CA LYS D 130 3.36 -5.53 10.19
C LYS D 130 2.27 -4.69 9.52
N LYS D 131 2.34 -4.46 8.22
CA LYS D 131 1.36 -3.62 7.56
C LYS D 131 0.20 -4.46 6.99
N GLY D 132 0.19 -5.78 7.27
CA GLY D 132 -0.89 -6.66 6.85
C GLY D 132 -0.83 -7.07 5.37
N ALA D 133 0.35 -6.94 4.76
CA ALA D 133 0.54 -7.33 3.37
C ALA D 133 1.06 -8.76 3.32
N CYS D 134 1.02 -9.35 2.11
CA CYS D 134 1.37 -10.76 1.95
C CYS D 134 2.79 -10.92 1.40
N VAL D 135 3.51 -11.88 2.00
CA VAL D 135 4.85 -12.24 1.55
C VAL D 135 4.81 -13.50 0.67
N ILE D 136 5.41 -13.41 -0.52
CA ILE D 136 5.73 -14.59 -1.30
C ILE D 136 7.20 -14.97 -1.05
N PRO D 137 7.50 -15.91 -0.15
CA PRO D 137 8.88 -16.19 0.24
C PRO D 137 9.69 -16.98 -0.77
N VAL D 138 10.02 -16.31 -1.90
CA VAL D 138 10.73 -16.93 -2.99
C VAL D 138 12.19 -17.19 -2.61
N SER D 139 12.80 -16.29 -1.82
CA SER D 139 14.19 -16.42 -1.39
C SER D 139 15.12 -16.17 -2.57
N LYS D 140 16.38 -16.58 -2.41
CA LYS D 140 17.41 -16.41 -3.44
C LYS D 140 18.59 -17.33 -3.15
N ALA D 141 19.22 -17.77 -4.26
CA ALA D 141 20.29 -18.75 -4.25
C ALA D 141 19.80 -20.10 -3.73
N SER D 142 18.53 -20.42 -4.04
CA SER D 142 17.95 -21.72 -3.73
C SER D 142 17.62 -22.46 -5.03
N ALA D 143 18.04 -23.73 -5.11
CA ALA D 143 17.66 -24.58 -6.22
C ALA D 143 16.17 -24.38 -6.51
N ILE D 144 15.37 -24.32 -5.44
CA ILE D 144 13.92 -24.24 -5.46
C ILE D 144 13.40 -23.08 -6.32
N SER D 145 14.08 -21.93 -6.39
CA SER D 145 13.45 -20.74 -6.96
C SER D 145 14.36 -20.03 -7.96
N PRO D 146 14.75 -20.71 -9.07
CA PRO D 146 15.48 -20.04 -10.14
C PRO D 146 14.61 -18.98 -10.81
N LEU D 147 15.22 -18.20 -11.68
CA LEU D 147 14.62 -16.97 -12.16
C LEU D 147 13.44 -17.30 -13.05
N LYS D 148 13.50 -18.43 -13.79
CA LYS D 148 12.41 -18.83 -14.68
C LYS D 148 11.12 -18.98 -13.87
N ARG D 149 11.22 -19.71 -12.75
CA ARG D 149 10.10 -19.89 -11.82
C ARG D 149 9.60 -18.54 -11.29
N VAL D 150 10.54 -17.66 -10.92
CA VAL D 150 10.20 -16.38 -10.34
C VAL D 150 9.43 -15.57 -11.38
N ALA D 151 9.89 -15.65 -12.64
CA ALA D 151 9.20 -14.99 -13.74
C ALA D 151 7.78 -15.54 -13.88
N ASN D 152 7.61 -16.87 -13.77
CA ASN D 152 6.29 -17.45 -13.92
C ASN D 152 5.44 -17.07 -12.71
N LEU D 153 6.08 -17.08 -11.52
CA LEU D 153 5.40 -16.71 -10.28
C LEU D 153 4.82 -15.30 -10.36
N ILE D 154 5.57 -14.36 -10.93
CA ILE D 154 5.08 -13.01 -11.07
C ILE D 154 3.93 -12.99 -12.09
N TYR D 155 4.06 -13.75 -13.18
CA TYR D 155 3.05 -13.75 -14.23
C TYR D 155 1.74 -14.30 -13.66
N LYS D 156 1.87 -15.37 -12.89
CA LYS D 156 0.75 -16.03 -12.25
C LYS D 156 0.13 -15.21 -11.11
N LEU D 157 0.96 -14.79 -10.12
CA LEU D 157 0.45 -14.22 -8.87
C LEU D 157 0.25 -12.71 -8.97
N ARG D 158 0.76 -12.09 -10.05
CA ARG D 158 0.70 -10.65 -10.29
C ARG D 158 1.04 -9.79 -9.06
N PRO D 159 2.16 -10.01 -8.34
CA PRO D 159 2.40 -9.30 -7.09
C PRO D 159 2.58 -7.81 -7.35
N SER D 160 2.42 -7.01 -6.29
CA SER D 160 2.37 -5.56 -6.37
C SER D 160 3.72 -4.94 -6.06
N ILE D 161 4.63 -5.74 -5.46
CA ILE D 161 5.94 -5.27 -5.06
C ILE D 161 6.97 -6.39 -5.21
N LEU D 162 8.09 -6.08 -5.91
CA LEU D 162 9.28 -6.93 -5.95
C LEU D 162 10.32 -6.37 -4.99
N THR D 163 11.07 -7.28 -4.37
CA THR D 163 12.20 -6.90 -3.53
C THR D 163 13.35 -7.82 -3.90
N GLY D 164 14.52 -7.22 -4.13
CA GLY D 164 15.72 -7.97 -4.49
C GLY D 164 16.89 -7.02 -4.75
N ILE D 165 18.10 -7.50 -4.50
CA ILE D 165 19.30 -6.75 -4.82
C ILE D 165 19.26 -6.35 -6.30
N PRO D 166 19.52 -5.07 -6.66
CA PRO D 166 19.28 -4.57 -8.03
C PRO D 166 19.92 -5.38 -9.15
N ASP D 167 20.99 -6.12 -8.82
CA ASP D 167 21.69 -7.00 -9.74
C ASP D 167 20.75 -8.09 -10.24
N GLU D 168 20.21 -8.86 -9.28
CA GLU D 168 19.26 -9.93 -9.54
C GLU D 168 18.04 -9.39 -10.28
N LEU D 169 17.54 -8.21 -9.88
CA LEU D 169 16.33 -7.68 -10.48
C LEU D 169 16.58 -7.35 -11.94
N ILE D 170 17.81 -6.99 -12.29
CA ILE D 170 18.12 -6.70 -13.68
C ILE D 170 18.09 -8.00 -14.49
N LYS D 171 18.60 -9.09 -13.88
CA LYS D 171 18.61 -10.42 -14.48
C LYS D 171 17.20 -11.00 -14.62
N LEU D 172 16.40 -10.88 -13.55
CA LEU D 172 15.00 -11.29 -13.55
C LEU D 172 14.31 -10.75 -14.81
N ASN D 173 14.50 -9.46 -15.08
CA ASN D 173 13.89 -8.85 -16.24
C ASN D 173 14.45 -9.42 -17.54
N LYS D 174 15.70 -9.91 -17.52
CA LYS D 174 16.33 -10.46 -18.72
C LYS D 174 15.74 -11.84 -19.03
N VAL D 175 15.78 -12.71 -18.00
CA VAL D 175 15.22 -14.05 -18.09
C VAL D 175 13.78 -13.96 -18.58
N ALA D 176 13.00 -13.07 -17.95
CA ALA D 176 11.58 -12.96 -18.22
C ALA D 176 11.34 -12.47 -19.65
N LYS D 177 12.21 -11.57 -20.14
CA LYS D 177 12.03 -10.98 -21.46
C LYS D 177 12.31 -12.03 -22.52
N PHE D 178 13.22 -12.97 -22.17
CA PHE D 178 13.58 -14.08 -23.04
C PHE D 178 12.46 -15.13 -23.04
N MET D 179 11.62 -15.12 -21.99
CA MET D 179 10.43 -15.96 -21.89
C MET D 179 9.22 -15.23 -22.48
N ASP D 180 9.44 -14.15 -23.24
CA ASP D 180 8.36 -13.39 -23.89
C ASP D 180 7.42 -12.74 -22.86
N ILE D 181 7.96 -12.33 -21.70
CA ILE D 181 7.18 -11.72 -20.63
C ILE D 181 7.74 -10.32 -20.34
N SER D 182 6.94 -9.28 -20.58
CA SER D 182 7.27 -7.94 -20.12
C SER D 182 6.66 -7.71 -18.74
N LEU D 183 7.47 -7.86 -17.69
CA LEU D 183 7.03 -7.64 -16.32
C LEU D 183 6.40 -6.25 -16.15
N LYS D 184 6.81 -5.29 -17.00
CA LYS D 184 6.31 -3.93 -16.93
C LYS D 184 4.87 -3.85 -17.40
N ASP D 185 4.52 -4.65 -18.41
CA ASP D 185 3.22 -4.55 -19.06
C ASP D 185 2.17 -5.36 -18.32
N LEU D 186 2.59 -6.23 -17.40
CA LEU D 186 1.67 -6.87 -16.47
C LEU D 186 0.75 -5.83 -15.84
N GLY D 187 1.30 -4.66 -15.52
CA GLY D 187 0.53 -3.59 -14.90
C GLY D 187 0.19 -3.89 -13.44
N CYS D 188 1.04 -4.65 -12.74
CA CYS D 188 0.73 -5.10 -11.40
C CYS D 188 1.80 -4.67 -10.39
N ILE D 189 2.99 -4.27 -10.87
CA ILE D 189 4.10 -3.90 -10.00
C ILE D 189 4.15 -2.39 -9.87
N ARG D 190 3.91 -1.89 -8.65
CA ARG D 190 3.82 -0.45 -8.41
C ARG D 190 5.09 0.05 -7.74
N ALA D 191 5.92 -0.87 -7.23
CA ALA D 191 7.03 -0.48 -6.38
C ALA D 191 8.07 -1.59 -6.30
N ILE D 192 9.32 -1.19 -6.03
CA ILE D 192 10.46 -2.08 -5.92
C ILE D 192 11.16 -1.76 -4.59
N CYS D 193 11.85 -2.73 -4.03
CA CYS D 193 12.63 -2.51 -2.83
C CYS D 193 14.02 -3.12 -3.02
N THR D 194 14.97 -2.27 -3.42
CA THR D 194 16.37 -2.65 -3.60
C THR D 194 17.08 -2.58 -2.26
N ALA D 195 18.10 -3.43 -2.08
CA ALA D 195 18.95 -3.39 -0.90
C ALA D 195 20.16 -4.31 -1.08
N GLY D 196 21.20 -4.06 -0.28
CA GLY D 196 22.36 -4.93 -0.21
C GLY D 196 23.52 -4.47 -1.10
N GLU D 197 23.26 -3.51 -2.02
CA GLU D 197 24.30 -2.94 -2.85
C GLU D 197 23.99 -1.47 -3.14
N MET D 198 25.04 -0.68 -3.40
CA MET D 198 24.88 0.75 -3.59
C MET D 198 24.16 1.02 -4.92
N LEU D 199 23.31 2.04 -4.92
CA LEU D 199 22.44 2.36 -6.04
C LEU D 199 22.53 3.85 -6.36
N SER D 200 23.19 4.14 -7.48
CA SER D 200 23.21 5.46 -8.09
C SER D 200 21.80 5.92 -8.45
N GLU D 201 21.59 7.24 -8.56
CA GLU D 201 20.33 7.77 -9.07
C GLU D 201 20.15 7.36 -10.54
N GLY D 202 21.27 7.17 -11.24
CA GLY D 202 21.22 6.75 -12.63
C GLY D 202 20.75 5.29 -12.80
N ARG D 203 21.19 4.42 -11.89
CA ARG D 203 20.82 3.01 -11.96
C ARG D 203 19.40 2.82 -11.42
N LYS D 204 19.05 3.59 -10.38
CA LYS D 204 17.69 3.64 -9.87
C LYS D 204 16.73 4.03 -11.00
N ALA D 205 17.07 5.06 -11.78
CA ALA D 205 16.22 5.49 -12.89
C ALA D 205 16.15 4.42 -13.98
N LYS D 206 17.22 3.60 -14.08
CA LYS D 206 17.25 2.50 -15.04
C LYS D 206 16.18 1.48 -14.62
N LEU D 207 16.27 1.02 -13.34
CA LEU D 207 15.32 0.09 -12.75
C LEU D 207 13.87 0.54 -12.93
N GLU D 208 13.62 1.84 -12.75
CA GLU D 208 12.27 2.38 -12.85
C GLU D 208 11.75 2.27 -14.29
N SER D 209 12.64 2.43 -15.27
CA SER D 209 12.24 2.37 -16.67
C SER D 209 11.94 0.94 -17.08
N ILE D 210 12.66 -0.02 -16.48
CA ILE D 210 12.51 -1.44 -16.80
C ILE D 210 11.17 -1.95 -16.28
N PHE D 211 10.93 -1.74 -14.97
CA PHE D 211 9.78 -2.29 -14.28
C PHE D 211 8.56 -1.37 -14.33
N GLY D 212 8.74 -0.10 -14.74
CA GLY D 212 7.67 0.88 -14.73
C GLY D 212 7.12 1.13 -13.31
N ALA D 213 7.97 0.92 -12.30
CA ALA D 213 7.60 1.10 -10.90
C ALA D 213 8.53 2.12 -10.24
N LYS D 214 8.08 2.70 -9.11
CA LYS D 214 8.90 3.59 -8.30
C LYS D 214 9.87 2.74 -7.52
N VAL D 215 11.10 3.22 -7.33
CA VAL D 215 12.06 2.45 -6.56
C VAL D 215 12.23 3.09 -5.20
N TYR D 216 12.36 2.23 -4.19
CA TYR D 216 12.74 2.61 -2.84
C TYR D 216 13.99 1.81 -2.52
N ASN D 217 15.08 2.51 -2.15
CA ASN D 217 16.32 1.84 -1.80
C ASN D 217 16.50 1.87 -0.28
N TYR D 218 17.13 0.81 0.21
CA TYR D 218 17.29 0.57 1.63
C TYR D 218 18.76 0.28 1.87
N TYR D 219 19.38 1.06 2.78
CA TYR D 219 20.80 0.95 3.09
C TYR D 219 20.97 0.37 4.49
N GLY D 220 21.53 -0.84 4.60
CA GLY D 220 21.63 -1.52 5.88
C GLY D 220 22.79 -2.51 5.93
N CYS D 221 22.96 -3.21 7.06
CA CYS D 221 23.93 -4.28 7.16
C CYS D 221 23.61 -5.17 8.36
N THR D 222 24.10 -6.41 8.31
CA THR D 222 23.71 -7.48 9.22
C THR D 222 23.95 -7.07 10.66
N GLU D 223 25.07 -6.39 10.91
CA GLU D 223 25.52 -6.14 12.27
C GLU D 223 24.73 -4.97 12.88
N CYS D 224 24.23 -4.08 12.03
CA CYS D 224 23.57 -2.85 12.46
C CYS D 224 22.04 -2.95 12.46
N GLY D 225 21.47 -3.43 11.35
CA GLY D 225 20.07 -3.18 11.02
C GLY D 225 20.00 -2.46 9.68
N ASN D 226 19.00 -1.59 9.51
CA ASN D 226 18.85 -0.83 8.28
C ASN D 226 18.90 0.66 8.60
N MET D 227 20.07 1.24 8.29
CA MET D 227 20.44 2.58 8.72
C MET D 227 19.69 3.66 7.96
N ALA D 228 19.21 3.39 6.74
CA ALA D 228 18.58 4.44 5.95
C ALA D 228 17.73 3.89 4.80
N ALA D 229 16.78 4.70 4.31
CA ALA D 229 15.91 4.31 3.20
C ALA D 229 15.30 5.53 2.50
N SER D 230 14.83 5.31 1.28
CA SER D 230 14.41 6.37 0.37
C SER D 230 13.11 7.03 0.83
N CYS D 231 12.97 8.33 0.54
CA CYS D 231 11.72 9.03 0.67
C CYS D 231 11.01 8.99 -0.68
N ASP D 232 9.79 9.52 -0.75
CA ASP D 232 9.10 9.61 -2.02
C ASP D 232 9.89 10.48 -3.00
N GLU D 233 10.68 11.43 -2.47
CA GLU D 233 11.42 12.36 -3.31
C GLU D 233 12.63 11.66 -3.91
N GLY D 234 13.19 10.69 -3.19
CA GLY D 234 14.24 9.83 -3.74
C GLY D 234 15.48 9.75 -2.86
N HIS D 235 15.55 10.57 -1.81
CA HIS D 235 16.75 10.67 -0.98
C HIS D 235 16.63 9.70 0.18
N LEU D 236 17.73 8.99 0.49
CA LEU D 236 17.84 8.23 1.72
C LEU D 236 17.63 9.20 2.90
N HIS D 237 17.16 8.66 4.02
CA HIS D 237 17.12 9.37 5.28
C HIS D 237 17.65 8.43 6.36
N ILE D 238 18.19 9.02 7.43
CA ILE D 238 18.84 8.18 8.41
C ILE D 238 17.84 7.78 9.48
N SER D 239 17.86 6.52 9.87
CA SER D 239 16.95 6.03 10.88
C SER D 239 17.30 6.66 12.23
N LYS D 240 16.26 6.91 13.01
CA LYS D 240 16.34 7.42 14.36
C LYS D 240 17.08 6.45 15.28
N ASP D 241 17.27 5.20 14.86
CA ASP D 241 17.86 4.19 15.73
C ASP D 241 19.39 4.17 15.58
N PHE D 242 19.96 5.20 14.92
CA PHE D 242 21.39 5.22 14.64
C PHE D 242 21.97 6.64 14.72
N TYR D 243 23.23 6.72 15.17
CA TYR D 243 24.05 7.93 15.07
C TYR D 243 25.12 7.74 13.99
N VAL D 244 25.05 8.55 12.92
CA VAL D 244 25.93 8.41 11.77
C VAL D 244 26.94 9.56 11.76
N GLU D 245 28.24 9.23 11.63
CA GLU D 245 29.32 10.19 11.50
C GLU D 245 30.01 10.01 10.14
N ILE D 246 30.49 11.13 9.56
CA ILE D 246 31.32 11.11 8.38
C ILE D 246 32.75 11.51 8.74
N LEU D 247 33.70 10.55 8.65
CA LEU D 247 35.10 10.76 9.02
C LEU D 247 35.97 10.96 7.77
N ASP D 248 37.13 11.60 7.98
CA ASP D 248 38.12 11.78 6.93
C ASP D 248 38.87 10.46 6.71
N PRO D 249 39.00 9.97 5.46
CA PRO D 249 39.70 8.71 5.18
C PRO D 249 41.06 8.53 5.86
N VAL D 250 41.80 9.64 6.00
CA VAL D 250 43.18 9.61 6.50
C VAL D 250 43.21 9.97 7.98
N THR D 251 42.73 11.17 8.33
CA THR D 251 42.84 11.66 9.70
C THR D 251 42.00 10.77 10.62
N LEU D 252 40.80 10.41 10.15
CA LEU D 252 39.78 9.69 10.91
C LEU D 252 39.18 10.62 11.97
N LYS D 253 38.95 11.87 11.57
CA LYS D 253 38.33 12.84 12.47
C LYS D 253 37.07 13.34 11.76
N PRO D 254 36.01 13.72 12.51
CA PRO D 254 34.83 14.33 11.87
C PRO D 254 35.30 15.24 10.73
N VAL D 255 34.61 15.20 9.60
CA VAL D 255 34.90 16.16 8.55
C VAL D 255 34.10 17.43 8.82
N LYS D 256 34.50 18.53 8.19
CA LYS D 256 33.76 19.78 8.27
C LYS D 256 32.58 19.70 7.31
N GLU D 257 32.81 19.17 6.10
CA GLU D 257 31.75 18.82 5.15
C GLU D 257 32.28 17.85 4.09
N GLY D 258 31.37 17.38 3.23
CA GLY D 258 31.71 16.52 2.09
C GLY D 258 31.74 15.04 2.45
N LYS D 259 32.30 14.25 1.53
CA LYS D 259 32.37 12.81 1.61
C LYS D 259 33.29 12.36 2.73
N GLY D 260 33.18 11.09 3.14
CA GLY D 260 34.06 10.52 4.15
C GLY D 260 33.62 9.11 4.52
N LYS D 261 34.45 8.43 5.32
CA LYS D 261 34.13 7.13 5.86
C LYS D 261 32.86 7.22 6.68
N ILE D 262 31.98 6.21 6.55
CA ILE D 262 30.69 6.21 7.23
C ILE D 262 30.79 5.29 8.45
N ILE D 263 30.73 5.92 9.63
CA ILE D 263 30.73 5.22 10.91
C ILE D 263 29.34 5.31 11.52
N VAL D 264 28.90 4.21 12.14
CA VAL D 264 27.55 4.18 12.70
C VAL D 264 27.62 3.59 14.09
N THR D 265 26.73 4.11 14.94
CA THR D 265 26.53 3.54 16.25
C THR D 265 25.06 3.16 16.36
N THR D 266 24.81 1.96 16.92
CA THR D 266 23.48 1.46 17.17
C THR D 266 22.91 2.14 18.42
N LEU D 267 21.78 2.84 18.22
CA LEU D 267 21.03 3.38 19.34
C LEU D 267 20.10 2.32 19.93
N ASN D 268 19.74 1.29 19.16
CA ASN D 268 18.65 0.42 19.54
C ASN D 268 18.91 -1.05 19.16
N LYS D 269 20.01 -1.61 19.66
CA LYS D 269 20.33 -3.01 19.43
C LYS D 269 21.14 -3.48 20.63
N GLU D 270 20.65 -4.50 21.32
CA GLU D 270 21.08 -4.79 22.69
C GLU D 270 21.87 -6.10 22.77
N ALA D 271 21.83 -6.93 21.72
CA ALA D 271 22.50 -8.21 21.80
C ALA D 271 24.02 -7.99 21.75
N PHE D 272 24.43 -7.02 20.92
CA PHE D 272 25.83 -6.67 20.76
C PHE D 272 25.90 -5.41 19.91
N PRO D 273 25.91 -4.21 20.55
CA PRO D 273 25.74 -2.94 19.84
C PRO D 273 26.96 -2.58 18.99
N MET D 274 26.72 -1.91 17.86
CA MET D 274 27.81 -1.40 17.06
C MET D 274 28.18 0.01 17.56
N ILE D 275 29.33 0.07 18.25
CA ILE D 275 29.93 1.31 18.72
C ILE D 275 30.95 1.76 17.70
N ARG D 276 30.65 2.88 17.04
CA ARG D 276 31.52 3.43 16.02
C ARG D 276 31.98 2.31 15.10
N TYR D 277 31.09 1.87 14.21
CA TYR D 277 31.41 0.74 13.37
C TYR D 277 31.79 1.27 12.00
N ASP D 278 32.94 0.78 11.49
CA ASP D 278 33.41 1.19 10.18
C ASP D 278 32.75 0.32 9.11
N LEU D 279 31.72 0.87 8.43
CA LEU D 279 31.04 0.16 7.36
C LEU D 279 32.00 -0.09 6.20
N GLY D 280 33.00 0.76 6.03
CA GLY D 280 33.91 0.69 4.90
C GLY D 280 33.28 1.30 3.64
N ASP D 281 32.30 2.19 3.85
CA ASP D 281 31.63 2.84 2.73
C ASP D 281 32.09 4.30 2.70
N ILE D 282 31.69 5.01 1.64
CA ILE D 282 31.94 6.44 1.46
C ILE D 282 30.59 7.14 1.33
N GLY D 283 30.43 8.29 1.99
CA GLY D 283 29.23 9.08 1.85
C GLY D 283 29.27 10.38 2.67
N GLU D 284 28.13 11.09 2.66
CA GLU D 284 28.00 12.43 3.21
C GLU D 284 26.58 12.67 3.73
N ILE D 285 26.48 13.30 4.91
CA ILE D 285 25.21 13.72 5.49
C ILE D 285 24.93 15.13 5.02
N LYS D 286 23.77 15.35 4.41
CA LYS D 286 23.24 16.69 4.20
C LYS D 286 22.27 17.00 5.34
N TYR D 287 22.12 18.29 5.65
CA TYR D 287 21.19 18.72 6.68
C TYR D 287 20.21 19.74 6.16
N GLU D 288 20.34 20.18 4.90
CA GLU D 288 19.19 20.81 4.26
C GLU D 288 18.02 19.81 4.34
N LYS D 289 16.87 20.26 4.85
CA LYS D 289 15.72 19.36 4.97
C LYS D 289 15.24 19.04 3.56
N CYS D 290 15.00 17.74 3.28
CA CYS D 290 14.40 17.30 2.03
C CYS D 290 12.96 17.81 1.96
N SER D 291 12.53 18.17 0.73
CA SER D 291 11.20 18.69 0.46
C SER D 291 10.12 17.62 0.77
N CYS D 292 10.53 16.36 0.99
CA CYS D 292 9.62 15.35 1.51
C CYS D 292 9.02 15.80 2.85
N GLY D 293 9.77 16.61 3.60
CA GLY D 293 9.27 17.18 4.84
C GLY D 293 9.69 16.36 6.05
N ASN D 294 10.18 15.14 5.81
CA ASN D 294 10.76 14.33 6.86
C ASN D 294 11.97 15.07 7.43
N ASP D 295 12.04 15.14 8.77
CA ASP D 295 12.97 16.00 9.48
C ASP D 295 14.32 15.30 9.65
N ARG D 296 14.33 13.97 9.57
CA ARG D 296 15.54 13.18 9.68
C ARG D 296 16.52 13.56 8.56
N PRO D 297 17.86 13.49 8.81
CA PRO D 297 18.85 13.91 7.81
C PRO D 297 19.09 12.93 6.67
N VAL D 298 19.22 13.49 5.45
CA VAL D 298 19.49 12.77 4.22
C VAL D 298 20.93 12.24 4.24
N LEU D 299 21.12 11.08 3.60
CA LEU D 299 22.44 10.48 3.44
C LEU D 299 22.71 10.27 1.95
N ILE D 300 23.93 10.57 1.49
CA ILE D 300 24.33 10.26 0.13
C ILE D 300 25.32 9.11 0.20
N HIS D 301 24.93 7.96 -0.37
CA HIS D 301 25.75 6.76 -0.35
C HIS D 301 26.56 6.72 -1.64
N HIS D 302 27.90 6.66 -1.52
CA HIS D 302 28.83 6.71 -2.63
C HIS D 302 29.38 5.31 -2.95
N GLY D 303 29.05 4.33 -2.10
CA GLY D 303 29.46 2.96 -2.32
C GLY D 303 30.59 2.58 -1.40
N ARG D 304 31.20 1.43 -1.65
CA ARG D 304 32.26 0.94 -0.81
C ARG D 304 33.53 1.76 -1.05
N GLU D 305 34.45 1.69 -0.08
CA GLU D 305 35.76 2.31 -0.16
C GLU D 305 36.58 1.62 -1.25
N ILE D 306 36.59 0.28 -1.22
CA ILE D 306 37.29 -0.52 -2.22
C ILE D 306 36.77 -0.24 -3.63
N ASP D 307 35.57 0.32 -3.76
CA ASP D 307 35.02 0.59 -5.09
C ASP D 307 35.30 2.04 -5.49
N LEU D 308 36.32 2.66 -4.91
CA LEU D 308 36.76 3.97 -5.37
C LEU D 308 37.55 3.80 -6.66
N ILE D 309 37.48 4.79 -7.53
CA ILE D 309 38.17 4.76 -8.82
C ILE D 309 39.41 5.63 -8.72
N LYS D 310 40.60 5.00 -8.62
CA LYS D 310 41.86 5.71 -8.46
C LYS D 310 42.79 5.52 -9.66
N THR D 311 42.91 6.54 -10.52
CA THR D 311 44.06 6.65 -11.43
C THR D 311 45.12 7.52 -10.75
N SER D 312 46.23 7.77 -11.45
CA SER D 312 47.23 8.72 -11.01
C SER D 312 46.68 10.15 -11.06
N LYS D 313 45.83 10.42 -12.06
CA LYS D 313 45.41 11.79 -12.34
C LYS D 313 44.23 12.19 -11.45
N GLY D 314 43.74 11.29 -10.58
CA GLY D 314 42.69 11.62 -9.62
C GLY D 314 42.04 10.42 -8.94
N THR D 315 40.85 10.64 -8.35
CA THR D 315 40.06 9.63 -7.63
C THR D 315 38.57 10.01 -7.67
N ILE D 316 37.68 9.03 -7.85
CA ILE D 316 36.23 9.26 -7.79
C ILE D 316 35.53 8.08 -7.11
N THR D 317 34.29 8.34 -6.65
CA THR D 317 33.46 7.33 -6.00
C THR D 317 32.72 6.53 -7.06
N PHE D 318 32.46 5.25 -6.77
CA PHE D 318 31.76 4.40 -7.71
C PHE D 318 30.46 5.08 -8.13
N LYS D 319 29.80 5.77 -7.19
CA LYS D 319 28.58 6.50 -7.48
C LYS D 319 28.83 7.59 -8.53
N GLU D 320 29.85 8.43 -8.27
CA GLU D 320 30.15 9.54 -9.16
C GLU D 320 30.38 9.02 -10.57
N LEU D 321 31.10 7.88 -10.68
CA LEU D 321 31.37 7.23 -11.95
C LEU D 321 30.04 6.85 -12.59
N GLN D 322 29.24 6.08 -11.84
CA GLN D 322 27.94 5.61 -12.29
C GLN D 322 27.07 6.80 -12.70
N GLU D 323 27.11 7.90 -11.95
CA GLU D 323 26.17 8.98 -12.20
C GLU D 323 26.35 9.53 -13.61
N GLU D 324 27.59 9.42 -14.13
CA GLU D 324 28.01 10.01 -15.39
C GLU D 324 27.83 9.01 -16.53
N ILE D 325 28.25 7.75 -16.30
CA ILE D 325 27.93 6.63 -17.17
C ILE D 325 26.49 6.79 -17.66
N PHE D 326 25.54 6.85 -16.72
CA PHE D 326 24.12 6.67 -17.01
C PHE D 326 23.46 7.97 -17.46
N LYS D 327 24.24 9.00 -17.78
CA LYS D 327 23.71 10.19 -18.44
C LYS D 327 23.87 10.03 -19.95
N LEU D 328 24.64 9.02 -20.36
CA LEU D 328 24.80 8.70 -21.77
C LEU D 328 23.53 8.08 -22.31
N PRO D 329 23.22 8.19 -23.62
CA PRO D 329 22.15 7.42 -24.25
C PRO D 329 22.07 5.94 -23.89
N ASN D 330 20.85 5.37 -23.95
CA ASN D 330 20.65 3.98 -23.58
C ASN D 330 21.35 3.10 -24.62
N SER D 331 21.52 3.67 -25.82
CA SER D 331 22.13 2.96 -26.94
C SER D 331 23.57 2.59 -26.63
N VAL D 332 24.25 3.39 -25.80
CA VAL D 332 25.68 3.22 -25.55
C VAL D 332 25.95 2.72 -24.13
N VAL D 333 24.97 2.90 -23.24
CA VAL D 333 24.98 2.32 -21.91
C VAL D 333 23.59 1.75 -21.64
N GLY D 334 23.53 0.48 -21.23
CA GLY D 334 22.28 -0.18 -20.86
C GLY D 334 22.22 -0.35 -19.34
N ASP D 335 22.03 -1.59 -18.88
CA ASP D 335 21.91 -1.87 -17.45
C ASP D 335 22.95 -2.91 -17.02
N VAL D 336 23.79 -3.36 -17.96
CA VAL D 336 24.81 -4.37 -17.67
C VAL D 336 26.20 -3.79 -17.94
N PHE D 337 27.00 -3.66 -16.89
CA PHE D 337 28.30 -3.03 -16.99
C PHE D 337 29.25 -3.58 -15.93
N ARG D 338 30.56 -3.49 -16.21
CA ARG D 338 31.61 -3.68 -15.23
C ARG D 338 32.72 -2.66 -15.48
N VAL D 339 33.63 -2.53 -14.50
CA VAL D 339 34.61 -1.45 -14.51
C VAL D 339 36.03 -2.00 -14.35
N LYS D 340 36.84 -1.82 -15.40
CA LYS D 340 38.23 -2.26 -15.40
C LYS D 340 39.14 -1.03 -15.36
N ILE D 341 40.03 -1.02 -14.36
CA ILE D 341 41.04 0.03 -14.23
C ILE D 341 42.41 -0.59 -14.49
N GLN D 342 43.06 -0.15 -15.57
CA GLN D 342 44.27 -0.77 -16.08
C GLN D 342 45.09 0.26 -16.85
N ASN D 343 46.43 0.18 -16.70
CA ASN D 343 47.35 1.09 -17.37
C ASN D 343 46.86 2.54 -17.21
N ASP D 344 46.36 2.86 -16.01
CA ASP D 344 46.08 4.23 -15.59
C ASP D 344 44.91 4.84 -16.36
N GLU D 345 44.02 3.99 -16.92
CA GLU D 345 42.79 4.42 -17.54
C GLU D 345 41.63 3.75 -16.81
N VAL D 346 40.43 4.32 -16.94
CA VAL D 346 39.19 3.71 -16.48
C VAL D 346 38.38 3.27 -17.70
N ILE D 347 38.17 1.95 -17.81
CA ILE D 347 37.37 1.38 -18.90
C ILE D 347 36.08 0.81 -18.30
N VAL D 348 34.94 1.32 -18.80
CA VAL D 348 33.63 0.81 -18.43
C VAL D 348 33.13 -0.04 -19.59
N GLU D 349 32.95 -1.34 -19.33
CA GLU D 349 32.48 -2.31 -20.32
C GLU D 349 30.96 -2.46 -20.19
N CYS D 350 30.25 -2.15 -21.29
CA CYS D 350 28.81 -2.03 -21.28
C CYS D 350 28.19 -2.81 -22.43
N GLU D 351 27.18 -3.63 -22.11
CA GLU D 351 26.34 -4.21 -23.14
C GLU D 351 25.46 -3.12 -23.74
N ALA D 352 25.62 -2.87 -25.04
CA ALA D 352 24.92 -1.78 -25.69
C ALA D 352 24.97 -1.97 -27.20
N ASP D 353 24.10 -1.25 -27.92
CA ASP D 353 23.95 -1.42 -29.36
C ASP D 353 25.03 -0.61 -30.09
N GLU D 354 25.10 0.68 -29.78
CA GLU D 354 26.00 1.61 -30.47
C GLU D 354 27.33 1.68 -29.72
N GLU D 355 28.42 1.85 -30.49
CA GLU D 355 29.72 2.25 -29.97
C GLU D 355 29.72 3.76 -29.77
N LEU D 356 30.40 4.24 -28.73
CA LEU D 356 30.41 5.66 -28.39
C LEU D 356 31.64 6.32 -29.01
N ASP D 357 31.48 7.59 -29.41
CA ASP D 357 32.55 8.41 -29.96
C ASP D 357 33.48 8.93 -28.86
N ASN D 358 34.01 8.04 -28.00
CA ASN D 358 35.05 8.32 -27.00
C ASN D 358 36.05 9.39 -27.44
N SER D 359 36.31 9.47 -28.76
CA SER D 359 37.27 10.41 -29.32
C SER D 359 36.78 11.84 -29.15
N ASN D 360 35.45 12.04 -29.03
CA ASN D 360 34.87 13.34 -28.78
C ASN D 360 33.94 13.28 -27.56
N SER D 361 34.27 12.43 -26.57
CA SER D 361 33.42 12.21 -25.40
C SER D 361 33.46 13.42 -24.47
N ASN D 362 32.30 13.81 -23.93
CA ASN D 362 32.18 15.08 -23.23
C ASN D 362 31.91 14.82 -21.75
N LEU D 363 32.61 13.83 -21.17
CA LEU D 363 32.42 13.47 -19.76
C LEU D 363 32.95 14.61 -18.89
N ASN D 364 32.25 14.95 -17.79
CA ASN D 364 32.61 16.12 -17.01
C ASN D 364 33.29 15.70 -15.71
N LEU D 365 34.26 14.78 -15.84
CA LEU D 365 34.91 14.16 -14.69
C LEU D 365 36.37 14.58 -14.57
N PRO D 366 36.96 14.51 -13.35
CA PRO D 366 38.37 14.83 -13.18
C PRO D 366 39.36 13.78 -13.69
N ILE D 367 38.85 12.65 -14.23
CA ILE D 367 39.70 11.61 -14.77
C ILE D 367 39.11 11.13 -16.10
N GLU D 368 39.94 10.37 -16.84
CA GLU D 368 39.58 9.87 -18.17
C GLU D 368 38.90 8.51 -18.03
N VAL D 369 37.72 8.39 -18.65
CA VAL D 369 36.87 7.22 -18.56
C VAL D 369 36.39 6.87 -19.96
N LYS D 370 36.69 5.64 -20.43
CA LYS D 370 36.25 5.19 -21.74
C LYS D 370 35.15 4.14 -21.58
N ILE D 371 34.18 4.16 -22.50
CA ILE D 371 33.09 3.20 -22.58
C ILE D 371 33.42 2.15 -23.63
N LYS D 372 33.77 0.93 -23.23
CA LYS D 372 34.04 -0.16 -24.18
C LYS D 372 32.74 -0.90 -24.48
N ARG D 373 32.35 -0.96 -25.75
CA ARG D 373 31.08 -1.55 -26.14
C ARG D 373 31.18 -3.08 -26.20
N PHE D 374 30.10 -3.75 -25.77
CA PHE D 374 29.98 -5.20 -25.83
C PHE D 374 28.61 -5.57 -26.39
N ASN D 375 28.46 -6.86 -26.74
CA ASN D 375 27.19 -7.38 -27.21
C ASN D 375 26.39 -7.92 -26.03
N HIS D 376 25.12 -7.54 -25.99
CA HIS D 376 24.17 -8.09 -25.04
C HIS D 376 24.47 -9.58 -24.89
N GLY D 377 24.44 -10.07 -23.64
CA GLY D 377 24.54 -11.49 -23.38
C GLY D 377 25.99 -11.98 -23.31
N GLU D 378 26.97 -11.11 -23.62
CA GLU D 378 28.36 -11.53 -23.64
C GLU D 378 28.99 -11.30 -22.27
N ILE D 379 28.62 -10.22 -21.57
CA ILE D 379 29.10 -10.01 -20.20
C ILE D 379 28.24 -10.84 -19.25
N LEU D 380 26.92 -10.77 -19.46
CA LEU D 380 25.95 -11.49 -18.65
C LEU D 380 25.21 -12.53 -19.50
N ASN D 381 25.58 -13.80 -19.30
CA ASN D 381 25.11 -14.92 -20.10
C ASN D 381 23.73 -15.34 -19.60
N ILE D 382 22.70 -15.06 -20.42
CA ILE D 382 21.32 -15.29 -20.02
C ILE D 382 21.03 -16.79 -19.96
N ASP D 383 21.75 -17.58 -20.80
CA ASP D 383 21.55 -19.02 -20.89
C ASP D 383 21.92 -19.72 -19.59
N ASN D 384 22.80 -19.11 -18.79
CA ASN D 384 23.17 -19.62 -17.48
C ASN D 384 21.98 -19.53 -16.51
N LEU D 385 21.10 -18.53 -16.69
CA LEU D 385 20.04 -18.19 -15.74
C LEU D 385 18.71 -18.87 -16.05
N ILE D 386 18.54 -19.39 -17.27
CA ILE D 386 17.26 -19.90 -17.74
C ILE D 386 17.11 -21.38 -17.41
N GLU D 387 18.21 -22.04 -17.00
CA GLU D 387 18.17 -23.45 -16.64
C GLU D 387 17.21 -23.67 -15.47
N ILE D 388 16.46 -24.77 -15.53
CA ILE D 388 15.67 -25.26 -14.40
C ILE D 388 16.18 -26.65 -14.05
N LYS D 389 16.80 -26.78 -12.86
CA LYS D 389 17.11 -28.07 -12.27
C LYS D 389 15.80 -28.69 -11.77
N PRO D 390 15.42 -29.92 -12.19
CA PRO D 390 14.20 -30.54 -11.67
C PRO D 390 14.47 -30.99 -10.23
N ILE D 391 13.56 -30.62 -9.32
CA ILE D 391 13.72 -30.90 -7.90
C ILE D 391 12.40 -31.44 -7.36
N ALA D 392 12.51 -32.31 -6.36
CA ALA D 392 11.41 -33.13 -5.89
C ALA D 392 11.80 -33.75 -4.55
N LYS D 393 10.91 -34.55 -3.95
CA LYS D 393 11.25 -35.25 -2.71
C LYS D 393 12.38 -36.23 -3.03
N PRO D 394 12.96 -36.94 -2.03
CA PRO D 394 13.78 -38.11 -2.31
C PRO D 394 12.94 -39.20 -3.00
N LYS D 395 13.55 -39.94 -3.96
CA LYS D 395 12.83 -40.93 -4.76
C LYS D 395 13.35 -42.34 -4.45
N TYR D 396 12.80 -42.98 -3.40
CA TYR D 396 13.47 -44.09 -2.73
C TYR D 396 13.01 -45.46 -3.25
N VAL D 397 11.80 -45.56 -3.80
CA VAL D 397 11.22 -46.84 -4.17
C VAL D 397 10.91 -46.83 -5.66
N GLU D 398 11.66 -47.62 -6.45
CA GLU D 398 11.61 -47.55 -7.91
C GLU D 398 11.10 -48.87 -8.50
N TYR D 399 10.04 -48.78 -9.31
CA TYR D 399 9.59 -49.88 -10.14
C TYR D 399 10.32 -49.79 -11.48
N VAL D 400 10.95 -50.89 -11.86
CA VAL D 400 11.89 -50.95 -12.97
C VAL D 400 11.17 -51.31 -14.29
N ASP D 401 11.07 -50.30 -15.16
CA ASP D 401 10.49 -50.39 -16.50
C ASP D 401 8.98 -50.14 -16.50
ZN ZN E . -2.41 41.72 -21.71
ZN ZN F . -40.60 16.29 14.34
MG MG G . -19.66 32.64 10.02
MG MG H . -25.59 27.50 -17.84
ZN ZN I . 1.33 -40.41 22.60
ZN ZN J . 13.44 13.08 2.05
MG MG K . 15.89 -17.76 23.42
#